data_2DS5
# 
_entry.id   2DS5 
# 
_audit_conform.dict_name       mmcif_pdbx.dic 
_audit_conform.dict_version    5.380 
_audit_conform.dict_location   http://mmcif.pdb.org/dictionaries/ascii/mmcif_pdbx.dic 
# 
loop_
_database_2.database_id 
_database_2.database_code 
_database_2.pdbx_database_accession 
_database_2.pdbx_DOI 
PDB   2DS5         pdb_00002ds5 10.2210/pdb2ds5/pdb 
RCSB  RCSB025778   ?            ?                   
WWPDB D_1000025778 ?            ?                   
# 
loop_
_pdbx_database_related.db_name 
_pdbx_database_related.db_id 
_pdbx_database_related.details 
_pdbx_database_related.content_type 
PDB 2DS6 'ZBD in the tetragonal crystal form' unspecified 
PDB 2DS7 'ZBD in the hexagonal crystal form'  unspecified 
PDB 2DS8 'ZBD-XB complex'                     unspecified 
# 
_pdbx_database_status.status_code                     REL 
_pdbx_database_status.entry_id                        2DS5 
_pdbx_database_status.recvd_initial_deposition_date   2006-06-22 
_pdbx_database_status.deposit_site                    PDBJ 
_pdbx_database_status.process_site                    PDBJ 
_pdbx_database_status.status_code_sf                  REL 
_pdbx_database_status.status_code_mr                  ? 
_pdbx_database_status.SG_entry                        ? 
_pdbx_database_status.pdb_format_compatible           Y 
_pdbx_database_status.status_code_cs                  ? 
_pdbx_database_status.status_code_nmr_data            ? 
_pdbx_database_status.methods_development_category    ? 
# 
loop_
_audit_author.name 
_audit_author.pdbx_ordinal 
'Song, H.K.' 1 
'Park, E.Y.' 2 
'Lee, B.G.'  3 
'Hong, S.B.' 4 
# 
_citation.id                        primary 
_citation.title                     'Structural Basis of SspB-tail Recognition by the Zinc Binding Domain of ClpX.' 
_citation.journal_abbrev            J.Mol.Biol. 
_citation.journal_volume            367 
_citation.page_first                514 
_citation.page_last                 526 
_citation.year                      2007 
_citation.journal_id_ASTM           JMOBAK 
_citation.country                   UK 
_citation.journal_id_ISSN           0022-2836 
_citation.journal_id_CSD            0070 
_citation.book_publisher            ? 
_citation.pdbx_database_id_PubMed   17258768 
_citation.pdbx_database_id_DOI      10.1016/j.jmb.2007.01.003 
# 
loop_
_citation_author.citation_id 
_citation_author.name 
_citation_author.ordinal 
_citation_author.identifier_ORCID 
primary 'Park, E.Y.' 1 ? 
primary 'Lee, B.G.'  2 ? 
primary 'Hong, S.B.' 3 ? 
primary 'Kim, H.W.'  4 ? 
primary 'Jeon, H.'   5 ? 
primary 'Song, H.K.' 6 ? 
# 
_cell.entry_id           2DS5 
_cell.length_a           32.523 
_cell.length_b           43.399 
_cell.length_c           67.719 
_cell.angle_alpha        90.00 
_cell.angle_beta         90.00 
_cell.angle_gamma        90.00 
_cell.Z_PDB              8 
_cell.pdbx_unique_axis   ? 
_cell.length_a_esd       ? 
_cell.length_b_esd       ? 
_cell.length_c_esd       ? 
_cell.angle_alpha_esd    ? 
_cell.angle_beta_esd     ? 
_cell.angle_gamma_esd    ? 
# 
_symmetry.entry_id                         2DS5 
_symmetry.space_group_name_H-M             'P 21 21 21' 
_symmetry.pdbx_full_space_group_name_H-M   ? 
_symmetry.cell_setting                     ? 
_symmetry.Int_Tables_number                19 
_symmetry.space_group_name_Hall            ? 
# 
loop_
_entity.id 
_entity.type 
_entity.src_method 
_entity.pdbx_description 
_entity.formula_weight 
_entity.pdbx_number_of_molecules 
_entity.pdbx_ec 
_entity.pdbx_mutation 
_entity.pdbx_fragment 
_entity.details 
1 polymer     man 'ATP-dependent Clp protease ATP-binding subunit clpX' 5758.631 2   ? ? 'Zinc binding domain(ZBD)' ? 
2 non-polymer syn 'ZINC ION'                                            65.409   2   ? ? ?                          ? 
3 non-polymer syn 'CALCIUM ION'                                         40.078   1   ? ? ?                          ? 
4 non-polymer syn 'TETRAETHYLENE GLYCOL'                                194.226  1   ? ? ?                          ? 
5 water       nat water                                                 18.015   125 ? ? ?                          ? 
# 
_entity_name_com.entity_id   1 
_entity_name_com.name        ClpX 
# 
_entity_poly.entity_id                      1 
_entity_poly.type                           'polypeptide(L)' 
_entity_poly.nstd_linkage                   no 
_entity_poly.nstd_monomer                   no 
_entity_poly.pdbx_seq_one_letter_code       TDKRKDGSGKLLYCSFCGKSQHEVRKLIAGPSVYICDECVDLCNDIIREEI 
_entity_poly.pdbx_seq_one_letter_code_can   TDKRKDGSGKLLYCSFCGKSQHEVRKLIAGPSVYICDECVDLCNDIIREEI 
_entity_poly.pdbx_strand_id                 A,B 
_entity_poly.pdbx_target_identifier         ? 
# 
loop_
_entity_poly_seq.entity_id 
_entity_poly_seq.num 
_entity_poly_seq.mon_id 
_entity_poly_seq.hetero 
1 1  THR n 
1 2  ASP n 
1 3  LYS n 
1 4  ARG n 
1 5  LYS n 
1 6  ASP n 
1 7  GLY n 
1 8  SER n 
1 9  GLY n 
1 10 LYS n 
1 11 LEU n 
1 12 LEU n 
1 13 TYR n 
1 14 CYS n 
1 15 SER n 
1 16 PHE n 
1 17 CYS n 
1 18 GLY n 
1 19 LYS n 
1 20 SER n 
1 21 GLN n 
1 22 HIS n 
1 23 GLU n 
1 24 VAL n 
1 25 ARG n 
1 26 LYS n 
1 27 LEU n 
1 28 ILE n 
1 29 ALA n 
1 30 GLY n 
1 31 PRO n 
1 32 SER n 
1 33 VAL n 
1 34 TYR n 
1 35 ILE n 
1 36 CYS n 
1 37 ASP n 
1 38 GLU n 
1 39 CYS n 
1 40 VAL n 
1 41 ASP n 
1 42 LEU n 
1 43 CYS n 
1 44 ASN n 
1 45 ASP n 
1 46 ILE n 
1 47 ILE n 
1 48 ARG n 
1 49 GLU n 
1 50 GLU n 
1 51 ILE n 
# 
_entity_src_gen.entity_id                          1 
_entity_src_gen.pdbx_src_id                        1 
_entity_src_gen.pdbx_alt_source_flag               sample 
_entity_src_gen.pdbx_seq_type                      ? 
_entity_src_gen.pdbx_beg_seq_num                   ? 
_entity_src_gen.pdbx_end_seq_num                   ? 
_entity_src_gen.gene_src_common_name               ? 
_entity_src_gen.gene_src_genus                     Escherichia 
_entity_src_gen.pdbx_gene_src_gene                 ? 
_entity_src_gen.gene_src_species                   ? 
_entity_src_gen.gene_src_strain                    ? 
_entity_src_gen.gene_src_tissue                    ? 
_entity_src_gen.gene_src_tissue_fraction           ? 
_entity_src_gen.gene_src_details                   ? 
_entity_src_gen.pdbx_gene_src_fragment             ? 
_entity_src_gen.pdbx_gene_src_scientific_name      'Escherichia coli' 
_entity_src_gen.pdbx_gene_src_ncbi_taxonomy_id     562 
_entity_src_gen.pdbx_gene_src_variant              ? 
_entity_src_gen.pdbx_gene_src_cell_line            ? 
_entity_src_gen.pdbx_gene_src_atcc                 ? 
_entity_src_gen.pdbx_gene_src_organ                ? 
_entity_src_gen.pdbx_gene_src_organelle            ? 
_entity_src_gen.pdbx_gene_src_cell                 ? 
_entity_src_gen.pdbx_gene_src_cellular_location    ? 
_entity_src_gen.host_org_common_name               ? 
_entity_src_gen.pdbx_host_org_scientific_name      'Escherichia coli BL21(DE3)' 
_entity_src_gen.pdbx_host_org_ncbi_taxonomy_id     469008 
_entity_src_gen.host_org_genus                     Escherichia 
_entity_src_gen.pdbx_host_org_gene                 ? 
_entity_src_gen.pdbx_host_org_organ                ? 
_entity_src_gen.host_org_species                   'Escherichia coli' 
_entity_src_gen.pdbx_host_org_tissue               ? 
_entity_src_gen.pdbx_host_org_tissue_fraction      ? 
_entity_src_gen.pdbx_host_org_strain               'BL21(DE3)' 
_entity_src_gen.pdbx_host_org_variant              ? 
_entity_src_gen.pdbx_host_org_cell_line            ? 
_entity_src_gen.pdbx_host_org_atcc                 ? 
_entity_src_gen.pdbx_host_org_culture_collection   ? 
_entity_src_gen.pdbx_host_org_cell                 ? 
_entity_src_gen.pdbx_host_org_organelle            ? 
_entity_src_gen.pdbx_host_org_cellular_location    ? 
_entity_src_gen.pdbx_host_org_vector_type          plasmid 
_entity_src_gen.pdbx_host_org_vector               ? 
_entity_src_gen.host_org_details                   ? 
_entity_src_gen.expression_system_id               ? 
_entity_src_gen.plasmid_name                       pET-15b 
_entity_src_gen.plasmid_details                    ? 
_entity_src_gen.pdbx_description                   ? 
# 
_struct_ref.id                         1 
_struct_ref.db_name                    UNP 
_struct_ref.db_code                    CLPX_ECOLI 
_struct_ref.entity_id                  1 
_struct_ref.pdbx_seq_one_letter_code   TDKRKDGSGKLLYCSFCGKSQHEVRKLIAGPSVYICDECVDLCNDIIREEI 
_struct_ref.pdbx_align_begin           1 
_struct_ref.pdbx_db_accession          P0A6H1 
_struct_ref.pdbx_db_isoform            ? 
# 
loop_
_struct_ref_seq.align_id 
_struct_ref_seq.ref_id 
_struct_ref_seq.pdbx_PDB_id_code 
_struct_ref_seq.pdbx_strand_id 
_struct_ref_seq.seq_align_beg 
_struct_ref_seq.pdbx_seq_align_beg_ins_code 
_struct_ref_seq.seq_align_end 
_struct_ref_seq.pdbx_seq_align_end_ins_code 
_struct_ref_seq.pdbx_db_accession 
_struct_ref_seq.db_align_beg 
_struct_ref_seq.pdbx_db_align_beg_ins_code 
_struct_ref_seq.db_align_end 
_struct_ref_seq.pdbx_db_align_end_ins_code 
_struct_ref_seq.pdbx_auth_seq_align_beg 
_struct_ref_seq.pdbx_auth_seq_align_end 
1 1 2DS5 A 1 ? 51 ? P0A6H1 1 ? 51 ? 1 51 
2 1 2DS5 B 1 ? 51 ? P0A6H1 1 ? 51 ? 1 51 
# 
loop_
_chem_comp.id 
_chem_comp.type 
_chem_comp.mon_nstd_flag 
_chem_comp.name 
_chem_comp.pdbx_synonyms 
_chem_comp.formula 
_chem_comp.formula_weight 
ALA 'L-peptide linking' y ALANINE                ? 'C3 H7 N O2'     89.093  
ARG 'L-peptide linking' y ARGININE               ? 'C6 H15 N4 O2 1' 175.209 
ASN 'L-peptide linking' y ASPARAGINE             ? 'C4 H8 N2 O3'    132.118 
ASP 'L-peptide linking' y 'ASPARTIC ACID'        ? 'C4 H7 N O4'     133.103 
CA  non-polymer         . 'CALCIUM ION'          ? 'Ca 2'           40.078  
CYS 'L-peptide linking' y CYSTEINE               ? 'C3 H7 N O2 S'   121.158 
GLN 'L-peptide linking' y GLUTAMINE              ? 'C5 H10 N2 O3'   146.144 
GLU 'L-peptide linking' y 'GLUTAMIC ACID'        ? 'C5 H9 N O4'     147.129 
GLY 'peptide linking'   y GLYCINE                ? 'C2 H5 N O2'     75.067  
HIS 'L-peptide linking' y HISTIDINE              ? 'C6 H10 N3 O2 1' 156.162 
HOH non-polymer         . WATER                  ? 'H2 O'           18.015  
ILE 'L-peptide linking' y ISOLEUCINE             ? 'C6 H13 N O2'    131.173 
LEU 'L-peptide linking' y LEUCINE                ? 'C6 H13 N O2'    131.173 
LYS 'L-peptide linking' y LYSINE                 ? 'C6 H15 N2 O2 1' 147.195 
PG4 non-polymer         . 'TETRAETHYLENE GLYCOL' ? 'C8 H18 O5'      194.226 
PHE 'L-peptide linking' y PHENYLALANINE          ? 'C9 H11 N O2'    165.189 
PRO 'L-peptide linking' y PROLINE                ? 'C5 H9 N O2'     115.130 
SER 'L-peptide linking' y SERINE                 ? 'C3 H7 N O3'     105.093 
THR 'L-peptide linking' y THREONINE              ? 'C4 H9 N O3'     119.119 
TYR 'L-peptide linking' y TYROSINE               ? 'C9 H11 N O3'    181.189 
VAL 'L-peptide linking' y VALINE                 ? 'C5 H11 N O2'    117.146 
ZN  non-polymer         . 'ZINC ION'             ? 'Zn 2'           65.409  
# 
_exptl.entry_id          2DS5 
_exptl.method            'X-RAY DIFFRACTION' 
_exptl.crystals_number   1 
# 
_exptl_crystal.id                    1 
_exptl_crystal.density_meas          ? 
_exptl_crystal.density_Matthews      2.07 
_exptl_crystal.density_percent_sol   40.71 
_exptl_crystal.description           ? 
_exptl_crystal.F_000                 ? 
_exptl_crystal.preparation           ? 
# 
_exptl_crystal_grow.crystal_id      1 
_exptl_crystal_grow.method          'VAPOR DIFFUSION, HANGING DROP' 
_exptl_crystal_grow.temp            295 
_exptl_crystal_grow.temp_details    ? 
_exptl_crystal_grow.pH              7.5 
_exptl_crystal_grow.pdbx_details    
'100mM Hepes-NaOH, pH 7.5, 200mM calcium chloride, 30% PEG400, VAPOR DIFFUSION, HANGING DROP, temperature 295K' 
_exptl_crystal_grow.pdbx_pH_range   . 
# 
_diffrn.id                     1 
_diffrn.ambient_temp           100 
_diffrn.ambient_temp_details   ? 
_diffrn.crystal_id             1 
# 
_diffrn_detector.diffrn_id              1 
_diffrn_detector.detector               CCD 
_diffrn_detector.type                   'ADSC QUANTUM 210' 
_diffrn_detector.pdbx_collection_date   2004-05-30 
_diffrn_detector.details                ? 
# 
_diffrn_radiation.diffrn_id                        1 
_diffrn_radiation.wavelength_id                    1 
_diffrn_radiation.pdbx_monochromatic_or_laue_m_l   M 
_diffrn_radiation.monochromator                    'Numerical link type Si(111) double crystal monochromator' 
_diffrn_radiation.pdbx_diffrn_protocol             'SINGLE WAVELENGTH' 
_diffrn_radiation.pdbx_scattering_type             x-ray 
# 
_diffrn_radiation_wavelength.id           1 
_diffrn_radiation_wavelength.wavelength   1.00000 
_diffrn_radiation_wavelength.wt           1.0 
# 
_diffrn_source.diffrn_id                   1 
_diffrn_source.source                      SYNCHROTRON 
_diffrn_source.type                        'PHOTON FACTORY BEAMLINE AR-NW12A' 
_diffrn_source.pdbx_synchrotron_site       'Photon Factory' 
_diffrn_source.pdbx_synchrotron_beamline   AR-NW12A 
_diffrn_source.pdbx_wavelength             ? 
_diffrn_source.pdbx_wavelength_list        1.00000 
# 
_reflns.entry_id                     2DS5 
_reflns.observed_criterion_sigma_F   0.0 
_reflns.observed_criterion_sigma_I   0.0 
_reflns.d_resolution_high            1.5 
_reflns.d_resolution_low             50.0 
_reflns.number_all                   ? 
_reflns.number_obs                   13866 
_reflns.percent_possible_obs         86.8 
_reflns.pdbx_Rmerge_I_obs            ? 
_reflns.pdbx_Rsym_value              ? 
_reflns.pdbx_netI_over_sigmaI        ? 
_reflns.B_iso_Wilson_estimate        ? 
_reflns.pdbx_redundancy              ? 
_reflns.R_free_details               ? 
_reflns.limit_h_max                  ? 
_reflns.limit_h_min                  ? 
_reflns.limit_k_max                  ? 
_reflns.limit_k_min                  ? 
_reflns.limit_l_max                  ? 
_reflns.limit_l_min                  ? 
_reflns.observed_criterion_F_max     ? 
_reflns.observed_criterion_F_min     ? 
_reflns.pdbx_chi_squared             ? 
_reflns.pdbx_scaling_rejects         ? 
_reflns.pdbx_diffrn_id               1 
_reflns.pdbx_ordinal                 1 
# 
_reflns_shell.d_res_high             1.5 
_reflns_shell.d_res_low              1.55 
_reflns_shell.percent_possible_all   45.9 
_reflns_shell.Rmerge_I_obs           ? 
_reflns_shell.pdbx_Rsym_value        ? 
_reflns_shell.meanI_over_sigI_obs    ? 
_reflns_shell.pdbx_redundancy        ? 
_reflns_shell.percent_possible_obs   ? 
_reflns_shell.number_unique_all      ? 
_reflns_shell.number_measured_all    ? 
_reflns_shell.number_measured_obs    ? 
_reflns_shell.number_unique_obs      ? 
_reflns_shell.pdbx_chi_squared       ? 
_reflns_shell.pdbx_diffrn_id         ? 
_reflns_shell.pdbx_ordinal           1 
# 
_refine.entry_id                                 2DS5 
_refine.ls_d_res_high                            1.5 
_refine.ls_d_res_low                             50.0 
_refine.pdbx_ls_sigma_F                          0.0 
_refine.pdbx_ls_sigma_I                          ? 
_refine.ls_number_reflns_all                     15940 
_refine.ls_number_reflns_obs                     13235 
_refine.ls_number_reflns_R_free                  1338 
_refine.ls_percent_reflns_obs                    ? 
_refine.ls_R_factor_all                          0.189 
_refine.ls_R_factor_obs                          0.189 
_refine.ls_R_factor_R_work                       0.185 
_refine.ls_R_factor_R_free                       0.221 
_refine.ls_redundancy_reflns_obs                 ? 
_refine.pdbx_data_cutoff_high_absF               ? 
_refine.pdbx_data_cutoff_low_absF                ? 
_refine.ls_number_parameters                     ? 
_refine.ls_number_restraints                     ? 
_refine.ls_percent_reflns_R_free                 ? 
_refine.ls_R_factor_R_free_error                 ? 
_refine.ls_R_factor_R_free_error_details         ? 
_refine.pdbx_method_to_determine_struct          'MOLECULAR REPLACEMENT' 
_refine.pdbx_starting_model                      2DS8 
_refine.pdbx_ls_cross_valid_method               ? 
_refine.pdbx_R_Free_selection_details            RANDOM 
_refine.pdbx_stereochem_target_val_spec_case     ? 
_refine.pdbx_stereochemistry_target_values       'Engh & Huber' 
_refine.solvent_model_details                    ? 
_refine.solvent_model_param_bsol                 ? 
_refine.solvent_model_param_ksol                 ? 
_refine.occupancy_max                            ? 
_refine.occupancy_min                            ? 
_refine.pdbx_isotropic_thermal_model             ? 
_refine.B_iso_mean                               ? 
_refine.aniso_B[1][1]                            ? 
_refine.aniso_B[1][2]                            ? 
_refine.aniso_B[1][3]                            ? 
_refine.aniso_B[2][2]                            ? 
_refine.aniso_B[2][3]                            ? 
_refine.aniso_B[3][3]                            ? 
_refine.details                                  ? 
_refine.B_iso_min                                ? 
_refine.B_iso_max                                ? 
_refine.correlation_coeff_Fo_to_Fc               ? 
_refine.correlation_coeff_Fo_to_Fc_free          ? 
_refine.pdbx_solvent_vdw_probe_radii             ? 
_refine.pdbx_solvent_ion_probe_radii             ? 
_refine.pdbx_solvent_shrinkage_radii             ? 
_refine.overall_SU_R_Cruickshank_DPI             ? 
_refine.overall_SU_R_free                        ? 
_refine.overall_SU_ML                            ? 
_refine.overall_SU_B                             ? 
_refine.pdbx_overall_ESU_R_Free                  ? 
_refine.pdbx_data_cutoff_high_rms_absF           ? 
_refine.pdbx_overall_ESU_R                       ? 
_refine.ls_wR_factor_R_free                      ? 
_refine.ls_wR_factor_R_work                      ? 
_refine.overall_FOM_free_R_set                   ? 
_refine.overall_FOM_work_R_set                   ? 
_refine.pdbx_refine_id                           'X-RAY DIFFRACTION' 
_refine.pdbx_diffrn_id                           1 
_refine.pdbx_TLS_residual_ADP_flag               ? 
_refine.pdbx_overall_phase_error                 ? 
_refine.pdbx_overall_SU_R_free_Cruickshank_DPI   ? 
_refine.pdbx_overall_SU_R_Blow_DPI               ? 
_refine.pdbx_overall_SU_R_free_Blow_DPI          ? 
# 
_refine_hist.pdbx_refine_id                   'X-RAY DIFFRACTION' 
_refine_hist.cycle_id                         LAST 
_refine_hist.pdbx_number_atoms_protein        674 
_refine_hist.pdbx_number_atoms_nucleic_acid   0 
_refine_hist.pdbx_number_atoms_ligand         16 
_refine_hist.number_atoms_solvent             125 
_refine_hist.number_atoms_total               815 
_refine_hist.d_res_high                       1.5 
_refine_hist.d_res_low                        50.0 
# 
loop_
_refine_ls_restr.type 
_refine_ls_restr.dev_ideal 
_refine_ls_restr.dev_ideal_target 
_refine_ls_restr.weight 
_refine_ls_restr.number 
_refine_ls_restr.pdbx_refine_id 
_refine_ls_restr.pdbx_restraint_function 
c_bond_d    0.008752 ? ? ? 'X-RAY DIFFRACTION' ? 
c_angle_deg 1.32326  ? ? ? 'X-RAY DIFFRACTION' ? 
# 
_refine_ls_shell.pdbx_total_number_of_bins_used   ? 
_refine_ls_shell.d_res_high                       1.5 
_refine_ls_shell.d_res_low                        1.55 
_refine_ls_shell.number_reflns_R_work             ? 
_refine_ls_shell.R_factor_R_work                  0.186 
_refine_ls_shell.percent_reflns_obs               ? 
_refine_ls_shell.R_factor_R_free                  0.221 
_refine_ls_shell.R_factor_R_free_error            0.035 
_refine_ls_shell.percent_reflns_R_free            ? 
_refine_ls_shell.number_reflns_R_free             1338 
_refine_ls_shell.number_reflns_all                ? 
_refine_ls_shell.R_factor_all                     ? 
_refine_ls_shell.number_reflns_obs                13235 
_refine_ls_shell.redundancy_reflns_obs            ? 
_refine_ls_shell.pdbx_refine_id                   'X-RAY DIFFRACTION' 
# 
_struct.entry_id                  2DS5 
_struct.title                     'Structure of the ZBD in the orthorhomibic crystal from' 
_struct.pdbx_model_details        ? 
_struct.pdbx_CASP_flag            ? 
_struct.pdbx_model_type_details   ? 
# 
_struct_keywords.entry_id        2DS5 
_struct_keywords.pdbx_keywords   'METAL BINDING PROTEIN, PROTEIN BINDING' 
_struct_keywords.text            'treble cleft zinc finger, METAL BINDING PROTEIN, PROTEIN BINDING' 
# 
loop_
_struct_asym.id 
_struct_asym.pdbx_blank_PDB_chainid_flag 
_struct_asym.pdbx_modified 
_struct_asym.entity_id 
_struct_asym.details 
A N N 1 ? 
B N N 1 ? 
C N N 2 ? 
D N N 3 ? 
E N N 2 ? 
F N N 4 ? 
G N N 5 ? 
H N N 5 ? 
# 
loop_
_struct_conf.conf_type_id 
_struct_conf.id 
_struct_conf.pdbx_PDB_helix_id 
_struct_conf.beg_label_comp_id 
_struct_conf.beg_label_asym_id 
_struct_conf.beg_label_seq_id 
_struct_conf.pdbx_beg_PDB_ins_code 
_struct_conf.end_label_comp_id 
_struct_conf.end_label_asym_id 
_struct_conf.end_label_seq_id 
_struct_conf.pdbx_end_PDB_ins_code 
_struct_conf.beg_auth_comp_id 
_struct_conf.beg_auth_asym_id 
_struct_conf.beg_auth_seq_id 
_struct_conf.end_auth_comp_id 
_struct_conf.end_auth_asym_id 
_struct_conf.end_auth_seq_id 
_struct_conf.pdbx_PDB_helix_class 
_struct_conf.details 
_struct_conf.pdbx_PDB_helix_length 
HELX_P HELX_P1 1 ASP A 37 ? GLU A 49 ? ASP A 37 GLU A 49 1 ? 13 
HELX_P HELX_P2 2 ASP B 37 ? GLU B 49 ? ASP B 37 GLU B 49 1 ? 13 
# 
_struct_conf_type.id          HELX_P 
_struct_conf_type.criteria    ? 
_struct_conf_type.reference   ? 
# 
loop_
_struct_conn.id 
_struct_conn.conn_type_id 
_struct_conn.pdbx_leaving_atom_flag 
_struct_conn.pdbx_PDB_id 
_struct_conn.ptnr1_label_asym_id 
_struct_conn.ptnr1_label_comp_id 
_struct_conn.ptnr1_label_seq_id 
_struct_conn.ptnr1_label_atom_id 
_struct_conn.pdbx_ptnr1_label_alt_id 
_struct_conn.pdbx_ptnr1_PDB_ins_code 
_struct_conn.pdbx_ptnr1_standard_comp_id 
_struct_conn.ptnr1_symmetry 
_struct_conn.ptnr2_label_asym_id 
_struct_conn.ptnr2_label_comp_id 
_struct_conn.ptnr2_label_seq_id 
_struct_conn.ptnr2_label_atom_id 
_struct_conn.pdbx_ptnr2_label_alt_id 
_struct_conn.pdbx_ptnr2_PDB_ins_code 
_struct_conn.ptnr1_auth_asym_id 
_struct_conn.ptnr1_auth_comp_id 
_struct_conn.ptnr1_auth_seq_id 
_struct_conn.ptnr2_auth_asym_id 
_struct_conn.ptnr2_auth_comp_id 
_struct_conn.ptnr2_auth_seq_id 
_struct_conn.ptnr2_symmetry 
_struct_conn.pdbx_ptnr3_label_atom_id 
_struct_conn.pdbx_ptnr3_label_seq_id 
_struct_conn.pdbx_ptnr3_label_comp_id 
_struct_conn.pdbx_ptnr3_label_asym_id 
_struct_conn.pdbx_ptnr3_label_alt_id 
_struct_conn.pdbx_ptnr3_PDB_ins_code 
_struct_conn.details 
_struct_conn.pdbx_dist_value 
_struct_conn.pdbx_value_order 
_struct_conn.pdbx_role 
metalc1  metalc ? ? A CYS 14 SG  ? ? ? 1_555 C ZN . ZN ? ? A CYS 14  A ZN 100 1_555 ? ? ? ? ? ? ? 2.391 ? ? 
metalc2  metalc ? ? A CYS 17 SG  ? ? ? 1_555 C ZN . ZN ? ? A CYS 17  A ZN 100 1_555 ? ? ? ? ? ? ? 2.372 ? ? 
metalc3  metalc ? ? A CYS 36 SG  ? ? ? 1_555 C ZN . ZN ? ? A CYS 36  A ZN 100 1_555 ? ? ? ? ? ? ? 2.387 ? ? 
metalc4  metalc ? ? A CYS 39 SG  ? ? ? 1_555 C ZN . ZN ? ? A CYS 39  A ZN 100 1_555 ? ? ? ? ? ? ? 2.322 ? ? 
metalc5  metalc ? ? A ASP 41 OD1 ? ? ? 1_455 D CA . CA ? ? A ASP 41  B CA 299 1_555 ? ? ? ? ? ? ? 2.083 ? ? 
metalc6  metalc ? ? A ASP 41 OD2 ? ? ? 1_455 D CA . CA ? ? A ASP 41  B CA 299 1_555 ? ? ? ? ? ? ? 3.378 ? ? 
metalc7  metalc ? ? A ASP 41 O   ? ? ? 1_455 D CA . CA ? ? A ASP 41  B CA 299 1_555 ? ? ? ? ? ? ? 2.769 ? ? 
metalc8  metalc ? ? A ASP 45 OD2 ? ? ? 1_455 D CA . CA ? ? A ASP 45  B CA 299 1_555 ? ? ? ? ? ? ? 2.791 ? ? 
metalc9  metalc ? ? A ASP 45 OD1 ? ? ? 1_455 D CA . CA ? ? A ASP 45  B CA 299 1_555 ? ? ? ? ? ? ? 2.757 ? ? 
metalc10 metalc ? ? G HOH .  O   ? ? ? 1_455 D CA . CA ? ? A HOH 122 B CA 299 1_555 ? ? ? ? ? ? ? 2.917 ? ? 
metalc11 metalc ? ? G HOH .  O   ? ? ? 1_455 D CA . CA ? ? A HOH 123 B CA 299 1_555 ? ? ? ? ? ? ? 3.154 ? ? 
metalc12 metalc ? ? B GLY 9  O   ? ? ? 1_555 D CA . CA ? ? B GLY 9   B CA 299 1_555 ? ? ? ? ? ? ? 2.630 ? ? 
metalc13 metalc ? ? B CYS 14 SG  ? ? ? 1_555 E ZN . ZN ? ? B CYS 14  B ZN 100 1_555 ? ? ? ? ? ? ? 2.387 ? ? 
metalc14 metalc ? ? B CYS 17 SG  ? ? ? 1_555 E ZN . ZN ? ? B CYS 17  B ZN 100 1_555 ? ? ? ? ? ? ? 2.408 ? ? 
metalc15 metalc ? ? B CYS 36 SG  ? ? ? 1_555 E ZN . ZN ? ? B CYS 36  B ZN 100 1_555 ? ? ? ? ? ? ? 2.383 ? ? 
metalc16 metalc ? ? B CYS 39 SG  ? ? ? 1_555 E ZN . ZN ? ? B CYS 39  B ZN 100 1_555 ? ? ? ? ? ? ? 2.360 ? ? 
# 
_struct_conn_type.id          metalc 
_struct_conn_type.criteria    ? 
_struct_conn_type.reference   ? 
# 
loop_
_struct_sheet.id 
_struct_sheet.type 
_struct_sheet.number_strands 
_struct_sheet.details 
A ? 2 ? 
B ? 2 ? 
# 
loop_
_struct_sheet_order.sheet_id 
_struct_sheet_order.range_id_1 
_struct_sheet_order.range_id_2 
_struct_sheet_order.offset 
_struct_sheet_order.sense 
A 1 2 ? anti-parallel 
B 1 2 ? anti-parallel 
# 
loop_
_struct_sheet_range.sheet_id 
_struct_sheet_range.id 
_struct_sheet_range.beg_label_comp_id 
_struct_sheet_range.beg_label_asym_id 
_struct_sheet_range.beg_label_seq_id 
_struct_sheet_range.pdbx_beg_PDB_ins_code 
_struct_sheet_range.end_label_comp_id 
_struct_sheet_range.end_label_asym_id 
_struct_sheet_range.end_label_seq_id 
_struct_sheet_range.pdbx_end_PDB_ins_code 
_struct_sheet_range.beg_auth_comp_id 
_struct_sheet_range.beg_auth_asym_id 
_struct_sheet_range.beg_auth_seq_id 
_struct_sheet_range.end_auth_comp_id 
_struct_sheet_range.end_auth_asym_id 
_struct_sheet_range.end_auth_seq_id 
A 1 LEU A 27 ? ALA A 29 ? LEU A 27 ALA A 29 
A 2 TYR A 34 ? CYS A 36 ? TYR A 34 CYS A 36 
B 1 LEU B 27 ? GLY B 30 ? LEU B 27 GLY B 30 
B 2 VAL B 33 ? CYS B 36 ? VAL B 33 CYS B 36 
# 
loop_
_pdbx_struct_sheet_hbond.sheet_id 
_pdbx_struct_sheet_hbond.range_id_1 
_pdbx_struct_sheet_hbond.range_id_2 
_pdbx_struct_sheet_hbond.range_1_label_atom_id 
_pdbx_struct_sheet_hbond.range_1_label_comp_id 
_pdbx_struct_sheet_hbond.range_1_label_asym_id 
_pdbx_struct_sheet_hbond.range_1_label_seq_id 
_pdbx_struct_sheet_hbond.range_1_PDB_ins_code 
_pdbx_struct_sheet_hbond.range_1_auth_atom_id 
_pdbx_struct_sheet_hbond.range_1_auth_comp_id 
_pdbx_struct_sheet_hbond.range_1_auth_asym_id 
_pdbx_struct_sheet_hbond.range_1_auth_seq_id 
_pdbx_struct_sheet_hbond.range_2_label_atom_id 
_pdbx_struct_sheet_hbond.range_2_label_comp_id 
_pdbx_struct_sheet_hbond.range_2_label_asym_id 
_pdbx_struct_sheet_hbond.range_2_label_seq_id 
_pdbx_struct_sheet_hbond.range_2_PDB_ins_code 
_pdbx_struct_sheet_hbond.range_2_auth_atom_id 
_pdbx_struct_sheet_hbond.range_2_auth_comp_id 
_pdbx_struct_sheet_hbond.range_2_auth_asym_id 
_pdbx_struct_sheet_hbond.range_2_auth_seq_id 
A 1 2 N ILE A 28 ? N ILE A 28 O ILE A 35 ? O ILE A 35 
B 1 2 N GLY B 30 ? N GLY B 30 O VAL B 33 ? O VAL B 33 
# 
loop_
_struct_site.id 
_struct_site.pdbx_evidence_code 
_struct_site.pdbx_auth_asym_id 
_struct_site.pdbx_auth_comp_id 
_struct_site.pdbx_auth_seq_id 
_struct_site.pdbx_auth_ins_code 
_struct_site.pdbx_num_residues 
_struct_site.details 
AC1 Software A ZN  100 ? 4 'BINDING SITE FOR RESIDUE ZN A 100'  
AC2 Software B CA  299 ? 4 'BINDING SITE FOR RESIDUE CA B 299'  
AC3 Software B ZN  100 ? 4 'BINDING SITE FOR RESIDUE ZN B 100'  
AC4 Software B PG4 501 ? 7 'BINDING SITE FOR RESIDUE PG4 B 501' 
# 
loop_
_struct_site_gen.id 
_struct_site_gen.site_id 
_struct_site_gen.pdbx_num_res 
_struct_site_gen.label_comp_id 
_struct_site_gen.label_asym_id 
_struct_site_gen.label_seq_id 
_struct_site_gen.pdbx_auth_ins_code 
_struct_site_gen.auth_comp_id 
_struct_site_gen.auth_asym_id 
_struct_site_gen.auth_seq_id 
_struct_site_gen.label_atom_id 
_struct_site_gen.label_alt_id 
_struct_site_gen.symmetry 
_struct_site_gen.details 
1  AC1 4 CYS A 14 ? CYS A 14  . ? 1_555 ? 
2  AC1 4 CYS A 17 ? CYS A 17  . ? 1_555 ? 
3  AC1 4 CYS A 36 ? CYS A 36  . ? 1_555 ? 
4  AC1 4 CYS A 39 ? CYS A 39  . ? 1_555 ? 
5  AC2 4 ASP A 41 ? ASP A 41  . ? 1_455 ? 
6  AC2 4 ASP A 45 ? ASP A 45  . ? 1_455 ? 
7  AC2 4 HOH G .  ? HOH A 122 . ? 1_455 ? 
8  AC2 4 GLY B 9  ? GLY B 9   . ? 1_555 ? 
9  AC3 4 CYS B 14 ? CYS B 14  . ? 1_555 ? 
10 AC3 4 CYS B 17 ? CYS B 17  . ? 1_555 ? 
11 AC3 4 CYS B 36 ? CYS B 36  . ? 1_555 ? 
12 AC3 4 CYS B 39 ? CYS B 39  . ? 1_555 ? 
13 AC4 7 ARG A 25 ? ARG A 25  . ? 1_455 ? 
14 AC4 7 TYR B 13 ? TYR B 13  . ? 1_555 ? 
15 AC4 7 CYS B 14 ? CYS B 14  . ? 1_555 ? 
16 AC4 7 SER B 15 ? SER B 15  . ? 1_555 ? 
17 AC4 7 CYS B 17 ? CYS B 17  . ? 1_555 ? 
18 AC4 7 GLY B 18 ? GLY B 18  . ? 1_555 ? 
19 AC4 7 HOH H .  ? HOH B 551 . ? 1_555 ? 
# 
_atom_sites.entry_id                    2DS5 
_atom_sites.fract_transf_matrix[1][1]   -0.01491287 
_atom_sites.fract_transf_matrix[1][2]   -0.02574492 
_atom_sites.fract_transf_matrix[1][3]   -0.00775778 
_atom_sites.fract_transf_matrix[2][1]   0.01929074 
_atom_sites.fract_transf_matrix[2][2]   -0.00832307 
_atom_sites.fract_transf_matrix[2][3]   -0.00946191 
_atom_sites.fract_transf_matrix[3][1]   0.00373155 
_atom_sites.fract_transf_matrix[3][2]   -0.00606039 
_atom_sites.fract_transf_matrix[3][3]   0.01293876 
_atom_sites.fract_transf_vector[1]      -0.140574 
_atom_sites.fract_transf_vector[2]      -0.202364 
_atom_sites.fract_transf_vector[3]      0.184770 
# 
loop_
_atom_type.symbol 
C  
CA 
N  
O  
S  
ZN 
# 
loop_
_atom_site.group_PDB 
_atom_site.id 
_atom_site.type_symbol 
_atom_site.label_atom_id 
_atom_site.label_alt_id 
_atom_site.label_comp_id 
_atom_site.label_asym_id 
_atom_site.label_entity_id 
_atom_site.label_seq_id 
_atom_site.pdbx_PDB_ins_code 
_atom_site.Cartn_x 
_atom_site.Cartn_y 
_atom_site.Cartn_z 
_atom_site.occupancy 
_atom_site.B_iso_or_equiv 
_atom_site.pdbx_formal_charge 
_atom_site.auth_seq_id 
_atom_site.auth_comp_id 
_atom_site.auth_asym_id 
_atom_site.auth_atom_id 
_atom_site.pdbx_PDB_model_num 
ATOM   1   N  N   . GLY A 1 9  ? -17.026 7.583   -11.989 1.00 28.32 ? 9   GLY A N   1 
ATOM   2   C  CA  . GLY A 1 9  ? -17.060 7.596   -13.479 1.00 27.08 ? 9   GLY A CA  1 
ATOM   3   C  C   . GLY A 1 9  ? -15.703 7.900   -14.079 1.00 25.14 ? 9   GLY A C   1 
ATOM   4   O  O   . GLY A 1 9  ? -15.597 8.646   -15.051 1.00 26.20 ? 9   GLY A O   1 
ATOM   5   N  N   . LYS A 1 10 ? -14.660 7.316   -13.501 1.00 24.54 ? 10  LYS A N   1 
ATOM   6   C  CA  . LYS A 1 10 ? -13.299 7.530   -13.978 1.00 22.47 ? 10  LYS A CA  1 
ATOM   7   C  C   . LYS A 1 10 ? -12.418 6.326   -13.664 1.00 19.51 ? 10  LYS A C   1 
ATOM   8   O  O   . LYS A 1 10 ? -12.620 5.648   -12.659 1.00 17.57 ? 10  LYS A O   1 
ATOM   9   C  CB  . LYS A 1 10 ? -12.713 8.781   -13.319 1.00 25.32 ? 10  LYS A CB  1 
ATOM   10  C  CG  . LYS A 1 10 ? -11.336 8.918   -13.618 1.00 29.20 ? 10  LYS A CG  1 
ATOM   11  N  N   . LEU A 1 11 ? -11.446 6.057   -14.529 1.00 17.39 ? 11  LEU A N   1 
ATOM   12  C  CA  . LEU A 1 11 ? -10.539 4.940   -14.302 1.00 14.98 ? 11  LEU A CA  1 
ATOM   13  C  C   . LEU A 1 11 ? -9.538  5.325   -13.222 1.00 14.64 ? 11  LEU A C   1 
ATOM   14  O  O   . LEU A 1 11 ? -8.890  6.367   -13.307 1.00 14.73 ? 11  LEU A O   1 
ATOM   15  C  CB  . LEU A 1 11 ? -9.790  4.579   -15.587 1.00 14.34 ? 11  LEU A CB  1 
ATOM   16  C  CG  . LEU A 1 11 ? -10.627 4.035   -16.746 1.00 15.23 ? 11  LEU A CG  1 
ATOM   17  C  CD1 . LEU A 1 11 ? -9.722  3.761   -17.938 1.00 14.30 ? 11  LEU A CD1 1 
ATOM   18  C  CD2 . LEU A 1 11 ? -11.340 2.764   -16.311 1.00 13.92 ? 11  LEU A CD2 1 
ATOM   19  N  N   . LEU A 1 12 ? -9.434  4.480   -12.201 1.00 13.05 ? 12  LEU A N   1 
ATOM   20  C  CA  . LEU A 1 12 ? -8.514  4.705   -11.094 1.00 12.20 ? 12  LEU A CA  1 
ATOM   21  C  C   . LEU A 1 12 ? -7.463  3.604   -11.154 1.00 11.46 ? 12  LEU A C   1 
ATOM   22  O  O   . LEU A 1 12 ? -7.783  2.459   -11.465 1.00 11.43 ? 12  LEU A O   1 
ATOM   23  C  CB  . LEU A 1 12 ? -9.267  4.638   -9.763  1.00 13.59 ? 12  LEU A CB  1 
ATOM   24  C  CG  . LEU A 1 12 ? -10.387 5.665   -9.572  1.00 15.36 ? 12  LEU A CG  1 
ATOM   25  C  CD1 . LEU A 1 12 ? -11.119 5.392   -8.265  1.00 16.07 ? 12  LEU A CD1 1 
ATOM   26  C  CD2 . LEU A 1 12 ? -9.800  7.065   -9.586  1.00 15.86 ? 12  LEU A CD2 1 
ATOM   27  N  N   . TYR A 1 13 ? -6.213  3.943   -10.856 1.00 10.93 ? 13  TYR A N   1 
ATOM   28  C  CA  . TYR A 1 13 ? -5.150  2.947   -10.922 1.00 10.56 ? 13  TYR A CA  1 
ATOM   29  C  C   . TYR A 1 13 ? -4.353  2.772   -9.644  1.00 9.96  ? 13  TYR A C   1 
ATOM   30  O  O   . TYR A 1 13 ? -4.166  3.711   -8.871  1.00 10.00 ? 13  TYR A O   1 
ATOM   31  C  CB  . TYR A 1 13 ? -4.170  3.287   -12.045 1.00 10.44 ? 13  TYR A CB  1 
ATOM   32  C  CG  . TYR A 1 13 ? -4.818  3.479   -13.391 1.00 11.61 ? 13  TYR A CG  1 
ATOM   33  C  CD1 . TYR A 1 13 ? -5.369  4.709   -13.752 1.00 12.72 ? 13  TYR A CD1 1 
ATOM   34  C  CD2 . TYR A 1 13 ? -4.879  2.434   -14.308 1.00 11.33 ? 13  TYR A CD2 1 
ATOM   35  C  CE1 . TYR A 1 13 ? -5.962  4.890   -14.997 1.00 14.08 ? 13  TYR A CE1 1 
ATOM   36  C  CE2 . TYR A 1 13 ? -5.469  2.603   -15.554 1.00 13.40 ? 13  TYR A CE2 1 
ATOM   37  C  CZ  . TYR A 1 13 ? -6.007  3.833   -15.893 1.00 14.32 ? 13  TYR A CZ  1 
ATOM   38  O  OH  . TYR A 1 13 ? -6.579  4.005   -17.132 1.00 14.45 ? 13  TYR A OH  1 
ATOM   39  N  N   . CYS A 1 14 ? -3.879  1.550   -9.436  1.00 9.08  ? 14  CYS A N   1 
ATOM   40  C  CA  . CYS A 1 14 ? -3.055  1.251   -8.283  1.00 8.96  ? 14  CYS A CA  1 
ATOM   41  C  C   . CYS A 1 14 ? -1.776  2.052   -8.490  1.00 8.54  ? 14  CYS A C   1 
ATOM   42  O  O   . CYS A 1 14 ? -1.174  2.006   -9.566  1.00 9.01  ? 14  CYS A O   1 
ATOM   43  C  CB  . CYS A 1 14 ? -2.732  -0.237  -8.234  1.00 8.38  ? 14  CYS A CB  1 
ATOM   44  S  SG  . CYS A 1 14 ? -1.519  -0.641  -6.974  1.00 8.66  ? 14  CYS A SG  1 
ATOM   45  N  N   . SER A 1 15 ? -1.366  2.789   -7.467  1.00 7.13  ? 15  SER A N   1 
ATOM   46  C  CA  . SER A 1 15 ? -0.170  3.614   -7.560  1.00 9.42  ? 15  SER A CA  1 
ATOM   47  C  C   . SER A 1 15 ? 1.117   2.795   -7.618  1.00 9.80  ? 15  SER A C   1 
ATOM   48  O  O   . SER A 1 15 ? 2.165   3.302   -8.026  1.00 10.56 ? 15  SER A O   1 
ATOM   49  C  CB  . SER A 1 15 ? -0.118  4.579   -6.376  1.00 8.14  ? 15  SER A CB  1 
ATOM   50  O  OG  . SER A 1 15 ? -1.305  5.351   -6.307  1.00 9.74  ? 15  SER A OG  1 
ATOM   51  N  N   . PHE A 1 16 ? 1.038   1.530   -7.220  1.00 9.08  ? 16  PHE A N   1 
ATOM   52  C  CA  . PHE A 1 16 ? 2.216   0.671   -7.224  1.00 8.92  ? 16  PHE A CA  1 
ATOM   53  C  C   . PHE A 1 16 ? 2.420   -0.145  -8.501  1.00 10.21 ? 16  PHE A C   1 
ATOM   54  O  O   . PHE A 1 16 ? 3.522   -0.164  -9.054  1.00 11.75 ? 16  PHE A O   1 
ATOM   55  C  CB  . PHE A 1 16 ? 2.187   -0.273  -6.016  1.00 9.58  ? 16  PHE A CB  1 
ATOM   56  C  CG  . PHE A 1 16 ? 2.294   0.433   -4.692  1.00 9.38  ? 16  PHE A CG  1 
ATOM   57  C  CD1 . PHE A 1 16 ? 1.202   1.113   -4.162  1.00 9.28  ? 16  PHE A CD1 1 
ATOM   58  C  CD2 . PHE A 1 16 ? 3.496   0.437   -3.987  1.00 9.89  ? 16  PHE A CD2 1 
ATOM   59  C  CE1 . PHE A 1 16 ? 1.303   1.791   -2.945  1.00 10.05 ? 16  PHE A CE1 1 
ATOM   60  C  CE2 . PHE A 1 16 ? 3.610   1.111   -2.773  1.00 6.33  ? 16  PHE A CE2 1 
ATOM   61  C  CZ  . PHE A 1 16 ? 2.510   1.790   -2.251  1.00 9.22  ? 16  PHE A CZ  1 
ATOM   62  N  N   . CYS A 1 17 ? 1.371   -0.811  -8.981  1.00 8.82  ? 17  CYS A N   1 
ATOM   63  C  CA  . CYS A 1 17 ? 1.502   -1.640  -10.181 1.00 10.15 ? 17  CYS A CA  1 
ATOM   64  C  C   . CYS A 1 17 ? 0.815   -1.091  -11.431 1.00 10.92 ? 17  CYS A C   1 
ATOM   65  O  O   . CYS A 1 17 ? 1.060   -1.574  -12.537 1.00 13.45 ? 17  CYS A O   1 
ATOM   66  C  CB  . CYS A 1 17 ? 0.986   -3.054  -9.904  1.00 9.22  ? 17  CYS A CB  1 
ATOM   67  S  SG  . CYS A 1 17 ? -0.810  -3.188  -9.813  1.00 10.10 ? 17  CYS A SG  1 
ATOM   68  N  N   . GLY A 1 18 ? -0.054  -0.101  -11.258 1.00 11.21 ? 18  GLY A N   1 
ATOM   69  C  CA  . GLY A 1 18 ? -0.728  0.494   -12.402 1.00 12.11 ? 18  GLY A CA  1 
ATOM   70  C  C   . GLY A 1 18 ? -2.015  -0.151  -12.890 1.00 12.29 ? 18  GLY A C   1 
ATOM   71  O  O   . GLY A 1 18 ? -2.604  0.317   -13.863 1.00 12.44 ? 18  GLY A O   1 
ATOM   72  N  N   . LYS A 1 19 ? -2.458  -1.224  -12.243 1.00 11.47 ? 19  LYS A N   1 
ATOM   73  C  CA  . LYS A 1 19 ? -3.702  -1.865  -12.662 1.00 11.85 ? 19  LYS A CA  1 
ATOM   74  C  C   . LYS A 1 19 ? -4.889  -1.008  -12.230 1.00 11.45 ? 19  LYS A C   1 
ATOM   75  O  O   . LYS A 1 19 ? -4.837  -0.345  -11.197 1.00 10.42 ? 19  LYS A O   1 
ATOM   76  C  CB  . LYS A 1 19 ? -3.822  -3.267  -12.058 1.00 11.26 ? 19  LYS A CB  1 
ATOM   77  C  CG  . LYS A 1 19 ? -2.850  -4.276  -12.650 1.00 13.16 ? 19  LYS A CG  1 
ATOM   78  C  CD  . LYS A 1 19 ? -3.167  -5.687  -12.183 1.00 13.96 ? 19  LYS A CD  1 
ATOM   79  C  CE  . LYS A 1 19 ? -2.221  -6.694  -12.812 1.00 15.85 ? 19  LYS A CE  1 
ATOM   80  N  NZ  . LYS A 1 19 ? -2.614  -8.093  -12.492 1.00 16.67 ? 19  LYS A NZ  1 
ATOM   81  N  N   . SER A 1 20 ? -5.955  -1.013  -13.025 1.00 11.30 ? 20  SER A N   1 
ATOM   82  C  CA  . SER A 1 20 ? -7.140  -0.223  -12.704 1.00 10.98 ? 20  SER A CA  1 
ATOM   83  C  C   . SER A 1 20 ? -8.065  -0.976  -11.755 1.00 10.79 ? 20  SER A C   1 
ATOM   84  O  O   . SER A 1 20 ? -7.861  -2.160  -11.481 1.00 10.87 ? 20  SER A O   1 
ATOM   85  C  CB  . SER A 1 20 ? -7.912  0.120   -13.977 1.00 10.78 ? 20  SER A CB  1 
ATOM   86  O  OG  . SER A 1 20 ? -8.647  -1.007  -14.427 1.00 13.15 ? 20  SER A OG  1 
ATOM   87  N  N   . GLN A 1 21 ? -9.093  -0.289  -11.265 1.00 11.13 ? 21  GLN A N   1 
ATOM   88  C  CA  . GLN A 1 21 ? -10.041 -0.908  -10.349 1.00 12.53 ? 21  GLN A CA  1 
ATOM   89  C  C   . GLN A 1 21 ? -10.803 -2.034  -11.043 1.00 12.11 ? 21  GLN A C   1 
ATOM   90  O  O   . GLN A 1 21 ? -11.393 -2.889  -10.388 1.00 13.41 ? 21  GLN A O   1 
ATOM   91  C  CB  . GLN A 1 21 ? -11.036 0.128   -9.802  1.00 12.77 ? 21  GLN A CB  1 
ATOM   92  C  CG  . GLN A 1 21 ? -12.138 0.569   -10.770 1.00 14.05 ? 21  GLN A CG  1 
ATOM   93  C  CD  . GLN A 1 21 ? -11.791 1.829   -11.544 1.00 14.89 ? 21  GLN A CD  1 
ATOM   94  O  OE1 . GLN A 1 21 ? -12.543 2.807   -11.528 1.00 16.41 ? 21  GLN A OE1 1 
ATOM   95  N  NE2 . GLN A 1 21 ? -10.658 1.811   -12.229 1.00 12.82 ? 21  GLN A NE2 1 
ATOM   96  N  N   . HIS A 1 22 ? -10.771 -2.037  -12.371 1.00 11.63 ? 22  HIS A N   1 
ATOM   97  C  CA  . HIS A 1 22 ? -11.471 -3.052  -13.153 1.00 11.41 ? 22  HIS A CA  1 
ATOM   98  C  C   . HIS A 1 22 ? -10.636 -4.306  -13.400 1.00 12.10 ? 22  HIS A C   1 
ATOM   99  O  O   . HIS A 1 22 ? -11.117 -5.277  -13.981 1.00 12.18 ? 22  HIS A O   1 
ATOM   100 C  CB  . HIS A 1 22 ? -11.912 -2.454  -14.489 1.00 12.07 ? 22  HIS A CB  1 
ATOM   101 C  CG  . HIS A 1 22 ? -12.841 -1.290  -14.344 1.00 12.32 ? 22  HIS A CG  1 
ATOM   102 N  ND1 . HIS A 1 22 ? -14.079 -1.398  -13.747 1.00 13.35 ? 22  HIS A ND1 1 
ATOM   103 C  CD2 . HIS A 1 22 ? -12.712 0.007   -14.708 1.00 13.07 ? 22  HIS A CD2 1 
ATOM   104 C  CE1 . HIS A 1 22 ? -14.672 -0.218  -13.752 1.00 12.19 ? 22  HIS A CE1 1 
ATOM   105 N  NE2 . HIS A 1 22 ? -13.864 0.651   -14.330 1.00 13.08 ? 22  HIS A NE2 1 
ATOM   106 N  N   . GLU A 1 23 ? -9.386  -4.280  -12.952 1.00 11.84 ? 23  GLU A N   1 
ATOM   107 C  CA  . GLU A 1 23 ? -8.481  -5.412  -13.127 1.00 12.45 ? 23  GLU A CA  1 
ATOM   108 C  C   . GLU A 1 23 ? -8.197  -6.117  -11.809 1.00 13.41 ? 23  GLU A C   1 
ATOM   109 O  O   . GLU A 1 23 ? -7.628  -7.209  -11.792 1.00 14.89 ? 23  GLU A O   1 
ATOM   110 C  CB  . GLU A 1 23 ? -7.150  -4.943  -13.710 1.00 13.72 ? 23  GLU A CB  1 
ATOM   111 C  CG  . GLU A 1 23 ? -7.188  -4.519  -15.159 1.00 13.78 ? 23  GLU A CG  1 
ATOM   112 C  CD  . GLU A 1 23 ? -5.845  -3.999  -15.626 1.00 16.77 ? 23  GLU A CD  1 
ATOM   113 O  OE1 . GLU A 1 23 ? -5.479  -2.869  -15.242 1.00 13.40 ? 23  GLU A OE1 1 
ATOM   114 O  OE2 . GLU A 1 23 ? -5.147  -4.727  -16.363 1.00 19.23 ? 23  GLU A OE2 1 
ATOM   115 N  N   . VAL A 1 24 ? -8.590  -5.492  -10.706 1.00 13.59 ? 24  VAL A N   1 
ATOM   116 C  CA  . VAL A 1 24 ? -8.335  -6.060  -9.388  1.00 14.32 ? 24  VAL A CA  1 
ATOM   117 C  C   . VAL A 1 24 ? -9.589  -6.295  -8.559  1.00 15.56 ? 24  VAL A C   1 
ATOM   118 O  O   . VAL A 1 24 ? -10.660 -5.764  -8.857  1.00 17.25 ? 24  VAL A O   1 
ATOM   119 C  CB  . VAL A 1 24 ? -7.376  -5.155  -8.588  1.00 13.04 ? 24  VAL A CB  1 
ATOM   120 C  CG1 . VAL A 1 24 ? -6.053  -5.036  -9.324  1.00 14.63 ? 24  VAL A CG1 1 
ATOM   121 C  CG2 . VAL A 1 24 ? -8.000  -3.779  -8.392  1.00 13.82 ? 24  VAL A CG2 1 
ATOM   122 N  N   . ARG A 1 25 ? -9.444  -7.095  -7.509  1.00 16.51 ? 25  ARG A N   1 
ATOM   123 C  CA  . ARG A 1 25 ? -10.562 -7.406  -6.632  1.00 18.52 ? 25  ARG A CA  1 
ATOM   124 C  C   . ARG A 1 25 ? -10.926 -6.190  -5.791  1.00 17.62 ? 25  ARG A C   1 
ATOM   125 O  O   . ARG A 1 25 ? -12.099 -5.944  -5.516  1.00 18.12 ? 25  ARG A O   1 
ATOM   126 C  CB  . ARG A 1 25 ? -10.210 -8.583  -5.718  1.00 19.87 ? 25  ARG A CB  1 
ATOM   127 C  CG  . ARG A 1 25 ? -9.753  -9.826  -6.464  1.00 22.20 ? 25  ARG A CG  1 
ATOM   128 C  CD  . ARG A 1 25 ? -9.597  -11.015 -5.524  1.00 24.61 ? 25  ARG A CD  1 
ATOM   129 N  NE  . ARG A 1 25 ? -9.118  -12.205 -6.223  1.00 26.39 ? 25  ARG A NE  1 
ATOM   130 C  CZ  . ARG A 1 25 ? -7.871  -12.370 -6.655  1.00 26.33 ? 25  ARG A CZ  1 
ATOM   131 N  NH1 . ARG A 1 25 ? -6.967  -11.420 -6.458  1.00 27.61 ? 25  ARG A NH1 1 
ATOM   132 N  NH2 . ARG A 1 25 ? -7.528  -13.485 -7.287  1.00 25.83 ? 25  ARG A NH2 1 
ATOM   133 N  N   . LYS A 1 26 ? -9.918  -5.424  -5.390  1.00 16.54 ? 26  LYS A N   1 
ATOM   134 C  CA  . LYS A 1 26 ? -10.167 -4.246  -4.575  1.00 15.56 ? 26  LYS A CA  1 
ATOM   135 C  C   . LYS A 1 26 ? -9.067  -3.205  -4.728  1.00 13.85 ? 26  LYS A C   1 
ATOM   136 O  O   . LYS A 1 26 ? -7.886  -3.540  -4.797  1.00 11.53 ? 26  LYS A O   1 
ATOM   137 C  CB  . LYS A 1 26 ? -10.298 -4.661  -3.109  1.00 19.21 ? 26  LYS A CB  1 
ATOM   138 C  CG  . LYS A 1 26 ? -10.906 -3.608  -2.208  1.00 23.21 ? 26  LYS A CG  1 
ATOM   139 C  CD  . LYS A 1 26 ? -11.349 -4.223  -0.888  1.00 26.07 ? 26  LYS A CD  1 
ATOM   140 C  CE  . LYS A 1 26 ? -12.408 -5.299  -1.111  1.00 27.07 ? 26  LYS A CE  1 
ATOM   141 N  NZ  . LYS A 1 26 ? -12.838 -5.955  0.154   1.00 30.13 ? 26  LYS A NZ  1 
ATOM   142 N  N   . LEU A 1 27 ? -9.468  -1.940  -4.794  1.00 12.00 ? 27  LEU A N   1 
ATOM   143 C  CA  . LEU A 1 27 ? -8.519  -0.842  -4.917  1.00 11.83 ? 27  LEU A CA  1 
ATOM   144 C  C   . LEU A 1 27 ? -8.735  0.075   -3.722  1.00 11.90 ? 27  LEU A C   1 
ATOM   145 O  O   . LEU A 1 27 ? -9.720  0.809   -3.656  1.00 13.61 ? 27  LEU A O   1 
ATOM   146 C  CB  . LEU A 1 27 ? -8.741  -0.074  -6.223  1.00 11.71 ? 27  LEU A CB  1 
ATOM   147 C  CG  . LEU A 1 27 ? -7.648  0.942   -6.574  1.00 11.96 ? 27  LEU A CG  1 
ATOM   148 C  CD1 . LEU A 1 27 ? -6.324  0.214   -6.785  1.00 11.16 ? 27  LEU A CD1 1 
ATOM   149 C  CD2 . LEU A 1 27 ? -8.036  1.715   -7.830  1.00 11.71 ? 27  LEU A CD2 1 
ATOM   150 N  N   . ILE A 1 28 ? -7.806  0.016   -2.776  1.00 11.49 ? 28  ILE A N   1 
ATOM   151 C  CA  . ILE A 1 28 ? -7.876  0.810   -1.559  1.00 10.74 ? 28  ILE A CA  1 
ATOM   152 C  C   . ILE A 1 28 ? -7.306  2.207   -1.772  1.00 10.46 ? 28  ILE A C   1 
ATOM   153 O  O   . ILE A 1 28 ? -6.201  2.369   -2.292  1.00 9.68  ? 28  ILE A O   1 
ATOM   154 C  CB  . ILE A 1 28 ? -7.123  0.101   -0.426  1.00 11.52 ? 28  ILE A CB  1 
ATOM   155 C  CG1 . ILE A 1 28 ? -7.732  -1.292  -0.218  1.00 12.67 ? 28  ILE A CG1 1 
ATOM   156 C  CG2 . ILE A 1 28 ? -7.201  0.919   0.857   1.00 11.58 ? 28  ILE A CG2 1 
ATOM   157 C  CD1 . ILE A 1 28 ? -6.943  -2.181  0.719   1.00 12.01 ? 28  ILE A CD1 1 
ATOM   158 N  N   . ALA A 1 29 ? -8.068  3.211   -1.356  1.00 10.06 ? 29  ALA A N   1 
ATOM   159 C  CA  . ALA A 1 29 ? -7.654  4.593   -1.533  1.00 10.99 ? 29  ALA A CA  1 
ATOM   160 C  C   . ALA A 1 29 ? -7.050  5.267   -0.311  1.00 12.27 ? 29  ALA A C   1 
ATOM   161 O  O   . ALA A 1 29 ? -7.572  5.173   0.801   1.00 12.86 ? 29  ALA A O   1 
ATOM   162 C  CB  . ALA A 1 29 ? -8.834  5.419   -2.028  1.00 11.81 ? 29  ALA A CB  1 
ATOM   163 N  N   . GLY A 1 30 ? -5.933  5.946   -0.541  1.00 12.02 ? 30  GLY A N   1 
ATOM   164 C  CA  . GLY A 1 30 ? -5.282  6.701   0.506   1.00 11.87 ? 30  GLY A CA  1 
ATOM   165 C  C   . GLY A 1 30 ? -5.725  8.123   0.212   1.00 10.83 ? 30  GLY A C   1 
ATOM   166 O  O   . GLY A 1 30 ? -6.577  8.316   -0.658  1.00 11.53 ? 30  GLY A O   1 
ATOM   167 N  N   . PRO A 1 31 ? -5.184  9.138   0.896   1.00 10.31 ? 31  PRO A N   1 
ATOM   168 C  CA  . PRO A 1 31 ? -5.599  10.517  0.627   1.00 11.33 ? 31  PRO A CA  1 
ATOM   169 C  C   . PRO A 1 31 ? -5.449  10.919  -0.839  1.00 10.72 ? 31  PRO A C   1 
ATOM   170 O  O   . PRO A 1 31 ? -6.341  11.548  -1.409  1.00 11.23 ? 31  PRO A O   1 
ATOM   171 C  CB  . PRO A 1 31 ? -4.687  11.332  1.540   1.00 10.68 ? 31  PRO A CB  1 
ATOM   172 C  CG  . PRO A 1 31 ? -4.489  10.418  2.706   1.00 10.68 ? 31  PRO A CG  1 
ATOM   173 C  CD  . PRO A 1 31 ? -4.253  9.082   2.037   1.00 11.73 ? 31  PRO A CD  1 
ATOM   174 N  N   . SER A 1 32 ? -4.327  10.544  -1.447  1.00 10.34 ? 32  SER A N   1 
ATOM   175 C  CA  . SER A 1 32 ? -4.061  10.895  -2.838  1.00 9.96  ? 32  SER A CA  1 
ATOM   176 C  C   . SER A 1 32 ? -3.395  9.753   -3.602  1.00 10.51 ? 32  SER A C   1 
ATOM   177 O  O   . SER A 1 32 ? -2.749  9.978   -4.627  1.00 10.16 ? 32  SER A O   1 
ATOM   178 C  CB  . SER A 1 32 ? -3.151  12.126  -2.890  1.00 10.75 ? 32  SER A CB  1 
ATOM   179 O  OG  . SER A 1 32 ? -3.604  13.130  -1.997  1.00 12.99 ? 32  SER A OG  1 
ATOM   180 N  N   . VAL A 1 33 ? -3.557  8.534   -3.101  1.00 9.10  ? 33  VAL A N   1 
ATOM   181 C  CA  . VAL A 1 33 ? -2.959  7.360   -3.729  1.00 9.28  ? 33  VAL A CA  1 
ATOM   182 C  C   . VAL A 1 33 ? -3.887  6.152   -3.643  1.00 8.25  ? 33  VAL A C   1 
ATOM   183 O  O   . VAL A 1 33 ? -4.946  6.218   -3.023  1.00 7.97  ? 33  VAL A O   1 
ATOM   184 C  CB  . VAL A 1 33 ? -1.612  7.003   -3.058  1.00 9.10  ? 33  VAL A CB  1 
ATOM   185 C  CG1 . VAL A 1 33 ? -0.597  8.115   -3.302  1.00 8.65  ? 33  VAL A CG1 1 
ATOM   186 C  CG2 . VAL A 1 33 ? -1.816  6.791   -1.562  1.00 9.99  ? 33  VAL A CG2 1 
ATOM   187 N  N   . TYR A 1 34 ? -3.478  5.055   -4.271  1.00 7.97  ? 34  TYR A N   1 
ATOM   188 C  CA  . TYR A 1 34 ? -4.265  3.822   -4.284  1.00 7.74  ? 34  TYR A CA  1 
ATOM   189 C  C   . TYR A 1 34 ? -3.353  2.605   -4.273  1.00 6.86  ? 34  TYR A C   1 
ATOM   190 O  O   . TYR A 1 34 ? -2.224  2.664   -4.752  1.00 6.96  ? 34  TYR A O   1 
ATOM   191 C  CB  . TYR A 1 34 ? -5.112  3.741   -5.559  1.00 9.33  ? 34  TYR A CB  1 
ATOM   192 C  CG  . TYR A 1 34 ? -6.096  4.865   -5.752  1.00 8.45  ? 34  TYR A CG  1 
ATOM   193 C  CD1 . TYR A 1 34 ? -7.360  4.820   -5.169  1.00 11.95 ? 34  TYR A CD1 1 
ATOM   194 C  CD2 . TYR A 1 34 ? -5.761  5.978   -6.519  1.00 10.61 ? 34  TYR A CD2 1 
ATOM   195 C  CE1 . TYR A 1 34 ? -8.273  5.861   -5.350  1.00 12.45 ? 34  TYR A CE1 1 
ATOM   196 C  CE2 . TYR A 1 34 ? -6.661  7.024   -6.702  1.00 11.88 ? 34  TYR A CE2 1 
ATOM   197 C  CZ  . TYR A 1 34 ? -7.913  6.958   -6.116  1.00 12.95 ? 34  TYR A CZ  1 
ATOM   198 O  OH  . TYR A 1 34 ? -8.805  7.991   -6.296  1.00 14.67 ? 34  TYR A OH  1 
ATOM   199 N  N   . ILE A 1 35 ? -3.850  1.500   -3.725  1.00 7.84  ? 35  ILE A N   1 
ATOM   200 C  CA  . ILE A 1 35 ? -3.100  0.251   -3.720  1.00 7.83  ? 35  ILE A CA  1 
ATOM   201 C  C   . ILE A 1 35 ? -4.111  -0.876  -3.913  1.00 7.48  ? 35  ILE A C   1 
ATOM   202 O  O   . ILE A 1 35 ? -5.168  -0.882  -3.279  1.00 9.11  ? 35  ILE A O   1 
ATOM   203 C  CB  . ILE A 1 35 ? -2.299  0.043   -2.407  1.00 8.39  ? 35  ILE A CB  1 
ATOM   204 C  CG1 . ILE A 1 35 ? -1.431  -1.213  -2.542  1.00 9.06  ? 35  ILE A CG1 1 
ATOM   205 C  CG2 . ILE A 1 35 ? -3.238  -0.069  -1.213  1.00 8.31  ? 35  ILE A CG2 1 
ATOM   206 C  CD1 . ILE A 1 35 ? -0.407  -1.386  -1.436  1.00 10.07 ? 35  ILE A CD1 1 
ATOM   207 N  N   . CYS A 1 36 ? -3.805  -1.812  -4.808  1.00 8.49  ? 36  CYS A N   1 
ATOM   208 C  CA  . CYS A 1 36 ? -4.719  -2.920  -5.070  1.00 8.12  ? 36  CYS A CA  1 
ATOM   209 C  C   . CYS A 1 36 ? -4.432  -4.117  -4.166  1.00 9.34  ? 36  CYS A C   1 
ATOM   210 O  O   . CYS A 1 36 ? -3.405  -4.167  -3.487  1.00 9.49  ? 36  CYS A O   1 
ATOM   211 C  CB  . CYS A 1 36 ? -4.637  -3.349  -6.540  1.00 9.01  ? 36  CYS A CB  1 
ATOM   212 S  SG  . CYS A 1 36 ? -3.158  -4.286  -6.968  1.00 10.18 ? 36  CYS A SG  1 
ATOM   213 N  N   . ASP A 1 37 ? -5.351  -5.079  -4.163  1.00 10.08 ? 37  ASP A N   1 
ATOM   214 C  CA  . ASP A 1 37 ? -5.208  -6.269  -3.334  1.00 11.21 ? 37  ASP A CA  1 
ATOM   215 C  C   . ASP A 1 37 ? -3.984  -7.099  -3.702  1.00 10.61 ? 37  ASP A C   1 
ATOM   216 O  O   . ASP A 1 37 ? -3.384  -7.737  -2.841  1.00 9.28  ? 37  ASP A O   1 
ATOM   217 C  CB  . ASP A 1 37 ? -6.468  -7.140  -3.427  1.00 11.54 ? 37  ASP A CB  1 
ATOM   218 C  CG  . ASP A 1 37 ? -6.770  -7.578  -4.843  1.00 13.21 ? 37  ASP A CG  1 
ATOM   219 O  OD1 . ASP A 1 37 ? -7.164  -6.719  -5.657  1.00 14.90 ? 37  ASP A OD1 1 
ATOM   220 O  OD2 . ASP A 1 37 ? -6.606  -8.779  -5.146  1.00 15.72 ? 37  ASP A OD2 1 
ATOM   221 N  N   . GLU A 1 38 ? -3.608  -7.094  -4.977  1.00 9.26  ? 38  GLU A N   1 
ATOM   222 C  CA  . GLU A 1 38 ? -2.448  -7.865  -5.407  1.00 11.38 ? 38  GLU A CA  1 
ATOM   223 C  C   . GLU A 1 38 ? -1.177  -7.275  -4.807  1.00 9.95  ? 38  GLU A C   1 
ATOM   224 O  O   . GLU A 1 38 ? -0.297  -8.004  -4.352  1.00 11.16 ? 38  GLU A O   1 
ATOM   225 C  CB  . GLU A 1 38 ? -2.349  -7.883  -6.935  1.00 12.64 ? 38  GLU A CB  1 
ATOM   226 C  CG  . GLU A 1 38 ? -3.655  -8.240  -7.624  1.00 15.68 ? 38  GLU A CG  1 
ATOM   227 C  CD  . GLU A 1 38 ? -3.464  -8.655  -9.070  1.00 16.33 ? 38  GLU A CD  1 
ATOM   228 O  OE1 . GLU A 1 38 ? -2.503  -8.180  -9.708  1.00 17.72 ? 38  GLU A OE1 1 
ATOM   229 O  OE2 . GLU A 1 38 ? -4.287  -9.449  -9.572  1.00 20.47 ? 38  GLU A OE2 1 
ATOM   230 N  N   . CYS A 1 39 ? -1.082  -5.951  -4.801  1.00 9.23  ? 39  CYS A N   1 
ATOM   231 C  CA  . CYS A 1 39 ? 0.089   -5.301  -4.237  1.00 9.43  ? 39  CYS A CA  1 
ATOM   232 C  C   . CYS A 1 39 ? 0.113   -5.439  -2.720  1.00 9.92  ? 39  CYS A C   1 
ATOM   233 O  O   . CYS A 1 39 ? 1.183   -5.504  -2.117  1.00 9.59  ? 39  CYS A O   1 
ATOM   234 C  CB  . CYS A 1 39 ? 0.137   -3.831  -4.658  1.00 8.78  ? 39  CYS A CB  1 
ATOM   235 S  SG  . CYS A 1 39 ? 0.672   -3.639  -6.374  1.00 9.73  ? 39  CYS A SG  1 
ATOM   236 N  N   . VAL A 1 40 ? -1.063  -5.491  -2.100  1.00 8.87  ? 40  VAL A N   1 
ATOM   237 C  CA  . VAL A 1 40 ? -1.127  -5.664  -0.653  1.00 9.35  ? 40  VAL A CA  1 
ATOM   238 C  C   . VAL A 1 40 ? -0.590  -7.064  -0.376  1.00 9.10  ? 40  VAL A C   1 
ATOM   239 O  O   . VAL A 1 40 ? 0.170   -7.281  0.566   1.00 9.60  ? 40  VAL A O   1 
ATOM   240 C  CB  . VAL A 1 40 ? -2.578  -5.549  -0.128  1.00 8.76  ? 40  VAL A CB  1 
ATOM   241 C  CG1 . VAL A 1 40 ? -2.655  -5.998  1.332   1.00 9.60  ? 40  VAL A CG1 1 
ATOM   242 C  CG2 . VAL A 1 40 ? -3.056  -4.108  -0.253  1.00 10.75 ? 40  VAL A CG2 1 
ATOM   243 N  N   . ASP A 1 41 ? -0.987  -8.005  -1.227  1.00 11.52 ? 41  ASP A N   1 
ATOM   244 C  CA  . ASP A 1 41 ? -0.551  -9.392  -1.118  1.00 13.47 ? 41  ASP A CA  1 
ATOM   245 C  C   . ASP A 1 41 ? 0.976   -9.421  -1.180  1.00 12.10 ? 41  ASP A C   1 
ATOM   246 O  O   . ASP A 1 41 ? 1.632   -10.076 -0.372  1.00 13.64 ? 41  ASP A O   1 
ATOM   247 C  CB  . ASP A 1 41 ? -1.142  -10.198 -2.276  1.00 18.40 ? 41  ASP A CB  1 
ATOM   248 C  CG  . ASP A 1 41 ? -0.978  -11.685 -2.093  1.00 25.49 ? 41  ASP A CG  1 
ATOM   249 O  OD1 . ASP A 1 41 ? -0.512  -12.092 -1.009  1.00 30.51 ? 41  ASP A OD1 1 
ATOM   250 O  OD2 . ASP A 1 41 ? -1.321  -12.444 -3.020  1.00 28.41 ? 41  ASP A OD2 1 
ATOM   251 N  N   . LEU A 1 42 ? 1.534   -8.700  -2.147  1.00 10.78 ? 42  LEU A N   1 
ATOM   252 C  CA  . LEU A 1 42 ? 2.979   -8.627  -2.314  1.00 10.99 ? 42  LEU A CA  1 
ATOM   253 C  C   . LEU A 1 42 ? 3.624   -7.963  -1.098  1.00 10.48 ? 42  LEU A C   1 
ATOM   254 O  O   . LEU A 1 42 ? 4.698   -8.372  -0.650  1.00 10.17 ? 42  LEU A O   1 
ATOM   255 C  CB  . LEU A 1 42 ? 3.312   -7.847  -3.591  1.00 11.24 ? 42  LEU A CB  1 
ATOM   256 C  CG  . LEU A 1 42 ? 4.783   -7.564  -3.896  1.00 12.28 ? 42  LEU A CG  1 
ATOM   257 C  CD1 . LEU A 1 42 ? 5.595   -8.851  -3.830  1.00 12.51 ? 42  LEU A CD1 1 
ATOM   258 C  CD2 . LEU A 1 42 ? 4.886   -6.930  -5.275  1.00 12.74 ? 42  LEU A CD2 1 
ATOM   259 N  N   . CYS A 1 43 ? 2.966   -6.940  -0.561  1.00 10.79 ? 43  CYS A N   1 
ATOM   260 C  CA  . CYS A 1 43 ? 3.481   -6.246  0.614   1.00 9.61  ? 43  CYS A CA  1 
ATOM   261 C  C   . CYS A 1 43 ? 3.596   -7.203  1.796   1.00 9.10  ? 43  CYS A C   1 
ATOM   262 O  O   . CYS A 1 43 ? 4.533   -7.108  2.589   1.00 9.40  ? 43  CYS A O   1 
ATOM   263 C  CB  . CYS A 1 43 ? 2.577   -5.064  0.990   1.00 7.84  ? 43  CYS A CB  1 
ATOM   264 S  SG  . CYS A 1 43 ? 2.838   -3.573  -0.008  1.00 10.07 ? 43  CYS A SG  1 
ATOM   265 N  N   . ASN A 1 44 ? 2.648   -8.129  1.918   1.00 9.50  ? 44  ASN A N   1 
ATOM   266 C  CA  . ASN A 1 44 ? 2.701   -9.083  3.017   1.00 9.19  ? 44  ASN A CA  1 
ATOM   267 C  C   . ASN A 1 44 ? 3.941   -9.963  2.898   1.00 10.40 ? 44  ASN A C   1 
ATOM   268 O  O   . ASN A 1 44 ? 4.572   -10.284 3.904   1.00 10.14 ? 44  ASN A O   1 
ATOM   269 C  CB  . ASN A 1 44 ? 1.439   -9.950  3.059   1.00 9.22  ? 44  ASN A CB  1 
ATOM   270 C  CG  . ASN A 1 44 ? 0.216   -9.170  3.497   1.00 10.99 ? 44  ASN A CG  1 
ATOM   271 O  OD1 . ASN A 1 44 ? 0.297   -8.324  4.388   1.00 11.54 ? 44  ASN A OD1 1 
ATOM   272 N  ND2 . ASN A 1 44 ? -0.925  -9.459  2.882   1.00 10.73 ? 44  ASN A ND2 1 
ATOM   273 N  N   . ASP A 1 45 ? 4.297   -10.345 1.673   1.00 9.75  ? 45  ASP A N   1 
ATOM   274 C  CA  . ASP A 1 45 ? 5.486   -11.173 1.465   1.00 9.95  ? 45  ASP A CA  1 
ATOM   275 C  C   . ASP A 1 45 ? 6.739   -10.399 1.842   1.00 10.87 ? 45  ASP A C   1 
ATOM   276 O  O   . ASP A 1 45 ? 7.676   -10.952 2.414   1.00 9.52  ? 45  ASP A O   1 
ATOM   277 C  CB  . ASP A 1 45 ? 5.615   -11.612 0.006   1.00 10.67 ? 45  ASP A CB  1 
ATOM   278 C  CG  . ASP A 1 45 ? 4.428   -12.405 -0.466  1.00 13.53 ? 45  ASP A CG  1 
ATOM   279 O  OD1 . ASP A 1 45 ? 3.750   -13.021 0.384   1.00 13.77 ? 45  ASP A OD1 1 
ATOM   280 O  OD2 . ASP A 1 45 ? 4.184   -12.424 -1.691  1.00 15.45 ? 45  ASP A OD2 1 
ATOM   281 N  N   . ILE A 1 46 ? 6.754   -9.115  1.502   1.00 9.80  ? 46  ILE A N   1 
ATOM   282 C  CA  . ILE A 1 46 ? 7.894   -8.263  1.805   1.00 10.67 ? 46  ILE A CA  1 
ATOM   283 C  C   . ILE A 1 46 ? 8.054   -8.090  3.312   1.00 10.85 ? 46  ILE A C   1 
ATOM   284 O  O   . ILE A 1 46 ? 9.148   -8.241  3.851   1.00 10.51 ? 46  ILE A O   1 
ATOM   285 C  CB  . ILE A 1 46 ? 7.727   -6.873  1.152   1.00 11.21 ? 46  ILE A CB  1 
ATOM   286 C  CG1 . ILE A 1 46 ? 7.702   -7.021  -0.373  1.00 12.74 ? 46  ILE A CG1 1 
ATOM   287 C  CG2 . ILE A 1 46 ? 8.851   -5.947  1.596   1.00 11.97 ? 46  ILE A CG2 1 
ATOM   288 C  CD1 . ILE A 1 46 ? 7.456   -5.716  -1.119  1.00 12.60 ? 46  ILE A CD1 1 
ATOM   289 N  N   . ILE A 1 47 ? 6.955   -7.776  3.987   1.00 11.73 ? 47  ILE A N   1 
ATOM   290 C  CA  . ILE A 1 47 ? 6.978   -7.575  5.430   1.00 12.63 ? 47  ILE A CA  1 
ATOM   291 C  C   . ILE A 1 47 ? 7.254   -8.866  6.195   1.00 12.01 ? 47  ILE A C   1 
ATOM   292 O  O   . ILE A 1 47 ? 8.075   -8.888  7.112   1.00 13.36 ? 47  ILE A O   1 
ATOM   293 C  CB  . ILE A 1 47 ? 5.642   -6.970  5.919   1.00 12.56 ? 47  ILE A CB  1 
ATOM   294 C  CG1 . ILE A 1 47 ? 5.477   -5.561  5.344   1.00 13.12 ? 47  ILE A CG1 1 
ATOM   295 C  CG2 . ILE A 1 47 ? 5.604   -6.937  7.441   1.00 13.19 ? 47  ILE A CG2 1 
ATOM   296 C  CD1 . ILE A 1 47 ? 4.137   -4.923  5.643   1.00 14.05 ? 47  ILE A CD1 1 
ATOM   297 N  N   . ARG A 1 48 ? 6.571   -9.940  5.814   1.00 13.12 ? 48  ARG A N   1 
ATOM   298 C  CA  . ARG A 1 48 ? 6.741   -11.227 6.480   1.00 12.98 ? 48  ARG A CA  1 
ATOM   299 C  C   . ARG A 1 48 ? 7.985   -11.972 6.002   1.00 13.67 ? 48  ARG A C   1 
ATOM   300 O  O   . ARG A 1 48 ? 8.398   -12.957 6.615   1.00 11.94 ? 48  ARG A O   1 
ATOM   301 C  CB  . ARG A 1 48 ? 5.499   -12.095 6.263   1.00 14.93 ? 48  ARG A CB  1 
ATOM   302 C  CG  . ARG A 1 48 ? 4.214   -11.460 6.775   1.00 18.19 ? 48  ARG A CG  1 
ATOM   303 C  CD  . ARG A 1 48 ? 2.983   -12.201 6.278   1.00 22.83 ? 48  ARG A CD  1 
ATOM   304 N  NE  . ARG A 1 48 ? 1.752   -11.501 6.635   1.00 26.72 ? 48  ARG A NE  1 
ATOM   305 C  CZ  . ARG A 1 48 ? 0.542   -11.841 6.201   1.00 28.55 ? 48  ARG A CZ  1 
ATOM   306 N  NH1 . ARG A 1 48 ? 0.391   -12.876 5.385   1.00 29.18 ? 48  ARG A NH1 1 
ATOM   307 N  NH2 . ARG A 1 48 ? -0.519  -11.140 6.579   1.00 30.76 ? 48  ARG A NH2 1 
ATOM   308 N  N   . GLU A 1 49 ? 8.577   -11.491 4.909   1.00 12.72 ? 49  GLU A N   1 
ATOM   309 C  CA  . GLU A 1 49 ? 9.776   -12.097 4.333   1.00 13.21 ? 49  GLU A CA  1 
ATOM   310 C  C   . GLU A 1 49 ? 9.544   -13.586 4.093   1.00 13.30 ? 49  GLU A C   1 
ATOM   311 O  O   . GLU A 1 49 ? 10.269  -14.443 4.602   1.00 13.38 ? 49  GLU A O   1 
ATOM   312 C  CB  . GLU A 1 49 ? 10.971  -11.870 5.265   1.00 15.20 ? 49  GLU A CB  1 
ATOM   313 C  CG  . GLU A 1 49 ? 11.095  -10.416 5.710   1.00 18.17 ? 49  GLU A CG  1 
ATOM   314 C  CD  . GLU A 1 49 ? 12.315  -10.147 6.570   1.00 19.88 ? 49  GLU A CD  1 
ATOM   315 O  OE1 . GLU A 1 49 ? 12.622  -10.974 7.453   1.00 21.44 ? 49  GLU A OE1 1 
ATOM   316 O  OE2 . GLU A 1 49 ? 12.958  -9.096  6.370   1.00 22.15 ? 49  GLU A OE2 1 
ATOM   317 N  N   . GLU A 1 50 ? 8.517   -13.876 3.301   1.00 14.48 ? 50  GLU A N   1 
ATOM   318 C  CA  . GLU A 1 50 ? 8.145   -15.247 2.988   1.00 14.73 ? 50  GLU A CA  1 
ATOM   319 C  C   . GLU A 1 50 ? 7.496   -15.352 1.612   1.00 14.33 ? 50  GLU A C   1 
ATOM   320 O  O   . GLU A 1 50 ? 6.970   -14.371 1.085   1.00 14.58 ? 50  GLU A O   1 
ATOM   321 C  CB  . GLU A 1 50 ? 7.165   -15.763 4.040   1.00 16.66 ? 50  GLU A CB  1 
ATOM   322 C  CG  . GLU A 1 50 ? 6.011   -14.804 4.297   1.00 21.72 ? 50  GLU A CG  1 
ATOM   323 C  CD  . GLU A 1 50 ? 4.916   -15.408 5.150   1.00 22.83 ? 50  GLU A CD  1 
ATOM   324 O  OE1 . GLU A 1 50 ? 5.238   -16.033 6.180   1.00 23.41 ? 50  GLU A OE1 1 
ATOM   325 O  OE2 . GLU A 1 50 ? 3.729   -15.247 4.790   1.00 25.81 ? 50  GLU A OE2 1 
ATOM   326 N  N   . ILE A 1 51 ? 7.545   -16.552 1.045   1.00 13.46 ? 51  ILE A N   1 
ATOM   327 C  CA  . ILE A 1 51 ? 6.952   -16.831 -0.256  1.00 13.47 ? 51  ILE A CA  1 
ATOM   328 C  C   . ILE A 1 51 ? 5.908   -17.929 -0.073  1.00 15.86 ? 51  ILE A C   1 
ATOM   329 O  O   . ILE A 1 51 ? 6.202   -18.973 0.514   1.00 16.32 ? 51  ILE A O   1 
ATOM   330 C  CB  . ILE A 1 51 ? 8.012   -17.330 -1.265  1.00 12.94 ? 51  ILE A CB  1 
ATOM   331 C  CG1 . ILE A 1 51 ? 9.019   -16.217 -1.561  1.00 14.66 ? 51  ILE A CG1 1 
ATOM   332 C  CG2 . ILE A 1 51 ? 7.333   -17.812 -2.541  1.00 12.19 ? 51  ILE A CG2 1 
ATOM   333 C  CD1 . ILE A 1 51 ? 10.100  -16.609 -2.552  1.00 14.62 ? 51  ILE A CD1 1 
ATOM   334 O  OXT . ILE A 1 51 ? 4.694   -17.706 -0.294  1.00 17.27 ? 51  ILE A OXT 1 
ATOM   335 N  N   . SER B 1 8  ? 20.060  10.506  0.166   1.00 21.48 ? 8   SER B N   1 
ATOM   336 C  CA  . SER B 1 8  ? 20.743  10.176  1.449   1.00 20.27 ? 8   SER B CA  1 
ATOM   337 C  C   . SER B 1 8  ? 20.245  11.055  2.589   1.00 19.70 ? 8   SER B C   1 
ATOM   338 O  O   . SER B 1 8  ? 20.187  12.281  2.466   1.00 18.51 ? 8   SER B O   1 
ATOM   339 C  CB  . SER B 1 8  ? 22.258  10.354  1.305   1.00 18.00 ? 8   SER B CB  1 
ATOM   340 O  OG  . SER B 1 8  ? 22.783  9.482   0.324   1.00 17.82 ? 8   SER B OG  1 
ATOM   341 N  N   . GLY B 1 9  ? 19.883  10.414  3.696   1.00 19.74 ? 9   GLY B N   1 
ATOM   342 C  CA  . GLY B 1 9  ? 19.408  11.135  4.863   1.00 19.31 ? 9   GLY B CA  1 
ATOM   343 C  C   . GLY B 1 9  ? 18.021  11.740  4.765   1.00 20.98 ? 9   GLY B C   1 
ATOM   344 O  O   . GLY B 1 9  ? 17.502  12.236  5.758   1.00 20.16 ? 9   GLY B O   1 
ATOM   345 N  N   . LYS B 1 10 ? 17.407  11.698  3.588   1.00 21.77 ? 10  LYS B N   1 
ATOM   346 C  CA  . LYS B 1 10 ? 16.078  12.280  3.412   1.00 22.61 ? 10  LYS B CA  1 
ATOM   347 C  C   . LYS B 1 10 ? 14.947  11.472  4.047   1.00 21.69 ? 10  LYS B C   1 
ATOM   348 O  O   . LYS B 1 10 ? 14.993  10.241  4.100   1.00 21.88 ? 10  LYS B O   1 
ATOM   349 C  CB  . LYS B 1 10 ? 15.787  12.480  1.922   1.00 23.76 ? 10  LYS B CB  1 
ATOM   350 C  CG  . LYS B 1 10 ? 16.669  13.435  1.359   1.00 26.18 ? 10  LYS B CG  1 
ATOM   351 N  N   . LEU B 1 11 ? 13.932  12.181  4.528   1.00 21.29 ? 11  LEU B N   1 
ATOM   352 C  CA  . LEU B 1 11 ? 12.775  11.546  5.146   1.00 19.86 ? 11  LEU B CA  1 
ATOM   353 C  C   . LEU B 1 11 ? 11.789  11.053  4.100   1.00 17.71 ? 11  LEU B C   1 
ATOM   354 O  O   . LEU B 1 11 ? 11.409  11.791  3.189   1.00 17.87 ? 11  LEU B O   1 
ATOM   355 C  CB  . LEU B 1 11 ? 12.049  12.519  6.081   1.00 20.77 ? 11  LEU B CB  1 
ATOM   356 C  CG  . LEU B 1 11 ? 12.566  12.692  7.509   1.00 22.32 ? 11  LEU B CG  1 
ATOM   357 C  CD1 . LEU B 1 11 ? 11.640  13.632  8.269   1.00 24.87 ? 11  LEU B CD1 1 
ATOM   358 C  CD2 . LEU B 1 11 ? 12.619  11.343  8.203   1.00 24.06 ? 11  LEU B CD2 1 
ATOM   359 N  N   . LEU B 1 12 ? 11.381  9.797   4.237   1.00 16.67 ? 12  LEU B N   1 
ATOM   360 C  CA  . LEU B 1 12 ? 10.412  9.193   3.335   1.00 15.15 ? 12  LEU B CA  1 
ATOM   361 C  C   . LEU B 1 12 ? 9.150   8.998   4.161   1.00 13.70 ? 12  LEU B C   1 
ATOM   362 O  O   . LEU B 1 12 ? 9.225   8.633   5.334   1.00 13.44 ? 12  LEU B O   1 
ATOM   363 C  CB  . LEU B 1 12 ? 10.922  7.840   2.830   1.00 16.50 ? 12  LEU B CB  1 
ATOM   364 C  CG  . LEU B 1 12 ? 12.272  7.845   2.108   1.00 18.52 ? 12  LEU B CG  1 
ATOM   365 C  CD1 . LEU B 1 12 ? 12.660  6.419   1.737   1.00 19.28 ? 12  LEU B CD1 1 
ATOM   366 C  CD2 . LEU B 1 12 ? 12.185  8.722   0.868   1.00 20.09 ? 12  LEU B CD2 1 
ATOM   367 N  N   . TYR B 1 13 ? 7.994   9.250   3.558   1.00 13.08 ? 13  TYR B N   1 
ATOM   368 C  CA  . TYR B 1 13 ? 6.740   9.098   4.276   1.00 12.45 ? 13  TYR B CA  1 
ATOM   369 C  C   . TYR B 1 13 ? 5.799   8.108   3.620   1.00 10.54 ? 13  TYR B C   1 
ATOM   370 O  O   . TYR B 1 13 ? 5.795   7.943   2.400   1.00 12.02 ? 13  TYR B O   1 
ATOM   371 C  CB  . TYR B 1 13 ? 6.001   10.437  4.378   1.00 13.24 ? 13  TYR B CB  1 
ATOM   372 C  CG  . TYR B 1 13 ? 6.763   11.539  5.065   1.00 14.76 ? 13  TYR B CG  1 
ATOM   373 C  CD1 . TYR B 1 13 ? 7.635   12.358  4.352   1.00 16.41 ? 13  TYR B CD1 1 
ATOM   374 C  CD2 . TYR B 1 13 ? 6.596   11.778  6.427   1.00 16.91 ? 13  TYR B CD2 1 
ATOM   375 C  CE1 . TYR B 1 13 ? 8.322   13.394  4.979   1.00 18.42 ? 13  TYR B CE1 1 
ATOM   376 C  CE2 . TYR B 1 13 ? 7.278   12.810  7.065   1.00 19.03 ? 13  TYR B CE2 1 
ATOM   377 C  CZ  . TYR B 1 13 ? 8.137   13.614  6.335   1.00 20.49 ? 13  TYR B CZ  1 
ATOM   378 O  OH  . TYR B 1 13 ? 8.805   14.639  6.959   1.00 23.35 ? 13  TYR B OH  1 
ATOM   379 N  N   . CYS B 1 14 ? 4.998   7.450   4.449   1.00 10.48 ? 14  CYS B N   1 
ATOM   380 C  CA  . CYS B 1 14 ? 4.005   6.528   3.939   1.00 10.02 ? 14  CYS B CA  1 
ATOM   381 C  C   . CYS B 1 14 ? 2.977   7.428   3.265   1.00 10.03 ? 14  CYS B C   1 
ATOM   382 O  O   . CYS B 1 14 ? 2.503   8.394   3.868   1.00 9.70  ? 14  CYS B O   1 
ATOM   383 C  CB  . CYS B 1 14 ? 3.350   5.758   5.085   1.00 10.13 ? 14  CYS B CB  1 
ATOM   384 S  SG  . CYS B 1 14 ? 1.888   4.843   4.570   1.00 9.18  ? 14  CYS B SG  1 
ATOM   385 N  N   . SER B 1 15 ? 2.640   7.117   2.019   1.00 9.24  ? 15  SER B N   1 
ATOM   386 C  CA  . SER B 1 15 ? 1.680   7.917   1.269   1.00 9.94  ? 15  SER B CA  1 
ATOM   387 C  C   . SER B 1 15 ? 0.251   7.774   1.781   1.00 10.07 ? 15  SER B C   1 
ATOM   388 O  O   . SER B 1 15 ? -0.623  8.567   1.422   1.00 10.83 ? 15  SER B O   1 
ATOM   389 C  CB  . SER B 1 15 ? 1.726   7.532   -0.211  1.00 8.83  ? 15  SER B CB  1 
ATOM   390 O  OG  . SER B 1 15 ? 3.034   7.683   -0.734  1.00 10.33 ? 15  SER B OG  1 
ATOM   391 N  N   . PHE B 1 16 ? 0.005   6.774   2.623   1.00 9.58  ? 16  PHE B N   1 
ATOM   392 C  CA  . PHE B 1 16 ? -1.340  6.553   3.140   1.00 10.61 ? 16  PHE B CA  1 
ATOM   393 C  C   . PHE B 1 16 ? -1.638  7.163   4.505   1.00 11.18 ? 16  PHE B C   1 
ATOM   394 O  O   . PHE B 1 16 ? -2.704  7.748   4.695   1.00 12.77 ? 16  PHE B O   1 
ATOM   395 C  CB  . PHE B 1 16 ? -1.659  5.053   3.154   1.00 9.80  ? 16  PHE B CB  1 
ATOM   396 C  CG  . PHE B 1 16 ? -1.680  4.436   1.786   1.00 8.47  ? 16  PHE B CG  1 
ATOM   397 C  CD1 . PHE B 1 16 ? -0.495  4.214   1.092   1.00 8.19  ? 16  PHE B CD1 1 
ATOM   398 C  CD2 . PHE B 1 16 ? -2.889  4.125   1.167   1.00 9.02  ? 16  PHE B CD2 1 
ATOM   399 C  CE1 . PHE B 1 16 ? -0.510  3.698   -0.201  1.00 7.22  ? 16  PHE B CE1 1 
ATOM   400 C  CE2 . PHE B 1 16 ? -2.917  3.608   -0.127  1.00 8.25  ? 16  PHE B CE2 1 
ATOM   401 C  CZ  . PHE B 1 16 ? -1.726  3.393   -0.812  1.00 8.28  ? 16  PHE B CZ  1 
ATOM   402 N  N   . CYS B 1 17 ? -0.711  7.043   5.453   1.00 11.25 ? 17  CYS B N   1 
ATOM   403 C  CA  . CYS B 1 17 ? -0.938  7.597   6.787   1.00 11.14 ? 17  CYS B CA  1 
ATOM   404 C  C   . CYS B 1 17 ? -0.043  8.787   7.127   1.00 12.06 ? 17  CYS B C   1 
ATOM   405 O  O   . CYS B 1 17 ? -0.299  9.501   8.097   1.00 12.86 ? 17  CYS B O   1 
ATOM   406 C  CB  . CYS B 1 17 ? -0.766  6.513   7.854   1.00 10.95 ? 17  CYS B CB  1 
ATOM   407 S  SG  . CYS B 1 17 ? 0.941   6.017   8.140   1.00 11.75 ? 17  CYS B SG  1 
ATOM   408 N  N   . GLY B 1 18 ? 1.012   8.992   6.343   1.00 10.73 ? 18  GLY B N   1 
ATOM   409 C  CA  . GLY B 1 18 ? 1.899   10.117  6.585   1.00 12.13 ? 18  GLY B CA  1 
ATOM   410 C  C   . GLY B 1 18 ? 3.055   9.910   7.550   1.00 13.50 ? 18  GLY B C   1 
ATOM   411 O  O   . GLY B 1 18 ? 3.833   10.836  7.787   1.00 15.03 ? 18  GLY B O   1 
ATOM   412 N  N   . LYS B 1 19 ? 3.179   8.717   8.120   1.00 14.27 ? 19  LYS B N   1 
ATOM   413 C  CA  . LYS B 1 19 ? 4.279   8.457   9.045   1.00 14.21 ? 19  LYS B CA  1 
ATOM   414 C  C   . LYS B 1 19 ? 5.590   8.319   8.275   1.00 15.07 ? 19  LYS B C   1 
ATOM   415 O  O   . LYS B 1 19 ? 5.600   7.850   7.138   1.00 14.00 ? 19  LYS B O   1 
ATOM   416 C  CB  . LYS B 1 19 ? 4.018   7.183   9.852   1.00 13.49 ? 19  LYS B CB  1 
ATOM   417 C  CG  . LYS B 1 19 ? 2.928   7.330   10.901  1.00 16.05 ? 19  LYS B CG  1 
ATOM   418 C  CD  . LYS B 1 19 ? 2.803   6.073   11.751  1.00 19.67 ? 19  LYS B CD  1 
ATOM   419 C  CE  . LYS B 1 19 ? 1.796   6.269   12.873  1.00 22.94 ? 19  LYS B CE  1 
ATOM   420 N  NZ  . LYS B 1 19 ? 1.603   5.035   13.688  1.00 24.94 ? 19  LYS B NZ  1 
ATOM   421 N  N   . SER B 1 20 ? 6.693   8.738   8.890   1.00 15.66 ? 20  SER B N   1 
ATOM   422 C  CA  . SER B 1 20 ? 8.004   8.643   8.251   1.00 16.24 ? 20  SER B CA  1 
ATOM   423 C  C   . SER B 1 20 ? 8.561   7.238   8.447   1.00 16.67 ? 20  SER B C   1 
ATOM   424 O  O   . SER B 1 20 ? 8.014   6.452   9.222   1.00 16.72 ? 20  SER B O   1 
ATOM   425 C  CB  . SER B 1 20 ? 8.971   9.668   8.851   1.00 17.16 ? 20  SER B CB  1 
ATOM   426 O  OG  . SER B 1 20 ? 9.289   9.339   10.193  1.00 17.88 ? 20  SER B OG  1 
ATOM   427 N  N   . GLN B 1 21 ? 9.651   6.922   7.753   1.00 17.66 ? 21  GLN B N   1 
ATOM   428 C  CA  . GLN B 1 21 ? 10.242  5.595   7.864   1.00 19.54 ? 21  GLN B CA  1 
ATOM   429 C  C   . GLN B 1 21 ? 10.811  5.315   9.253   1.00 20.00 ? 21  GLN B C   1 
ATOM   430 O  O   . GLN B 1 21 ? 11.087  4.166   9.595   1.00 21.78 ? 21  GLN B O   1 
ATOM   431 C  CB  . GLN B 1 21 ? 11.333  5.385   6.801   1.00 20.22 ? 21  GLN B CB  1 
ATOM   432 C  CG  . GLN B 1 21 ? 12.676  6.063   7.058   1.00 22.58 ? 21  GLN B CG  1 
ATOM   433 C  CD  . GLN B 1 21 ? 12.742  7.493   6.552   1.00 24.00 ? 21  GLN B CD  1 
ATOM   434 O  OE1 . GLN B 1 21 ? 13.810  7.974   6.171   1.00 26.08 ? 21  GLN B OE1 1 
ATOM   435 N  NE2 . GLN B 1 21 ? 11.607  8.178   6.550   1.00 24.20 ? 21  GLN B NE2 1 
ATOM   436 N  N   . HIS B 1 22 ? 10.971  6.362   10.055  1.00 20.09 ? 22  HIS B N   1 
ATOM   437 C  CA  . HIS B 1 22 ? 11.504  6.202   11.404  1.00 20.72 ? 22  HIS B CA  1 
ATOM   438 C  C   . HIS B 1 22 ? 10.390  5.948   12.413  1.00 20.70 ? 22  HIS B C   1 
ATOM   439 O  O   . HIS B 1 22 ? 10.652  5.637   13.575  1.00 21.88 ? 22  HIS B O   1 
ATOM   440 C  CB  . HIS B 1 22 ? 12.288  7.452   11.814  1.00 21.48 ? 22  HIS B CB  1 
ATOM   441 C  CG  . HIS B 1 22 ? 13.400  7.801   10.877  1.00 22.75 ? 22  HIS B CG  1 
ATOM   442 N  ND1 . HIS B 1 22 ? 14.399  6.912   10.541  1.00 24.06 ? 22  HIS B ND1 1 
ATOM   443 C  CD2 . HIS B 1 22 ? 13.671  8.942   10.201  1.00 23.54 ? 22  HIS B CD2 1 
ATOM   444 C  CE1 . HIS B 1 22 ? 15.235  7.490   9.699   1.00 23.47 ? 22  HIS B CE1 1 
ATOM   445 N  NE2 . HIS B 1 22 ? 14.815  8.724   9.475   1.00 23.04 ? 22  HIS B NE2 1 
ATOM   446 N  N   . GLU B 1 23 ? 9.146   6.076   11.961  1.00 19.90 ? 23  GLU B N   1 
ATOM   447 C  CA  . GLU B 1 23 ? 7.989   5.877   12.828  1.00 18.92 ? 23  GLU B CA  1 
ATOM   448 C  C   . GLU B 1 23 ? 7.306   4.534   12.593  1.00 18.12 ? 23  GLU B C   1 
ATOM   449 O  O   . GLU B 1 23 ? 6.359   4.180   13.298  1.00 19.16 ? 23  GLU B O   1 
ATOM   450 C  CB  . GLU B 1 23 ? 6.976   7.005   12.612  1.00 21.31 ? 23  GLU B CB  1 
ATOM   451 C  CG  . GLU B 1 23 ? 7.518   8.393   12.919  1.00 22.88 ? 23  GLU B CG  1 
ATOM   452 C  CD  . GLU B 1 23 ? 6.517   9.491   12.612  1.00 26.32 ? 23  GLU B CD  1 
ATOM   453 O  OE1 . GLU B 1 23 ? 6.158   9.660   11.428  1.00 25.49 ? 23  GLU B OE1 1 
ATOM   454 O  OE2 . GLU B 1 23 ? 6.085   10.187  13.556  1.00 28.41 ? 23  GLU B OE2 1 
ATOM   455 N  N   . VAL B 1 24 ? 7.787   3.785   11.608  1.00 16.22 ? 24  VAL B N   1 
ATOM   456 C  CA  . VAL B 1 24 ? 7.201   2.486   11.295  1.00 15.78 ? 24  VAL B CA  1 
ATOM   457 C  C   . VAL B 1 24 ? 8.270   1.407   11.185  1.00 16.04 ? 24  VAL B C   1 
ATOM   458 O  O   . VAL B 1 24 ? 9.461   1.704   11.142  1.00 16.94 ? 24  VAL B O   1 
ATOM   459 C  CB  . VAL B 1 24 ? 6.409   2.544   9.971   1.00 15.36 ? 24  VAL B CB  1 
ATOM   460 C  CG1 . VAL B 1 24 ? 5.292   3.568   10.085  1.00 14.78 ? 24  VAL B CG1 1 
ATOM   461 C  CG2 . VAL B 1 24 ? 7.340   2.898   8.817   1.00 15.17 ? 24  VAL B CG2 1 
ATOM   462 N  N   . ARG B 1 25 ? 7.837   0.151   11.144  1.00 16.79 ? 25  ARG B N   1 
ATOM   463 C  CA  . ARG B 1 25 ? 8.758   -0.975  11.037  1.00 18.11 ? 25  ARG B CA  1 
ATOM   464 C  C   . ARG B 1 25 ? 9.342   -1.066  9.636   1.00 17.93 ? 25  ARG B C   1 
ATOM   465 O  O   . ARG B 1 25 ? 10.546  -1.254  9.465   1.00 17.72 ? 25  ARG B O   1 
ATOM   466 C  CB  . ARG B 1 25 ? 8.041   -2.284  11.373  1.00 21.10 ? 25  ARG B CB  1 
ATOM   467 C  CG  . ARG B 1 25 ? 7.610   -2.403  12.822  1.00 25.17 ? 25  ARG B CG  1 
ATOM   468 C  CD  . ARG B 1 25 ? 6.839   -3.690  13.059  1.00 29.01 ? 25  ARG B CD  1 
ATOM   469 N  NE  . ARG B 1 25 ? 6.439   -3.834  14.455  1.00 32.66 ? 25  ARG B NE  1 
ATOM   470 C  CZ  . ARG B 1 25 ? 5.679   -4.821  14.916  1.00 34.89 ? 25  ARG B CZ  1 
ATOM   471 N  NH1 . ARG B 1 25 ? 5.232   -5.758  14.090  1.00 35.15 ? 25  ARG B NH1 1 
ATOM   472 N  NH2 . ARG B 1 25 ? 5.369   -4.874  16.204  1.00 35.04 ? 25  ARG B NH2 1 
ATOM   473 N  N   . LYS B 1 26 ? 8.484   -0.933  8.631   1.00 16.85 ? 26  LYS B N   1 
ATOM   474 C  CA  . LYS B 1 26 ? 8.939   -1.006  7.254   1.00 16.07 ? 26  LYS B CA  1 
ATOM   475 C  C   . LYS B 1 26 ? 8.125   -0.098  6.351   1.00 14.53 ? 26  LYS B C   1 
ATOM   476 O  O   . LYS B 1 26 ? 6.921   0.072   6.538   1.00 12.78 ? 26  LYS B O   1 
ATOM   477 C  CB  . LYS B 1 26 ? 8.845   -2.443  6.738   1.00 18.41 ? 26  LYS B CB  1 
ATOM   478 C  CG  . LYS B 1 26 ? 9.476   -2.643  5.366   1.00 22.94 ? 26  LYS B CG  1 
ATOM   479 C  CD  . LYS B 1 26 ? 9.243   -4.048  4.830   1.00 25.84 ? 26  LYS B CD  1 
ATOM   480 C  CE  . LYS B 1 26 ? 9.739   -5.113  5.796   1.00 27.45 ? 26  LYS B CE  1 
ATOM   481 N  NZ  . LYS B 1 26 ? 11.181  -4.954  6.136   1.00 28.99 ? 26  LYS B NZ  1 
ATOM   482 N  N   . LEU B 1 27 ? 8.800   0.489   5.373   1.00 14.30 ? 27  LEU B N   1 
ATOM   483 C  CA  . LEU B 1 27 ? 8.157   1.367   4.413   1.00 13.80 ? 27  LEU B CA  1 
ATOM   484 C  C   . LEU B 1 27 ? 8.459   0.780   3.039   1.00 14.51 ? 27  LEU B C   1 
ATOM   485 O  O   . LEU B 1 27 ? 9.612   0.753   2.608   1.00 17.17 ? 27  LEU B O   1 
ATOM   486 C  CB  . LEU B 1 27 ? 8.729   2.783   4.528   1.00 14.44 ? 27  LEU B CB  1 
ATOM   487 C  CG  . LEU B 1 27 ? 7.933   3.898   3.848   1.00 15.09 ? 27  LEU B CG  1 
ATOM   488 C  CD1 . LEU B 1 27 ? 6.559   4.012   4.499   1.00 12.74 ? 27  LEU B CD1 1 
ATOM   489 C  CD2 . LEU B 1 27 ? 8.691   5.214   3.975   1.00 14.50 ? 27  LEU B CD2 1 
ATOM   490 N  N   . ILE B 1 28 ? 7.424   0.290   2.365   1.00 12.62 ? 28  ILE B N   1 
ATOM   491 C  CA  . ILE B 1 28 ? 7.575   -0.310  1.045   1.00 13.97 ? 28  ILE B CA  1 
ATOM   492 C  C   . ILE B 1 28 ? 7.419   0.758   -0.030  1.00 12.96 ? 28  ILE B C   1 
ATOM   493 O  O   . ILE B 1 28 ? 6.445   1.513   -0.034  1.00 12.13 ? 28  ILE B O   1 
ATOM   494 C  CB  . ILE B 1 28 ? 6.534   -1.425  0.833   1.00 13.65 ? 28  ILE B CB  1 
ATOM   495 C  CG1 . ILE B 1 28 ? 6.737   -2.513  1.892   1.00 17.53 ? 28  ILE B CG1 1 
ATOM   496 C  CG2 . ILE B 1 28 ? 6.670   -2.013  -0.564  1.00 14.80 ? 28  ILE B CG2 1 
ATOM   497 C  CD1 . ILE B 1 28 ? 5.693   -3.606  1.872   1.00 18.68 ? 28  ILE B CD1 1 
ATOM   498 N  N   . ALA B 1 29 ? 8.380   0.811   -0.945  1.00 13.02 ? 29  ALA B N   1 
ATOM   499 C  CA  . ALA B 1 29 ? 8.364   1.814   -1.998  1.00 14.06 ? 29  ALA B CA  1 
ATOM   500 C  C   . ALA B 1 29 ? 7.873   1.340   -3.358  1.00 15.07 ? 29  ALA B C   1 
ATOM   501 O  O   . ALA B 1 29 ? 8.224   0.258   -3.828  1.00 16.22 ? 29  ALA B O   1 
ATOM   502 C  CB  . ALA B 1 29 ? 9.755   2.420   -2.145  1.00 15.39 ? 29  ALA B CB  1 
ATOM   503 N  N   . GLY B 1 30 ? 7.048   2.175   -3.977  1.00 12.70 ? 30  GLY B N   1 
ATOM   504 C  CA  . GLY B 1 30 ? 6.540   1.896   -5.304  1.00 14.26 ? 30  GLY B CA  1 
ATOM   505 C  C   . GLY B 1 30 ? 7.033   3.059   -6.142  1.00 14.98 ? 30  GLY B C   1 
ATOM   506 O  O   . GLY B 1 30 ? 7.912   3.792   -5.690  1.00 15.05 ? 30  GLY B O   1 
ATOM   507 N  N   . PRO B 1 31 ? 6.518   3.255   -7.363  1.00 15.69 ? 31  PRO B N   1 
ATOM   508 C  CA  . PRO B 1 31 ? 6.991   4.385   -8.170  1.00 18.08 ? 31  PRO B CA  1 
ATOM   509 C  C   . PRO B 1 31 ? 6.435   5.696   -7.608  1.00 18.28 ? 31  PRO B C   1 
ATOM   510 O  O   . PRO B 1 31 ? 5.273   6.033   -7.834  1.00 19.79 ? 31  PRO B O   1 
ATOM   511 C  CB  . PRO B 1 31 ? 6.434   4.078   -9.559  1.00 18.00 ? 31  PRO B CB  1 
ATOM   512 C  CG  . PRO B 1 31 ? 6.282   2.578   -9.554  1.00 17.64 ? 31  PRO B CG  1 
ATOM   513 C  CD  . PRO B 1 31 ? 5.725   2.323   -8.181  1.00 17.41 ? 31  PRO B CD  1 
ATOM   514 N  N   . SER B 1 32 ? 7.269   6.422   -6.871  1.00 17.66 ? 32  SER B N   1 
ATOM   515 C  CA  . SER B 1 32 ? 6.870   7.692   -6.272  1.00 17.57 ? 32  SER B CA  1 
ATOM   516 C  C   . SER B 1 32 ? 5.689   7.551   -5.314  1.00 15.42 ? 32  SER B C   1 
ATOM   517 O  O   . SER B 1 32 ? 4.803   8.405   -5.276  1.00 14.57 ? 32  SER B O   1 
ATOM   518 C  CB  . SER B 1 32 ? 6.526   8.706   -7.367  1.00 20.24 ? 32  SER B CB  1 
ATOM   519 O  OG  . SER B 1 32 ? 7.652   8.956   -8.190  1.00 25.34 ? 32  SER B OG  1 
ATOM   520 N  N   . VAL B 1 33 ? 5.683   6.466   -4.547  1.00 12.06 ? 33  VAL B N   1 
ATOM   521 C  CA  . VAL B 1 33 ? 4.630   6.209   -3.570  1.00 10.95 ? 33  VAL B CA  1 
ATOM   522 C  C   . VAL B 1 33 ? 5.186   5.242   -2.528  1.00 10.42 ? 33  VAL B C   1 
ATOM   523 O  O   . VAL B 1 33 ? 6.095   4.467   -2.820  1.00 9.88  ? 33  VAL B O   1 
ATOM   524 C  CB  . VAL B 1 33 ? 3.368   5.603   -4.240  1.00 12.21 ? 33  VAL B CB  1 
ATOM   525 C  CG1 . VAL B 1 33 ? 3.698   4.258   -4.875  1.00 10.43 ? 33  VAL B CG1 1 
ATOM   526 C  CG2 . VAL B 1 33 ? 2.252   5.459   -3.214  1.00 11.83 ? 33  VAL B CG2 1 
ATOM   527 N  N   . TYR B 1 34 ? 4.648   5.299   -1.314  1.00 9.26  ? 34  TYR B N   1 
ATOM   528 C  CA  . TYR B 1 34 ? 5.113   4.439   -0.230  1.00 8.95  ? 34  TYR B CA  1 
ATOM   529 C  C   . TYR B 1 34 ? 3.964   3.983   0.659   1.00 8.29  ? 34  TYR B C   1 
ATOM   530 O  O   . TYR B 1 34 ? 2.954   4.670   0.784   1.00 8.17  ? 34  TYR B O   1 
ATOM   531 C  CB  . TYR B 1 34 ? 6.105   5.200   0.653   1.00 10.34 ? 34  TYR B CB  1 
ATOM   532 C  CG  . TYR B 1 34 ? 7.267   5.815   -0.086  1.00 10.87 ? 34  TYR B CG  1 
ATOM   533 C  CD1 . TYR B 1 34 ? 8.442   5.099   -0.297  1.00 13.70 ? 34  TYR B CD1 1 
ATOM   534 C  CD2 . TYR B 1 34 ? 7.188   7.115   -0.583  1.00 13.34 ? 34  TYR B CD2 1 
ATOM   535 C  CE1 . TYR B 1 34 ? 9.517   5.664   -0.983  1.00 15.42 ? 34  TYR B CE1 1 
ATOM   536 C  CE2 . TYR B 1 34 ? 8.251   7.688   -1.273  1.00 14.27 ? 34  TYR B CE2 1 
ATOM   537 C  CZ  . TYR B 1 34 ? 9.412   6.957   -1.468  1.00 16.10 ? 34  TYR B CZ  1 
ATOM   538 O  OH  . TYR B 1 34 ? 10.468  7.521   -2.143  1.00 18.83 ? 34  TYR B OH  1 
ATOM   539 N  N   . ILE B 1 35 ? 4.130   2.821   1.280   1.00 9.63  ? 35  ILE B N   1 
ATOM   540 C  CA  . ILE B 1 35 ? 3.128   2.310   2.207   1.00 9.66  ? 35  ILE B CA  1 
ATOM   541 C  C   . ILE B 1 35 ? 3.854   1.585   3.343   1.00 9.22  ? 35  ILE B C   1 
ATOM   542 O  O   . ILE B 1 35 ? 4.780   0.807   3.108   1.00 9.53  ? 35  ILE B O   1 
ATOM   543 C  CB  . ILE B 1 35 ? 2.123   1.360   1.512   1.00 10.50 ? 35  ILE B CB  1 
ATOM   544 C  CG1 . ILE B 1 35 ? 0.963   1.066   2.467   1.00 9.80  ? 35  ILE B CG1 1 
ATOM   545 C  CG2 . ILE B 1 35 ? 2.815   0.072   1.083   1.00 10.57 ? 35  ILE B CG2 1 
ATOM   546 C  CD1 . ILE B 1 35 ? -0.203  0.356   1.814   1.00 10.65 ? 35  ILE B CD1 1 
ATOM   547 N  N   . CYS B 1 36 ? 3.443   1.860   4.577   1.00 9.43  ? 36  CYS B N   1 
ATOM   548 C  CA  . CYS B 1 36 ? 4.074   1.251   5.743   1.00 8.97  ? 36  CYS B CA  1 
ATOM   549 C  C   . CYS B 1 36 ? 3.382   -0.037  6.178   1.00 9.80  ? 36  CYS B C   1 
ATOM   550 O  O   . CYS B 1 36 ? 2.280   -0.350  5.722   1.00 9.77  ? 36  CYS B O   1 
ATOM   551 C  CB  . CYS B 1 36 ? 4.088   2.236   6.914   1.00 9.68  ? 36  CYS B CB  1 
ATOM   552 S  SG  . CYS B 1 36 ? 2.484   2.449   7.725   1.00 9.72  ? 36  CYS B SG  1 
ATOM   553 N  N   . ASP B 1 37 ? 4.032   -0.773  7.076   1.00 10.05 ? 37  ASP B N   1 
ATOM   554 C  CA  . ASP B 1 37 ? 3.496   -2.036  7.567   1.00 9.98  ? 37  ASP B CA  1 
ATOM   555 C  C   . ASP B 1 37 ? 2.156   -1.891  8.284   1.00 9.51  ? 37  ASP B C   1 
ATOM   556 O  O   . ASP B 1 37 ? 1.322   -2.791  8.228   1.00 10.81 ? 37  ASP B O   1 
ATOM   557 C  CB  . ASP B 1 37 ? 4.514   -2.725  8.490   1.00 10.22 ? 37  ASP B CB  1 
ATOM   558 C  CG  . ASP B 1 37 ? 4.954   -1.845  9.645   1.00 10.67 ? 37  ASP B CG  1 
ATOM   559 O  OD1 . ASP B 1 37 ? 5.634   -0.826  9.399   1.00 12.52 ? 37  ASP B OD1 1 
ATOM   560 O  OD2 . ASP B 1 37 ? 4.622   -2.174  10.803  1.00 14.52 ? 37  ASP B OD2 1 
ATOM   561 N  N   . GLU B 1 38 ? 1.952   -0.761  8.954   1.00 9.83  ? 38  GLU B N   1 
ATOM   562 C  CA  . GLU B 1 38 ? 0.703   -0.523  9.666   1.00 11.55 ? 38  GLU B CA  1 
ATOM   563 C  C   . GLU B 1 38 ? -0.453  -0.350  8.684   1.00 11.65 ? 38  GLU B C   1 
ATOM   564 O  O   . GLU B 1 38 ? -1.550  -0.866  8.908   1.00 11.81 ? 38  GLU B O   1 
ATOM   565 C  CB  . GLU B 1 38 ? 0.831   0.711   10.565  1.00 14.34 ? 38  GLU B CB  1 
ATOM   566 C  CG  . GLU B 1 38 ? 1.794   0.510   11.727  1.00 20.13 ? 38  GLU B CG  1 
ATOM   567 C  CD  . GLU B 1 38 ? 1.983   1.764   12.557  1.00 25.24 ? 38  GLU B CD  1 
ATOM   568 O  OE1 . GLU B 1 38 ? 0.965   2.363   12.966  1.00 28.15 ? 38  GLU B OE1 1 
ATOM   569 O  OE2 . GLU B 1 38 ? 3.146   2.145   12.806  1.00 27.62 ? 38  GLU B OE2 1 
ATOM   570 N  N   . CYS B 1 39 ? -0.213  0.366   7.589   1.00 10.51 ? 39  CYS B N   1 
ATOM   571 C  CA  . CYS B 1 39 ? -1.265  0.557   6.598   1.00 9.72  ? 39  CYS B CA  1 
ATOM   572 C  C   . CYS B 1 39 ? -1.528  -0.739  5.846   1.00 9.57  ? 39  CYS B C   1 
ATOM   573 O  O   . CYS B 1 39 ? -2.647  -0.992  5.401   1.00 10.06 ? 39  CYS B O   1 
ATOM   574 C  CB  . CYS B 1 39 ? -0.895  1.672   5.622   1.00 8.86  ? 39  CYS B CB  1 
ATOM   575 S  SG  . CYS B 1 39 ? -1.093  3.305   6.346   1.00 10.11 ? 39  CYS B SG  1 
ATOM   576 N  N   . VAL B 1 40 ? -0.495  -1.564  5.704   1.00 9.55  ? 40  VAL B N   1 
ATOM   577 C  CA  . VAL B 1 40 ? -0.664  -2.844  5.036   1.00 9.48  ? 40  VAL B CA  1 
ATOM   578 C  C   . VAL B 1 40 ? -1.570  -3.700  5.919   1.00 9.09  ? 40  VAL B C   1 
ATOM   579 O  O   . VAL B 1 40 ? -2.450  -4.400  5.420   1.00 9.91  ? 40  VAL B O   1 
ATOM   580 C  CB  . VAL B 1 40 ? 0.688   -3.560  4.820   1.00 7.26  ? 40  VAL B CB  1 
ATOM   581 C  CG1 . VAL B 1 40 ? 0.453   -5.007  4.405   1.00 9.24  ? 40  VAL B CG1 1 
ATOM   582 C  CG2 . VAL B 1 40 ? 1.488   -2.834  3.738   1.00 9.83  ? 40  VAL B CG2 1 
ATOM   583 N  N   . ASP B 1 41 ? -1.362  -3.634  7.233   1.00 10.11 ? 41  ASP B N   1 
ATOM   584 C  CA  . ASP B 1 41 ? -2.189  -4.399  8.164   1.00 12.32 ? 41  ASP B CA  1 
ATOM   585 C  C   . ASP B 1 41 ? -3.646  -3.981  8.005   1.00 11.45 ? 41  ASP B C   1 
ATOM   586 O  O   . ASP B 1 41 ? -4.549  -4.820  8.011   1.00 11.14 ? 41  ASP B O   1 
ATOM   587 C  CB  . ASP B 1 41 ? -1.757  -4.158  9.613   1.00 14.80 ? 41  ASP B CB  1 
ATOM   588 C  CG  . ASP B 1 41 ? -0.440  -4.824  9.950   1.00 20.33 ? 41  ASP B CG  1 
ATOM   589 O  OD1 . ASP B 1 41 ? -0.270  -6.015  9.615   1.00 25.06 ? 41  ASP B OD1 1 
ATOM   590 O  OD2 . ASP B 1 41 ? 0.421   -4.160  10.564  1.00 27.34 ? 41  ASP B OD2 1 
ATOM   591 N  N   . LEU B 1 42 ? -3.870  -2.678  7.871   1.00 10.03 ? 42  LEU B N   1 
ATOM   592 C  CA  . LEU B 1 42 ? -5.217  -2.155  7.699   1.00 9.62  ? 42  LEU B CA  1 
ATOM   593 C  C   . LEU B 1 42 ? -5.796  -2.645  6.375   1.00 9.79  ? 42  LEU B C   1 
ATOM   594 O  O   . LEU B 1 42 ? -6.959  -3.033  6.311   1.00 9.43  ? 42  LEU B O   1 
ATOM   595 C  CB  . LEU B 1 42 ? -5.204  -0.622  7.741   1.00 12.35 ? 42  LEU B CB  1 
ATOM   596 C  CG  . LEU B 1 42 ? -6.526  0.096   7.450   1.00 13.31 ? 42  LEU B CG  1 
ATOM   597 C  CD1 . LEU B 1 42 ? -7.639  -0.467  8.318   1.00 13.80 ? 42  LEU B CD1 1 
ATOM   598 C  CD2 . LEU B 1 42 ? -6.352  1.589   7.699   1.00 14.69 ? 42  LEU B CD2 1 
ATOM   599 N  N   . CYS B 1 43 ? -4.979  -2.638  5.324   1.00 8.13  ? 43  CYS B N   1 
ATOM   600 C  CA  . CYS B 1 43 ? -5.433  -3.099  4.017   1.00 9.21  ? 43  CYS B CA  1 
ATOM   601 C  C   . CYS B 1 43 ? -5.900  -4.544  4.109   1.00 8.39  ? 43  CYS B C   1 
ATOM   602 O  O   . CYS B 1 43 ? -6.876  -4.932  3.464   1.00 8.43  ? 43  CYS B O   1 
ATOM   603 C  CB  . CYS B 1 43 ? -4.311  -2.990  2.982   1.00 8.74  ? 43  CYS B CB  1 
ATOM   604 S  SG  . CYS B 1 43 ? -3.996  -1.311  2.402   1.00 10.86 ? 43  CYS B SG  1 
ATOM   605 N  N   . ASN B 1 44 ? -5.203  -5.341  4.913   1.00 9.62  ? 44  ASN B N   1 
ATOM   606 C  CA  . ASN B 1 44 ? -5.578  -6.737  5.072   1.00 10.02 ? 44  ASN B CA  1 
ATOM   607 C  C   . ASN B 1 44 ? -6.978  -6.845  5.667   1.00 9.78  ? 44  ASN B C   1 
ATOM   608 O  O   . ASN B 1 44 ? -7.774  -7.679  5.241   1.00 11.13 ? 44  ASN B O   1 
ATOM   609 C  CB  . ASN B 1 44 ? -4.562  -7.481  5.948   1.00 9.09  ? 44  ASN B CB  1 
ATOM   610 C  CG  . ASN B 1 44 ? -3.267  -7.768  5.212   1.00 8.41  ? 44  ASN B CG  1 
ATOM   611 O  OD1 . ASN B 1 44 ? -3.278  -8.035  4.009   1.00 10.02 ? 44  ASN B OD1 1 
ATOM   612 N  ND2 . ASN B 1 44 ? -2.150  -7.733  5.929   1.00 11.26 ? 44  ASN B ND2 1 
ATOM   613 N  N   . ASP B 1 45 ? -7.288  -5.998  6.645   1.00 10.09 ? 45  ASP B N   1 
ATOM   614 C  CA  . ASP B 1 45 ? -8.616  -6.022  7.251   1.00 9.77  ? 45  ASP B CA  1 
ATOM   615 C  C   . ASP B 1 45 ? -9.663  -5.608  6.224   1.00 9.26  ? 45  ASP B C   1 
ATOM   616 O  O   . ASP B 1 45 ? -10.764 -6.151  6.192   1.00 10.84 ? 45  ASP B O   1 
ATOM   617 C  CB  . ASP B 1 45 ? -8.696  -5.076  8.452   1.00 11.79 ? 45  ASP B CB  1 
ATOM   618 C  CG  . ASP B 1 45 ? -7.919  -5.580  9.650   1.00 14.00 ? 45  ASP B CG  1 
ATOM   619 O  OD1 . ASP B 1 45 ? -7.589  -6.784  9.686   1.00 16.62 ? 45  ASP B OD1 1 
ATOM   620 O  OD2 . ASP B 1 45 ? -7.651  -4.772  10.563  1.00 18.20 ? 45  ASP B OD2 1 
ATOM   621 N  N   . ILE B 1 46 ? -9.313  -4.640  5.386   1.00 9.59  ? 46  ILE B N   1 
ATOM   622 C  CA  . ILE B 1 46 ? -10.232 -4.156  4.365   1.00 8.93  ? 46  ILE B CA  1 
ATOM   623 C  C   . ILE B 1 46 ? -10.518 -5.228  3.315   1.00 10.65 ? 46  ILE B C   1 
ATOM   624 O  O   . ILE B 1 46 ? -11.667 -5.441  2.926   1.00 9.73  ? 46  ILE B O   1 
ATOM   625 C  CB  . ILE B 1 46 ? -9.667  -2.886  3.680   1.00 9.56  ? 46  ILE B CB  1 
ATOM   626 C  CG1 . ILE B 1 46 ? -9.588  -1.748  4.702   1.00 9.53  ? 46  ILE B CG1 1 
ATOM   627 C  CG2 . ILE B 1 46 ? -10.539 -2.489  2.488   1.00 8.69  ? 46  ILE B CG2 1 
ATOM   628 C  CD1 . ILE B 1 46 ? -8.958  -0.477  4.174   1.00 9.90  ? 46  ILE B CD1 1 
ATOM   629 N  N   . ILE B 1 47 ? -9.470  -5.910  2.869   1.00 10.55 ? 47  ILE B N   1 
ATOM   630 C  CA  . ILE B 1 47 ? -9.619  -6.951  1.861   1.00 11.44 ? 47  ILE B CA  1 
ATOM   631 C  C   . ILE B 1 47 ? -10.328 -8.182  2.417   1.00 12.15 ? 47  ILE B C   1 
ATOM   632 O  O   . ILE B 1 47 ? -11.207 -8.748  1.767   1.00 13.47 ? 47  ILE B O   1 
ATOM   633 C  CB  . ILE B 1 47 ? -8.243  -7.364  1.294   1.00 11.94 ? 47  ILE B CB  1 
ATOM   634 C  CG1 . ILE B 1 47 ? -7.605  -6.165  0.583   1.00 13.15 ? 47  ILE B CG1 1 
ATOM   635 C  CG2 . ILE B 1 47 ? -8.402  -8.541  0.339   1.00 13.79 ? 47  ILE B CG2 1 
ATOM   636 C  CD1 . ILE B 1 47 ? -6.164  -6.377  0.174   1.00 13.94 ? 47  ILE B CD1 1 
ATOM   637 N  N   . ARG B 1 48 ? -9.946  -8.591  3.621   1.00 12.32 ? 48  ARG B N   1 
ATOM   638 C  CA  . ARG B 1 48 ? -10.541 -9.762  4.257   1.00 14.22 ? 48  ARG B CA  1 
ATOM   639 C  C   . ARG B 1 48 ? -11.910 -9.439  4.850   1.00 14.49 ? 48  ARG B C   1 
ATOM   640 O  O   . ARG B 1 48 ? -12.680 -10.342 5.176   1.00 14.26 ? 48  ARG B O   1 
ATOM   641 C  CB  . ARG B 1 48 ? -9.611  -10.288 5.355   1.00 17.81 ? 48  ARG B CB  1 
ATOM   642 C  CG  . ARG B 1 48 ? -8.227  -10.697 4.857   1.00 21.96 ? 48  ARG B CG  1 
ATOM   643 C  CD  . ARG B 1 48 ? -7.252  -10.874 6.015   1.00 25.54 ? 48  ARG B CD  1 
ATOM   644 N  NE  . ARG B 1 48 ? -5.890  -11.147 5.560   1.00 28.70 ? 48  ARG B NE  1 
ATOM   645 C  CZ  . ARG B 1 48 ? -4.820  -11.141 6.351   1.00 29.99 ? 48  ARG B CZ  1 
ATOM   646 N  NH1 . ARG B 1 48 ? -4.949  -10.873 7.644   1.00 30.14 ? 48  ARG B NH1 1 
ATOM   647 N  NH2 . ARG B 1 48 ? -3.619  -11.402 5.850   1.00 29.10 ? 48  ARG B NH2 1 
ATOM   648 N  N   . GLU B 1 49 ? -12.205 -8.148  4.978   1.00 13.61 ? 49  GLU B N   1 
ATOM   649 C  CA  . GLU B 1 49 ? -13.474 -7.684  5.537   1.00 14.03 ? 49  GLU B CA  1 
ATOM   650 C  C   . GLU B 1 49 ? -13.692 -8.285  6.920   1.00 14.26 ? 49  GLU B C   1 
ATOM   651 O  O   . GLU B 1 49 ? -14.738 -8.869  7.211   1.00 13.77 ? 49  GLU B O   1 
ATOM   652 C  CB  . GLU B 1 49 ? -14.630 -8.063  4.609   1.00 14.66 ? 49  GLU B CB  1 
ATOM   653 C  CG  . GLU B 1 49 ? -14.370 -7.721  3.151   1.00 16.58 ? 49  GLU B CG  1 
ATOM   654 C  CD  . GLU B 1 49 ? -15.598 -7.884  2.274   1.00 19.40 ? 49  GLU B CD  1 
ATOM   655 O  OE1 . GLU B 1 49 ? -16.408 -8.797  2.538   1.00 20.08 ? 49  GLU B OE1 1 
ATOM   656 O  OE2 . GLU B 1 49 ? -15.742 -7.105  1.309   1.00 20.28 ? 49  GLU B OE2 1 
ATOM   657 N  N   . GLU B 1 50 ? -12.689 -8.129  7.775   1.00 14.73 ? 50  GLU B N   1 
ATOM   658 C  CA  . GLU B 1 50 ? -12.752 -8.663  9.125   1.00 15.94 ? 50  GLU B CA  1 
ATOM   659 C  C   . GLU B 1 50 ? -11.998 -7.781  10.108  1.00 15.95 ? 50  GLU B C   1 
ATOM   660 O  O   . GLU B 1 50 ? -11.207 -6.921  9.715   1.00 17.27 ? 50  GLU B O   1 
ATOM   661 C  CB  . GLU B 1 50 ? -12.155 -10.071 9.151   1.00 17.51 ? 50  GLU B CB  1 
ATOM   662 C  CG  . GLU B 1 50 ? -10.717 -10.133 8.664   1.00 22.02 ? 50  GLU B CG  1 
ATOM   663 C  CD  . GLU B 1 50 ? -10.122 -11.525 8.752   1.00 24.81 ? 50  GLU B CD  1 
ATOM   664 O  OE1 . GLU B 1 50 ? -10.741 -12.474 8.226   1.00 25.27 ? 50  GLU B OE1 1 
ATOM   665 O  OE2 . GLU B 1 50 ? -9.030  -11.667 9.343   1.00 26.79 ? 50  GLU B OE2 1 
ATOM   666 N  N   . ILE B 1 51 ? -12.256 -8.005  11.393  1.00 14.24 ? 51  ILE B N   1 
ATOM   667 C  CA  . ILE B 1 51 ? -11.598 -7.265  12.459  1.00 13.85 ? 51  ILE B CA  1 
ATOM   668 C  C   . ILE B 1 51 ? -10.979 -8.266  13.428  1.00 14.98 ? 51  ILE B C   1 
ATOM   669 O  O   . ILE B 1 51 ? -11.639 -9.222  13.836  1.00 15.80 ? 51  ILE B O   1 
ATOM   670 C  CB  . ILE B 1 51 ? -12.594 -6.381  13.237  1.00 13.48 ? 51  ILE B CB  1 
ATOM   671 C  CG1 . ILE B 1 51 ? -13.138 -5.280  12.327  1.00 13.71 ? 51  ILE B CG1 1 
ATOM   672 C  CG2 . ILE B 1 51 ? -11.910 -5.785  14.464  1.00 13.76 ? 51  ILE B CG2 1 
ATOM   673 C  CD1 . ILE B 1 51 ? -14.092 -4.318  13.026  1.00 13.40 ? 51  ILE B CD1 1 
ATOM   674 O  OXT . ILE B 1 51 ? -9.806  -8.325  13.690  1.00 17.45 ? 51  ILE B OXT 1 
HETATM 675 ZN ZN  . ZN  C 2 .  ? -1.246  -2.959  -7.492  1.00 9.91  ? 100 ZN  A ZN  1 
HETATM 676 CA CA  . CA  D 3 .  ? 17.241  14.499  7.072   1.00 21.17 ? 299 CA  B CA  1 
HETATM 677 ZN ZN  . ZN  E 2 .  ? 1.102   4.096   6.697   1.00 10.76 ? 100 ZN  B ZN  1 
HETATM 678 O  O1  . PG4 F 4 .  ? -2.751  12.617  6.576   1.00 48.69 ? 501 PG4 B O1  1 
HETATM 679 C  C1  . PG4 F 4 .  ? -2.502  12.458  5.205   1.00 47.41 ? 501 PG4 B C1  1 
HETATM 680 C  C2  . PG4 F 4 .  ? -1.350  11.409  5.068   1.00 46.55 ? 501 PG4 B C2  1 
HETATM 681 O  O2  . PG4 F 4 .  ? -0.900  11.088  3.669   1.00 46.13 ? 501 PG4 B O2  1 
HETATM 682 C  C3  . PG4 F 4 .  ? 0.154   12.025  3.136   1.00 46.38 ? 501 PG4 B C3  1 
HETATM 683 C  C4  . PG4 F 4 .  ? 1.504   11.379  3.094   1.00 46.79 ? 501 PG4 B C4  1 
HETATM 684 O  O3  . PG4 F 4 .  ? 2.511   12.214  2.399   1.00 47.79 ? 501 PG4 B O3  1 
HETATM 685 C  C5  . PG4 F 4 .  ? 3.549   13.160  3.120   1.00 48.74 ? 501 PG4 B C5  1 
HETATM 686 C  C6  . PG4 F 4 .  ? 3.607   13.313  4.696   1.00 50.05 ? 501 PG4 B C6  1 
HETATM 687 O  O4  . PG4 F 4 .  ? 4.474   14.389  5.055   1.00 51.02 ? 501 PG4 B O4  1 
HETATM 688 C  C7  . PG4 F 4 .  ? 3.745   15.390  5.861   1.00 51.92 ? 501 PG4 B C7  1 
HETATM 689 C  C8  . PG4 F 4 .  ? 4.338   15.507  7.308   1.00 52.01 ? 501 PG4 B C8  1 
HETATM 690 O  O5  . PG4 F 4 .  ? 3.574   14.642  8.185   1.00 52.47 ? 501 PG4 B O5  1 
HETATM 691 O  O   . HOH G 5 .  ? -2.421  5.761   -8.780  1.00 11.09 ? 101 HOH A O   1 
HETATM 692 O  O   . HOH G 5 .  ? -6.265  2.129   -19.137 1.00 11.58 ? 102 HOH A O   1 
HETATM 693 O  O   . HOH G 5 .  ? -6.968  8.446   -3.417  1.00 14.79 ? 103 HOH A O   1 
HETATM 694 O  O   . HOH G 5 .  ? 2.152   -7.817  6.531   1.00 17.28 ? 104 HOH A O   1 
HETATM 695 O  O   . HOH G 5 .  ? -4.576  -9.186  -0.739  1.00 14.61 ? 105 HOH A O   1 
HETATM 696 O  O   . HOH G 5 .  ? -11.757 -8.046  -13.466 1.00 14.67 ? 106 HOH A O   1 
HETATM 697 O  O   . HOH G 5 .  ? 5.441   -20.134 2.891   1.00 22.81 ? 107 HOH A O   1 
HETATM 698 O  O   . HOH G 5 .  ? -0.569  -6.387  -9.735  1.00 17.86 ? 108 HOH A O   1 
HETATM 699 O  O   . HOH G 5 .  ? -6.843  -8.949  -8.064  1.00 16.98 ? 109 HOH A O   1 
HETATM 700 O  O   . HOH G 5 .  ? 0.183   -10.320 -5.518  1.00 18.76 ? 110 HOH A O   1 
HETATM 701 O  O   . HOH G 5 .  ? -1.190  -11.967 1.414   1.00 17.82 ? 111 HOH A O   1 
HETATM 702 O  O   . HOH G 5 .  ? -14.027 -4.101  1.574   1.00 28.77 ? 112 HOH A O   1 
HETATM 703 O  O   . HOH G 5 .  ? 3.975   -12.248 -4.404  1.00 19.21 ? 113 HOH A O   1 
HETATM 704 O  O   . HOH G 5 .  ? 10.425  -15.161 7.474   1.00 25.35 ? 114 HOH A O   1 
HETATM 705 O  O   . HOH G 5 .  ? -12.029 -3.295  -7.820  1.00 24.82 ? 115 HOH A O   1 
HETATM 706 O  O   . HOH G 5 .  ? -5.485  -6.237  -18.661 1.00 20.66 ? 116 HOH A O   1 
HETATM 707 O  O   . HOH G 5 .  ? -6.649  6.633   -17.851 1.00 24.68 ? 117 HOH A O   1 
HETATM 708 O  O   . HOH G 5 .  ? 3.642   -15.526 0.951   1.00 23.45 ? 118 HOH A O   1 
HETATM 709 O  O   . HOH G 5 .  ? -15.036 -3.701  -12.536 1.00 25.69 ? 119 HOH A O   1 
HETATM 710 O  O   . HOH G 5 .  ? -3.664  -2.253  -17.239 1.00 29.16 ? 120 HOH A O   1 
HETATM 711 O  O   . HOH G 5 .  ? 5.993   -0.960  -9.872  1.00 23.14 ? 121 HOH A O   1 
HETATM 712 O  O   . HOH G 5 .  ? 1.583   -11.607 -3.822  1.00 25.56 ? 122 HOH A O   1 
HETATM 713 O  O   . HOH G 5 .  ? 0.823   -14.867 1.097   1.00 61.39 ? 123 HOH A O   1 
HETATM 714 O  O   . HOH G 5 .  ? -14.151 6.124   -10.341 1.00 32.63 ? 124 HOH A O   1 
HETATM 715 O  O   . HOH G 5 .  ? -8.415  12.694  -2.216  1.00 31.66 ? 125 HOH A O   1 
HETATM 716 O  O   . HOH G 5 .  ? -9.234  9.480   -0.742  1.00 28.73 ? 126 HOH A O   1 
HETATM 717 O  O   . HOH G 5 .  ? -0.218  3.943   -11.444 1.00 25.00 ? 127 HOH A O   1 
HETATM 718 O  O   . HOH G 5 .  ? -5.682  -10.647 -3.036  1.00 26.06 ? 128 HOH A O   1 
HETATM 719 O  O   . HOH G 5 .  ? -7.353  8.208   -12.084 1.00 28.78 ? 129 HOH A O   1 
HETATM 720 O  O   . HOH G 5 .  ? 10.123  -7.303  7.730   1.00 74.97 ? 130 HOH A O   1 
HETATM 721 O  O   . HOH G 5 .  ? -1.428  2.401   -15.378 1.00 28.16 ? 131 HOH A O   1 
HETATM 722 O  O   . HOH G 5 .  ? -12.039 -1.359  -5.964  1.00 32.19 ? 132 HOH A O   1 
HETATM 723 O  O   . HOH G 5 .  ? -11.135 7.688   -5.037  1.00 29.78 ? 133 HOH A O   1 
HETATM 724 O  O   . HOH G 5 .  ? -14.776 2.992   -9.496  1.00 30.30 ? 134 HOH A O   1 
HETATM 725 O  O   . HOH G 5 .  ? -0.046  -9.968  -9.485  1.00 29.26 ? 135 HOH A O   1 
HETATM 726 O  O   . HOH G 5 .  ? 5.519   -18.686 5.266   1.00 36.18 ? 136 HOH A O   1 
HETATM 727 O  O   . HOH G 5 .  ? -13.953 -4.863  -3.824  1.00 42.29 ? 137 HOH A O   1 
HETATM 728 O  O   . HOH G 5 .  ? 3.177   -3.401  -13.007 1.00 35.20 ? 138 HOH A O   1 
HETATM 729 O  O   . HOH G 5 .  ? 2.778   -13.078 3.088   1.00 23.93 ? 139 HOH A O   1 
HETATM 730 O  O   . HOH G 5 .  ? -8.677  10.851  -6.680  1.00 31.32 ? 140 HOH A O   1 
HETATM 731 O  O   . HOH G 5 .  ? -8.258  8.142   -15.220 1.00 24.95 ? 141 HOH A O   1 
HETATM 732 O  O   . HOH G 5 .  ? -13.089 -5.878  -11.124 1.00 37.82 ? 142 HOH A O   1 
HETATM 733 O  O   . HOH G 5 .  ? -4.536  -12.852 -6.087  1.00 42.25 ? 143 HOH A O   1 
HETATM 734 O  O   . HOH G 5 .  ? -5.594  -8.388  -13.554 1.00 30.18 ? 144 HOH A O   1 
HETATM 735 O  O   . HOH G 5 .  ? 12.229  -9.537  10.027  1.00 39.20 ? 145 HOH A O   1 
HETATM 736 O  O   . HOH G 5 .  ? 1.513   -6.443  -7.613  1.00 19.37 ? 146 HOH A O   1 
HETATM 737 O  O   . HOH G 5 .  ? 1.850   -9.213  -7.371  1.00 24.46 ? 147 HOH A O   1 
HETATM 738 O  O   . HOH G 5 .  ? -2.339  -11.578 -5.389  1.00 27.93 ? 148 HOH A O   1 
HETATM 739 O  O   . HOH G 5 .  ? -7.420  10.266  -13.697 1.00 32.84 ? 149 HOH A O   1 
HETATM 740 O  O   . HOH G 5 .  ? -4.443  3.048   -21.006 1.00 23.57 ? 150 HOH A O   1 
HETATM 741 O  O   . HOH G 5 .  ? 7.268   -0.264  -12.111 1.00 45.74 ? 151 HOH A O   1 
HETATM 742 O  O   . HOH G 5 .  ? 2.668   -9.131  8.980   1.00 36.88 ? 152 HOH A O   1 
HETATM 743 O  O   . HOH G 5 .  ? 2.338   -12.226 9.628   1.00 34.36 ? 153 HOH A O   1 
HETATM 744 O  O   . HOH G 5 .  ? -2.066  1.639   -17.840 1.00 39.87 ? 154 HOH A O   1 
HETATM 745 O  O   . HOH G 5 .  ? 12.773  -13.523 8.352   1.00 47.01 ? 155 HOH A O   1 
HETATM 746 O  O   . HOH G 5 .  ? -2.416  -11.045 -11.751 1.00 41.19 ? 156 HOH A O   1 
HETATM 747 O  O   . HOH G 5 .  ? 3.207   -3.239  -15.777 1.00 48.82 ? 157 HOH A O   1 
HETATM 748 O  O   . HOH G 5 .  ? -0.747  4.537   -13.930 1.00 52.65 ? 158 HOH A O   1 
HETATM 749 O  O   . HOH G 5 .  ? 8.929   -17.173 8.445   1.00 36.84 ? 159 HOH A O   1 
HETATM 750 O  O   . HOH H 5 .  ? -1.739  10.282  -0.340  1.00 11.61 ? 502 HOH B O   1 
HETATM 751 O  O   . HOH H 5 .  ? 4.354   9.600   0.618   1.00 13.06 ? 503 HOH B O   1 
HETATM 752 O  O   . HOH H 5 .  ? 1.949   -5.560  8.099   1.00 11.88 ? 504 HOH B O   1 
HETATM 753 O  O   . HOH H 5 .  ? -4.915  8.589   5.797   1.00 17.94 ? 505 HOH B O   1 
HETATM 754 O  O   . HOH H 5 .  ? 8.081   10.293  0.879   1.00 20.89 ? 506 HOH B O   1 
HETATM 755 O  O   . HOH H 5 .  ? 0.259   4.510   10.855  1.00 22.88 ? 507 HOH B O   1 
HETATM 756 O  O   . HOH H 5 .  ? -4.945  -9.135  2.151   1.00 23.34 ? 508 HOH B O   1 
HETATM 757 O  O   . HOH H 5 .  ? -8.043  -8.693  11.541  1.00 26.60 ? 509 HOH B O   1 
HETATM 758 O  O   . HOH H 5 .  ? 11.605  0.937   6.137   1.00 24.02 ? 510 HOH B O   1 
HETATM 759 O  O   . HOH H 5 .  ? 11.389  1.809   8.642   1.00 26.98 ? 511 HOH B O   1 
HETATM 760 O  O   . HOH H 5 .  ? -3.036  -0.937  11.269  1.00 25.60 ? 512 HOH B O   1 
HETATM 761 O  O   . HOH H 5 .  ? 5.093   -0.205  12.564  1.00 25.51 ? 513 HOH B O   1 
HETATM 762 O  O   . HOH H 5 .  ? 2.573   -3.487  11.810  1.00 24.29 ? 514 HOH B O   1 
HETATM 763 O  O   . HOH H 5 .  ? -4.773  -7.053  9.812   1.00 24.46 ? 515 HOH B O   1 
HETATM 764 O  O   . HOH H 5 .  ? 16.999  8.555   5.524   1.00 26.68 ? 516 HOH B O   1 
HETATM 765 O  O   . HOH H 5 .  ? -8.185  -6.072  13.149  1.00 24.65 ? 517 HOH B O   1 
HETATM 766 O  O   . HOH H 5 .  ? 15.749  8.434   2.255   1.00 26.48 ? 518 HOH B O   1 
HETATM 767 O  O   . HOH H 5 .  ? 8.847   5.696   -4.229  1.00 33.28 ? 519 HOH B O   1 
HETATM 768 O  O   . HOH H 5 .  ? -18.564 -9.004  0.804   1.00 27.58 ? 520 HOH B O   1 
HETATM 769 O  O   . HOH H 5 .  ? -2.431  8.864   9.735   1.00 28.58 ? 521 HOH B O   1 
HETATM 770 O  O   . HOH H 5 .  ? -13.972 -12.279 3.905   1.00 25.98 ? 522 HOH B O   1 
HETATM 771 O  O   . HOH H 5 .  ? -1.014  -4.469  13.562  1.00 45.92 ? 523 HOH B O   1 
HETATM 772 O  O   . HOH H 5 .  ? 19.499  7.705   4.452   1.00 18.27 ? 524 HOH B O   1 
HETATM 773 O  O   . HOH H 5 .  ? -4.552  -6.318  12.306  1.00 38.72 ? 525 HOH B O   1 
HETATM 774 O  O   . HOH H 5 .  ? 8.123   14.995  9.591   1.00 35.54 ? 526 HOH B O   1 
HETATM 775 O  O   . HOH H 5 .  ? -7.102  -9.233  8.591   1.00 28.68 ? 527 HOH B O   1 
HETATM 776 O  O   . HOH H 5 .  ? -11.549 -11.887 13.701  1.00 34.51 ? 528 HOH B O   1 
HETATM 777 O  O   . HOH H 5 .  ? -15.388 -11.386 6.058   1.00 26.30 ? 529 HOH B O   1 
HETATM 778 O  O   . HOH H 5 .  ? 10.734  11.164  11.581  1.00 32.95 ? 530 HOH B O   1 
HETATM 779 O  O   . HOH H 5 .  ? 12.229  0.464   2.530   1.00 30.77 ? 531 HOH B O   1 
HETATM 780 O  O   . HOH H 5 .  ? -4.239  -11.782 3.113   1.00 33.52 ? 532 HOH B O   1 
HETATM 781 O  O   . HOH H 5 .  ? 17.728  9.881   1.326   1.00 28.90 ? 533 HOH B O   1 
HETATM 782 O  O   . HOH H 5 .  ? -6.674  -2.448  11.153  1.00 33.15 ? 534 HOH B O   1 
HETATM 783 O  O   . HOH H 5 .  ? 4.477   -8.343  13.605  1.00 41.48 ? 535 HOH B O   1 
HETATM 784 O  O   . HOH H 5 .  ? -15.960 -11.526 2.298   1.00 55.62 ? 536 HOH B O   1 
HETATM 785 O  O   . HOH H 5 .  ? 0.650   2.325   15.906  1.00 48.06 ? 537 HOH B O   1 
HETATM 786 O  O   . HOH H 5 .  ? 0.586   13.838  5.921   1.00 41.26 ? 538 HOH B O   1 
HETATM 787 O  O   . HOH H 5 .  ? 0.270   12.224  9.272   1.00 42.92 ? 539 HOH B O   1 
HETATM 788 O  O   . HOH H 5 .  ? 12.182  -2.696  7.755   1.00 43.02 ? 540 HOH B O   1 
HETATM 789 O  O   . HOH H 5 .  ? 6.024   11.998  -0.436  1.00 11.95 ? 541 HOH B O   1 
HETATM 790 O  O   . HOH H 5 .  ? -0.912  6.907   11.833  1.00 29.95 ? 542 HOH B O   1 
HETATM 791 O  O   . HOH H 5 .  ? -6.085  10.872  6.484   1.00 23.32 ? 543 HOH B O   1 
HETATM 792 O  O   . HOH H 5 .  ? 4.839   11.864  10.348  1.00 25.53 ? 544 HOH B O   1 
HETATM 793 O  O   . HOH H 5 .  ? 12.584  3.039   4.435   1.00 28.78 ? 545 HOH B O   1 
HETATM 794 O  O   . HOH H 5 .  ? -2.154  -7.839  8.797   1.00 28.55 ? 546 HOH B O   1 
HETATM 795 O  O   . HOH H 5 .  ? -7.327  -0.069  12.411  1.00 30.65 ? 547 HOH B O   1 
HETATM 796 O  O   . HOH H 5 .  ? 4.082   -5.759  10.457  1.00 37.80 ? 548 HOH B O   1 
HETATM 797 O  O   . HOH H 5 .  ? 11.442  3.035   1.445   1.00 35.06 ? 549 HOH B O   1 
HETATM 798 O  O   . HOH H 5 .  ? -3.855  10.701  11.093  1.00 31.39 ? 550 HOH B O   1 
HETATM 799 O  O   . HOH H 5 .  ? 5.347   14.704  10.378  1.00 37.34 ? 551 HOH B O   1 
HETATM 800 O  O   . HOH H 5 .  ? -12.630 -12.691 11.403  1.00 38.75 ? 552 HOH B O   1 
HETATM 801 O  O   . HOH H 5 .  ? 14.069  2.426   9.286   1.00 34.95 ? 553 HOH B O   1 
HETATM 802 O  O   . HOH H 5 .  ? -13.174 -15.035 3.586   1.00 38.76 ? 554 HOH B O   1 
HETATM 803 O  O   . HOH H 5 .  ? -8.206  -10.513 14.063  1.00 32.24 ? 555 HOH B O   1 
HETATM 804 O  O   . HOH H 5 .  ? -11.636 -13.394 5.005   1.00 47.88 ? 556 HOH B O   1 
HETATM 805 O  O   . HOH H 5 .  ? -2.166  -7.165  13.122  1.00 45.91 ? 557 HOH B O   1 
HETATM 806 O  O   . HOH H 5 .  ? 10.273  10.378  14.251  1.00 44.41 ? 558 HOH B O   1 
HETATM 807 O  O   . HOH H 5 .  ? 6.401   10.289  16.319  1.00 38.46 ? 559 HOH B O   1 
HETATM 808 O  O   . HOH H 5 .  ? 15.565  10.757  7.334   1.00 59.28 ? 560 HOH B O   1 
HETATM 809 O  O   . HOH H 5 .  ? -15.656 -8.179  -1.225  1.00 42.48 ? 561 HOH B O   1 
HETATM 810 O  O   . HOH H 5 .  ? 10.589  11.908  0.565   1.00 38.40 ? 562 HOH B O   1 
HETATM 811 O  O   . HOH H 5 .  ? -1.807  1.754   12.725  1.00 39.87 ? 563 HOH B O   1 
HETATM 812 O  O   . HOH H 5 .  ? 11.756  5.367   -4.369  1.00 37.33 ? 564 HOH B O   1 
HETATM 813 O  O   . HOH H 5 .  ? -18.391 -11.629 0.129   1.00 42.51 ? 565 HOH B O   1 
HETATM 814 O  O   . HOH H 5 .  ? 11.794  2.760   12.348  1.00 42.66 ? 566 HOH B O   1 
HETATM 815 O  O   . HOH H 5 .  ? 10.398  5.328   -10.011 1.00 47.92 ? 567 HOH B O   1 
# 
loop_
_pdbx_poly_seq_scheme.asym_id 
_pdbx_poly_seq_scheme.entity_id 
_pdbx_poly_seq_scheme.seq_id 
_pdbx_poly_seq_scheme.mon_id 
_pdbx_poly_seq_scheme.ndb_seq_num 
_pdbx_poly_seq_scheme.pdb_seq_num 
_pdbx_poly_seq_scheme.auth_seq_num 
_pdbx_poly_seq_scheme.pdb_mon_id 
_pdbx_poly_seq_scheme.auth_mon_id 
_pdbx_poly_seq_scheme.pdb_strand_id 
_pdbx_poly_seq_scheme.pdb_ins_code 
_pdbx_poly_seq_scheme.hetero 
A 1 1  THR 1  1  ?  ?   ?   A . n 
A 1 2  ASP 2  2  ?  ?   ?   A . n 
A 1 3  LYS 3  3  ?  ?   ?   A . n 
A 1 4  ARG 4  4  ?  ?   ?   A . n 
A 1 5  LYS 5  5  ?  ?   ?   A . n 
A 1 6  ASP 6  6  ?  ?   ?   A . n 
A 1 7  GLY 7  7  ?  ?   ?   A . n 
A 1 8  SER 8  8  ?  ?   ?   A . n 
A 1 9  GLY 9  9  9  GLY GLY A . n 
A 1 10 LYS 10 10 10 LYS LYS A . n 
A 1 11 LEU 11 11 11 LEU LEU A . n 
A 1 12 LEU 12 12 12 LEU LEU A . n 
A 1 13 TYR 13 13 13 TYR TYR A . n 
A 1 14 CYS 14 14 14 CYS CYS A . n 
A 1 15 SER 15 15 15 SER SER A . n 
A 1 16 PHE 16 16 16 PHE PHE A . n 
A 1 17 CYS 17 17 17 CYS CYS A . n 
A 1 18 GLY 18 18 18 GLY GLY A . n 
A 1 19 LYS 19 19 19 LYS LYS A . n 
A 1 20 SER 20 20 20 SER SER A . n 
A 1 21 GLN 21 21 21 GLN GLN A . n 
A 1 22 HIS 22 22 22 HIS HIS A . n 
A 1 23 GLU 23 23 23 GLU GLU A . n 
A 1 24 VAL 24 24 24 VAL VAL A . n 
A 1 25 ARG 25 25 25 ARG ARG A . n 
A 1 26 LYS 26 26 26 LYS LYS A . n 
A 1 27 LEU 27 27 27 LEU LEU A . n 
A 1 28 ILE 28 28 28 ILE ILE A . n 
A 1 29 ALA 29 29 29 ALA ALA A . n 
A 1 30 GLY 30 30 30 GLY GLY A . n 
A 1 31 PRO 31 31 31 PRO PRO A . n 
A 1 32 SER 32 32 32 SER SER A . n 
A 1 33 VAL 33 33 33 VAL VAL A . n 
A 1 34 TYR 34 34 34 TYR TYR A . n 
A 1 35 ILE 35 35 35 ILE ILE A . n 
A 1 36 CYS 36 36 36 CYS CYS A . n 
A 1 37 ASP 37 37 37 ASP ASP A . n 
A 1 38 GLU 38 38 38 GLU GLU A . n 
A 1 39 CYS 39 39 39 CYS CYS A . n 
A 1 40 VAL 40 40 40 VAL VAL A . n 
A 1 41 ASP 41 41 41 ASP ASP A . n 
A 1 42 LEU 42 42 42 LEU LEU A . n 
A 1 43 CYS 43 43 43 CYS CYS A . n 
A 1 44 ASN 44 44 44 ASN ASN A . n 
A 1 45 ASP 45 45 45 ASP ASP A . n 
A 1 46 ILE 46 46 46 ILE ILE A . n 
A 1 47 ILE 47 47 47 ILE ILE A . n 
A 1 48 ARG 48 48 48 ARG ARG A . n 
A 1 49 GLU 49 49 49 GLU GLU A . n 
A 1 50 GLU 50 50 50 GLU GLU A . n 
A 1 51 ILE 51 51 51 ILE ILE A . n 
B 1 1  THR 1  1  ?  ?   ?   B . n 
B 1 2  ASP 2  2  ?  ?   ?   B . n 
B 1 3  LYS 3  3  ?  ?   ?   B . n 
B 1 4  ARG 4  4  ?  ?   ?   B . n 
B 1 5  LYS 5  5  ?  ?   ?   B . n 
B 1 6  ASP 6  6  ?  ?   ?   B . n 
B 1 7  GLY 7  7  ?  ?   ?   B . n 
B 1 8  SER 8  8  8  SER SER B . n 
B 1 9  GLY 9  9  9  GLY GLY B . n 
B 1 10 LYS 10 10 10 LYS LYS B . n 
B 1 11 LEU 11 11 11 LEU LEU B . n 
B 1 12 LEU 12 12 12 LEU LEU B . n 
B 1 13 TYR 13 13 13 TYR TYR B . n 
B 1 14 CYS 14 14 14 CYS CYS B . n 
B 1 15 SER 15 15 15 SER SER B . n 
B 1 16 PHE 16 16 16 PHE PHE B . n 
B 1 17 CYS 17 17 17 CYS CYS B . n 
B 1 18 GLY 18 18 18 GLY GLY B . n 
B 1 19 LYS 19 19 19 LYS LYS B . n 
B 1 20 SER 20 20 20 SER SER B . n 
B 1 21 GLN 21 21 21 GLN GLN B . n 
B 1 22 HIS 22 22 22 HIS HIS B . n 
B 1 23 GLU 23 23 23 GLU GLU B . n 
B 1 24 VAL 24 24 24 VAL VAL B . n 
B 1 25 ARG 25 25 25 ARG ARG B . n 
B 1 26 LYS 26 26 26 LYS LYS B . n 
B 1 27 LEU 27 27 27 LEU LEU B . n 
B 1 28 ILE 28 28 28 ILE ILE B . n 
B 1 29 ALA 29 29 29 ALA ALA B . n 
B 1 30 GLY 30 30 30 GLY GLY B . n 
B 1 31 PRO 31 31 31 PRO PRO B . n 
B 1 32 SER 32 32 32 SER SER B . n 
B 1 33 VAL 33 33 33 VAL VAL B . n 
B 1 34 TYR 34 34 34 TYR TYR B . n 
B 1 35 ILE 35 35 35 ILE ILE B . n 
B 1 36 CYS 36 36 36 CYS CYS B . n 
B 1 37 ASP 37 37 37 ASP ASP B . n 
B 1 38 GLU 38 38 38 GLU GLU B . n 
B 1 39 CYS 39 39 39 CYS CYS B . n 
B 1 40 VAL 40 40 40 VAL VAL B . n 
B 1 41 ASP 41 41 41 ASP ASP B . n 
B 1 42 LEU 42 42 42 LEU LEU B . n 
B 1 43 CYS 43 43 43 CYS CYS B . n 
B 1 44 ASN 44 44 44 ASN ASN B . n 
B 1 45 ASP 45 45 45 ASP ASP B . n 
B 1 46 ILE 46 46 46 ILE ILE B . n 
B 1 47 ILE 47 47 47 ILE ILE B . n 
B 1 48 ARG 48 48 48 ARG ARG B . n 
B 1 49 GLU 49 49 49 GLU GLU B . n 
B 1 50 GLU 50 50 50 GLU GLU B . n 
B 1 51 ILE 51 51 51 ILE ILE B . n 
# 
loop_
_pdbx_nonpoly_scheme.asym_id 
_pdbx_nonpoly_scheme.entity_id 
_pdbx_nonpoly_scheme.mon_id 
_pdbx_nonpoly_scheme.ndb_seq_num 
_pdbx_nonpoly_scheme.pdb_seq_num 
_pdbx_nonpoly_scheme.auth_seq_num 
_pdbx_nonpoly_scheme.pdb_mon_id 
_pdbx_nonpoly_scheme.auth_mon_id 
_pdbx_nonpoly_scheme.pdb_strand_id 
_pdbx_nonpoly_scheme.pdb_ins_code 
C 2 ZN  1  100 100 ZN  ZN  A . 
D 3 CA  1  299 299 CA  CA  B . 
E 2 ZN  1  100 100 ZN  ZN  B . 
F 4 PG4 1  501 501 PG4 PG4 B . 
G 5 HOH 1  101 2   HOH HOH A . 
G 5 HOH 2  102 3   HOH HOH A . 
G 5 HOH 3  103 5   HOH HOH A . 
G 5 HOH 4  104 6   HOH HOH A . 
G 5 HOH 5  105 7   HOH HOH A . 
G 5 HOH 6  106 8   HOH HOH A . 
G 5 HOH 7  107 10  HOH HOH A . 
G 5 HOH 8  108 11  HOH HOH A . 
G 5 HOH 9  109 12  HOH HOH A . 
G 5 HOH 10 110 13  HOH HOH A . 
G 5 HOH 11 111 16  HOH HOH A . 
G 5 HOH 12 112 17  HOH HOH A . 
G 5 HOH 13 113 18  HOH HOH A . 
G 5 HOH 14 114 19  HOH HOH A . 
G 5 HOH 15 115 22  HOH HOH A . 
G 5 HOH 16 116 24  HOH HOH A . 
G 5 HOH 17 117 26  HOH HOH A . 
G 5 HOH 18 118 27  HOH HOH A . 
G 5 HOH 19 119 29  HOH HOH A . 
G 5 HOH 20 120 33  HOH HOH A . 
G 5 HOH 21 121 35  HOH HOH A . 
G 5 HOH 22 122 37  HOH HOH A . 
G 5 HOH 23 123 39  HOH HOH A . 
G 5 HOH 24 124 43  HOH HOH A . 
G 5 HOH 25 125 44  HOH HOH A . 
G 5 HOH 26 126 46  HOH HOH A . 
G 5 HOH 27 127 47  HOH HOH A . 
G 5 HOH 28 128 49  HOH HOH A . 
G 5 HOH 29 129 51  HOH HOH A . 
G 5 HOH 30 130 52  HOH HOH A . 
G 5 HOH 31 131 53  HOH HOH A . 
G 5 HOH 32 132 56  HOH HOH A . 
G 5 HOH 33 133 58  HOH HOH A . 
G 5 HOH 34 134 60  HOH HOH A . 
G 5 HOH 35 135 61  HOH HOH A . 
G 5 HOH 36 136 63  HOH HOH A . 
G 5 HOH 37 137 66  HOH HOH A . 
G 5 HOH 38 138 70  HOH HOH A . 
G 5 HOH 39 139 71  HOH HOH A . 
G 5 HOH 40 140 74  HOH HOH A . 
G 5 HOH 41 141 76  HOH HOH A . 
G 5 HOH 42 142 78  HOH HOH A . 
G 5 HOH 43 143 80  HOH HOH A . 
G 5 HOH 44 144 82  HOH HOH A . 
G 5 HOH 45 145 83  HOH HOH A . 
G 5 HOH 46 146 86  HOH HOH A . 
G 5 HOH 47 147 87  HOH HOH A . 
G 5 HOH 48 148 88  HOH HOH A . 
G 5 HOH 49 149 89  HOH HOH A . 
G 5 HOH 50 150 95  HOH HOH A . 
G 5 HOH 51 151 98  HOH HOH A . 
G 5 HOH 52 152 103 HOH HOH A . 
G 5 HOH 53 153 104 HOH HOH A . 
G 5 HOH 54 154 110 HOH HOH A . 
G 5 HOH 55 155 113 HOH HOH A . 
G 5 HOH 56 156 114 HOH HOH A . 
G 5 HOH 57 157 115 HOH HOH A . 
G 5 HOH 58 158 122 HOH HOH A . 
G 5 HOH 59 159 124 HOH HOH A . 
H 5 HOH 1  502 1   HOH HOH B . 
H 5 HOH 2  503 4   HOH HOH B . 
H 5 HOH 3  504 9   HOH HOH B . 
H 5 HOH 4  505 14  HOH HOH B . 
H 5 HOH 5  506 15  HOH HOH B . 
H 5 HOH 6  507 20  HOH HOH B . 
H 5 HOH 7  508 21  HOH HOH B . 
H 5 HOH 8  509 23  HOH HOH B . 
H 5 HOH 9  510 25  HOH HOH B . 
H 5 HOH 10 511 28  HOH HOH B . 
H 5 HOH 11 512 30  HOH HOH B . 
H 5 HOH 12 513 31  HOH HOH B . 
H 5 HOH 13 514 32  HOH HOH B . 
H 5 HOH 14 515 34  HOH HOH B . 
H 5 HOH 15 516 36  HOH HOH B . 
H 5 HOH 16 517 38  HOH HOH B . 
H 5 HOH 17 518 40  HOH HOH B . 
H 5 HOH 18 519 41  HOH HOH B . 
H 5 HOH 19 520 42  HOH HOH B . 
H 5 HOH 20 521 45  HOH HOH B . 
H 5 HOH 21 522 48  HOH HOH B . 
H 5 HOH 22 523 50  HOH HOH B . 
H 5 HOH 23 524 54  HOH HOH B . 
H 5 HOH 24 525 55  HOH HOH B . 
H 5 HOH 25 526 57  HOH HOH B . 
H 5 HOH 26 527 59  HOH HOH B . 
H 5 HOH 27 528 62  HOH HOH B . 
H 5 HOH 28 529 64  HOH HOH B . 
H 5 HOH 29 530 65  HOH HOH B . 
H 5 HOH 30 531 67  HOH HOH B . 
H 5 HOH 31 532 68  HOH HOH B . 
H 5 HOH 32 533 69  HOH HOH B . 
H 5 HOH 33 534 72  HOH HOH B . 
H 5 HOH 34 535 73  HOH HOH B . 
H 5 HOH 35 536 75  HOH HOH B . 
H 5 HOH 36 537 77  HOH HOH B . 
H 5 HOH 37 538 79  HOH HOH B . 
H 5 HOH 38 539 81  HOH HOH B . 
H 5 HOH 39 540 84  HOH HOH B . 
H 5 HOH 40 541 85  HOH HOH B . 
H 5 HOH 41 542 90  HOH HOH B . 
H 5 HOH 42 543 91  HOH HOH B . 
H 5 HOH 43 544 92  HOH HOH B . 
H 5 HOH 44 545 93  HOH HOH B . 
H 5 HOH 45 546 94  HOH HOH B . 
H 5 HOH 46 547 96  HOH HOH B . 
H 5 HOH 47 548 97  HOH HOH B . 
H 5 HOH 48 549 99  HOH HOH B . 
H 5 HOH 49 550 100 HOH HOH B . 
H 5 HOH 50 551 101 HOH HOH B . 
H 5 HOH 51 552 102 HOH HOH B . 
H 5 HOH 52 553 105 HOH HOH B . 
H 5 HOH 53 554 106 HOH HOH B . 
H 5 HOH 54 555 107 HOH HOH B . 
H 5 HOH 55 556 108 HOH HOH B . 
H 5 HOH 56 557 109 HOH HOH B . 
H 5 HOH 57 558 111 HOH HOH B . 
H 5 HOH 58 559 112 HOH HOH B . 
H 5 HOH 59 560 116 HOH HOH B . 
H 5 HOH 60 561 117 HOH HOH B . 
H 5 HOH 61 562 118 HOH HOH B . 
H 5 HOH 62 563 119 HOH HOH B . 
H 5 HOH 63 564 120 HOH HOH B . 
H 5 HOH 64 565 121 HOH HOH B . 
H 5 HOH 65 566 123 HOH HOH B . 
H 5 HOH 66 567 125 HOH HOH B . 
# 
_pdbx_struct_assembly.id                   1 
_pdbx_struct_assembly.details              author_and_software_defined_assembly 
_pdbx_struct_assembly.method_details       PISA 
_pdbx_struct_assembly.oligomeric_details   dimeric 
_pdbx_struct_assembly.oligomeric_count     2 
# 
_pdbx_struct_assembly_gen.assembly_id       1 
_pdbx_struct_assembly_gen.oper_expression   1 
_pdbx_struct_assembly_gen.asym_id_list      A,B,C,D,E,F,G,H 
# 
loop_
_pdbx_struct_assembly_prop.biol_id 
_pdbx_struct_assembly_prop.type 
_pdbx_struct_assembly_prop.value 
_pdbx_struct_assembly_prop.details 
1 'ABSA (A^2)' 1810 ? 
1 MORE         -25  ? 
1 'SSA (A^2)'  6000 ? 
# 
_pdbx_struct_oper_list.id                   1 
_pdbx_struct_oper_list.type                 'identity operation' 
_pdbx_struct_oper_list.name                 1_555 
_pdbx_struct_oper_list.symmetry_operation   x,y,z 
_pdbx_struct_oper_list.matrix[1][1]         1.0000000000 
_pdbx_struct_oper_list.matrix[1][2]         0.0000000000 
_pdbx_struct_oper_list.matrix[1][3]         0.0000000000 
_pdbx_struct_oper_list.vector[1]            0.0000000000 
_pdbx_struct_oper_list.matrix[2][1]         0.0000000000 
_pdbx_struct_oper_list.matrix[2][2]         1.0000000000 
_pdbx_struct_oper_list.matrix[2][3]         0.0000000000 
_pdbx_struct_oper_list.vector[2]            0.0000000000 
_pdbx_struct_oper_list.matrix[3][1]         0.0000000000 
_pdbx_struct_oper_list.matrix[3][2]         0.0000000000 
_pdbx_struct_oper_list.matrix[3][3]         1.0000000000 
_pdbx_struct_oper_list.vector[3]            0.0000000000 
# 
loop_
_pdbx_struct_conn_angle.id 
_pdbx_struct_conn_angle.ptnr1_label_atom_id 
_pdbx_struct_conn_angle.ptnr1_label_alt_id 
_pdbx_struct_conn_angle.ptnr1_label_asym_id 
_pdbx_struct_conn_angle.ptnr1_label_comp_id 
_pdbx_struct_conn_angle.ptnr1_label_seq_id 
_pdbx_struct_conn_angle.ptnr1_auth_atom_id 
_pdbx_struct_conn_angle.ptnr1_auth_asym_id 
_pdbx_struct_conn_angle.ptnr1_auth_comp_id 
_pdbx_struct_conn_angle.ptnr1_auth_seq_id 
_pdbx_struct_conn_angle.ptnr1_PDB_ins_code 
_pdbx_struct_conn_angle.ptnr1_symmetry 
_pdbx_struct_conn_angle.ptnr2_label_atom_id 
_pdbx_struct_conn_angle.ptnr2_label_alt_id 
_pdbx_struct_conn_angle.ptnr2_label_asym_id 
_pdbx_struct_conn_angle.ptnr2_label_comp_id 
_pdbx_struct_conn_angle.ptnr2_label_seq_id 
_pdbx_struct_conn_angle.ptnr2_auth_atom_id 
_pdbx_struct_conn_angle.ptnr2_auth_asym_id 
_pdbx_struct_conn_angle.ptnr2_auth_comp_id 
_pdbx_struct_conn_angle.ptnr2_auth_seq_id 
_pdbx_struct_conn_angle.ptnr2_PDB_ins_code 
_pdbx_struct_conn_angle.ptnr2_symmetry 
_pdbx_struct_conn_angle.ptnr3_label_atom_id 
_pdbx_struct_conn_angle.ptnr3_label_alt_id 
_pdbx_struct_conn_angle.ptnr3_label_asym_id 
_pdbx_struct_conn_angle.ptnr3_label_comp_id 
_pdbx_struct_conn_angle.ptnr3_label_seq_id 
_pdbx_struct_conn_angle.ptnr3_auth_atom_id 
_pdbx_struct_conn_angle.ptnr3_auth_asym_id 
_pdbx_struct_conn_angle.ptnr3_auth_comp_id 
_pdbx_struct_conn_angle.ptnr3_auth_seq_id 
_pdbx_struct_conn_angle.ptnr3_PDB_ins_code 
_pdbx_struct_conn_angle.ptnr3_symmetry 
_pdbx_struct_conn_angle.value 
_pdbx_struct_conn_angle.value_esd 
1  SG  ? A CYS 14 ? A CYS 14  ? 1_555 ZN ? C ZN . ? A ZN 100 ? 1_555 SG  ? A CYS 17 ? A CYS 17  ? 1_555 109.1 ? 
2  SG  ? A CYS 14 ? A CYS 14  ? 1_555 ZN ? C ZN . ? A ZN 100 ? 1_555 SG  ? A CYS 36 ? A CYS 36  ? 1_555 113.6 ? 
3  SG  ? A CYS 17 ? A CYS 17  ? 1_555 ZN ? C ZN . ? A ZN 100 ? 1_555 SG  ? A CYS 36 ? A CYS 36  ? 1_555 108.0 ? 
4  SG  ? A CYS 14 ? A CYS 14  ? 1_555 ZN ? C ZN . ? A ZN 100 ? 1_555 SG  ? A CYS 39 ? A CYS 39  ? 1_555 105.9 ? 
5  SG  ? A CYS 17 ? A CYS 17  ? 1_555 ZN ? C ZN . ? A ZN 100 ? 1_555 SG  ? A CYS 39 ? A CYS 39  ? 1_555 106.9 ? 
6  SG  ? A CYS 36 ? A CYS 36  ? 1_555 ZN ? C ZN . ? A ZN 100 ? 1_555 SG  ? A CYS 39 ? A CYS 39  ? 1_555 113.1 ? 
7  OD1 ? A ASP 41 ? A ASP 41  ? 1_455 CA ? D CA . ? B CA 299 ? 1_555 OD2 ? A ASP 41 ? A ASP 41  ? 1_455 39.1  ? 
8  OD1 ? A ASP 41 ? A ASP 41  ? 1_455 CA ? D CA . ? B CA 299 ? 1_555 O   ? A ASP 41 ? A ASP 41  ? 1_455 75.2  ? 
9  OD2 ? A ASP 41 ? A ASP 41  ? 1_455 CA ? D CA . ? B CA 299 ? 1_555 O   ? A ASP 41 ? A ASP 41  ? 1_455 96.9  ? 
10 OD1 ? A ASP 41 ? A ASP 41  ? 1_455 CA ? D CA . ? B CA 299 ? 1_555 OD2 ? A ASP 45 ? A ASP 45  ? 1_455 154.5 ? 
11 OD2 ? A ASP 41 ? A ASP 41  ? 1_455 CA ? D CA . ? B CA 299 ? 1_555 OD2 ? A ASP 45 ? A ASP 45  ? 1_455 133.0 ? 
12 O   ? A ASP 41 ? A ASP 41  ? 1_455 CA ? D CA . ? B CA 299 ? 1_555 OD2 ? A ASP 45 ? A ASP 45  ? 1_455 83.7  ? 
13 OD1 ? A ASP 41 ? A ASP 41  ? 1_455 CA ? D CA . ? B CA 299 ? 1_555 OD1 ? A ASP 45 ? A ASP 45  ? 1_455 141.8 ? 
14 OD2 ? A ASP 41 ? A ASP 41  ? 1_455 CA ? D CA . ? B CA 299 ? 1_555 OD1 ? A ASP 45 ? A ASP 45  ? 1_455 178.8 ? 
15 O   ? A ASP 41 ? A ASP 41  ? 1_455 CA ? D CA . ? B CA 299 ? 1_555 OD1 ? A ASP 45 ? A ASP 45  ? 1_455 84.2  ? 
16 OD2 ? A ASP 45 ? A ASP 45  ? 1_455 CA ? D CA . ? B CA 299 ? 1_555 OD1 ? A ASP 45 ? A ASP 45  ? 1_455 46.8  ? 
17 OD1 ? A ASP 41 ? A ASP 41  ? 1_455 CA ? D CA . ? B CA 299 ? 1_555 O   ? G HOH .  ? A HOH 122 ? 1_455 88.6  ? 
18 OD2 ? A ASP 41 ? A ASP 41  ? 1_455 CA ? D CA . ? B CA 299 ? 1_555 O   ? G HOH .  ? A HOH 122 ? 1_455 59.0  ? 
19 O   ? A ASP 41 ? A ASP 41  ? 1_455 CA ? D CA . ? B CA 299 ? 1_555 O   ? G HOH .  ? A HOH 122 ? 1_455 83.2  ? 
20 OD2 ? A ASP 45 ? A ASP 45  ? 1_455 CA ? D CA . ? B CA 299 ? 1_555 O   ? G HOH .  ? A HOH 122 ? 1_455 74.6  ? 
21 OD1 ? A ASP 45 ? A ASP 45  ? 1_455 CA ? D CA . ? B CA 299 ? 1_555 O   ? G HOH .  ? A HOH 122 ? 1_455 121.0 ? 
22 OD1 ? A ASP 41 ? A ASP 41  ? 1_455 CA ? D CA . ? B CA 299 ? 1_555 O   ? G HOH .  ? A HOH 123 ? 1_455 88.4  ? 
23 OD2 ? A ASP 41 ? A ASP 41  ? 1_455 CA ? D CA . ? B CA 299 ? 1_555 O   ? G HOH .  ? A HOH 123 ? 1_455 106.5 ? 
24 O   ? A ASP 41 ? A ASP 41  ? 1_455 CA ? D CA . ? B CA 299 ? 1_555 O   ? G HOH .  ? A HOH 123 ? 1_455 117.8 ? 
25 OD2 ? A ASP 45 ? A ASP 45  ? 1_455 CA ? D CA . ? B CA 299 ? 1_555 O   ? G HOH .  ? A HOH 123 ? 1_455 114.5 ? 
26 OD1 ? A ASP 45 ? A ASP 45  ? 1_455 CA ? D CA . ? B CA 299 ? 1_555 O   ? G HOH .  ? A HOH 123 ? 1_455 73.1  ? 
27 O   ? G HOH .  ? A HOH 122 ? 1_455 CA ? D CA . ? B CA 299 ? 1_555 O   ? G HOH .  ? A HOH 123 ? 1_455 157.1 ? 
28 OD1 ? A ASP 41 ? A ASP 41  ? 1_455 CA ? D CA . ? B CA 299 ? 1_555 O   ? B GLY 9  ? B GLY 9   ? 1_555 112.9 ? 
29 OD2 ? A ASP 41 ? A ASP 41  ? 1_455 CA ? D CA . ? B CA 299 ? 1_555 O   ? B GLY 9  ? B GLY 9   ? 1_555 82.9  ? 
30 O   ? A ASP 41 ? A ASP 41  ? 1_455 CA ? D CA . ? B CA 299 ? 1_555 O   ? B GLY 9  ? B GLY 9   ? 1_555 163.2 ? 
31 OD2 ? A ASP 45 ? A ASP 45  ? 1_455 CA ? D CA . ? B CA 299 ? 1_555 O   ? B GLY 9  ? B GLY 9   ? 1_555 84.2  ? 
32 OD1 ? A ASP 45 ? A ASP 45  ? 1_455 CA ? D CA . ? B CA 299 ? 1_555 O   ? B GLY 9  ? B GLY 9   ? 1_555 95.9  ? 
33 O   ? G HOH .  ? A HOH 122 ? 1_455 CA ? D CA . ? B CA 299 ? 1_555 O   ? B GLY 9  ? B GLY 9   ? 1_555 82.4  ? 
34 O   ? G HOH .  ? A HOH 123 ? 1_455 CA ? D CA . ? B CA 299 ? 1_555 O   ? B GLY 9  ? B GLY 9   ? 1_555 77.9  ? 
35 SG  ? B CYS 14 ? B CYS 14  ? 1_555 ZN ? E ZN . ? B ZN 100 ? 1_555 SG  ? B CYS 17 ? B CYS 17  ? 1_555 107.8 ? 
36 SG  ? B CYS 14 ? B CYS 14  ? 1_555 ZN ? E ZN . ? B ZN 100 ? 1_555 SG  ? B CYS 36 ? B CYS 36  ? 1_555 114.2 ? 
37 SG  ? B CYS 17 ? B CYS 17  ? 1_555 ZN ? E ZN . ? B ZN 100 ? 1_555 SG  ? B CYS 36 ? B CYS 36  ? 1_555 109.4 ? 
38 SG  ? B CYS 14 ? B CYS 14  ? 1_555 ZN ? E ZN . ? B ZN 100 ? 1_555 SG  ? B CYS 39 ? B CYS 39  ? 1_555 106.2 ? 
39 SG  ? B CYS 17 ? B CYS 17  ? 1_555 ZN ? E ZN . ? B ZN 100 ? 1_555 SG  ? B CYS 39 ? B CYS 39  ? 1_555 107.1 ? 
40 SG  ? B CYS 36 ? B CYS 36  ? 1_555 ZN ? E ZN . ? B ZN 100 ? 1_555 SG  ? B CYS 39 ? B CYS 39  ? 1_555 111.8 ? 
# 
loop_
_pdbx_audit_revision_history.ordinal 
_pdbx_audit_revision_history.data_content_type 
_pdbx_audit_revision_history.major_revision 
_pdbx_audit_revision_history.minor_revision 
_pdbx_audit_revision_history.revision_date 
1 'Structure model' 1 0 2007-02-13 
2 'Structure model' 1 1 2008-04-30 
3 'Structure model' 1 2 2011-07-13 
4 'Structure model' 1 3 2023-10-25 
# 
_pdbx_audit_revision_details.ordinal             1 
_pdbx_audit_revision_details.revision_ordinal    1 
_pdbx_audit_revision_details.data_content_type   'Structure model' 
_pdbx_audit_revision_details.provider            repository 
_pdbx_audit_revision_details.type                'Initial release' 
_pdbx_audit_revision_details.description         ? 
_pdbx_audit_revision_details.details             ? 
# 
loop_
_pdbx_audit_revision_group.ordinal 
_pdbx_audit_revision_group.revision_ordinal 
_pdbx_audit_revision_group.data_content_type 
_pdbx_audit_revision_group.group 
1 2 'Structure model' 'Version format compliance' 
2 3 'Structure model' 'Version format compliance' 
3 4 'Structure model' 'Data collection'           
4 4 'Structure model' 'Database references'       
5 4 'Structure model' 'Derived calculations'      
6 4 'Structure model' 'Refinement description'    
# 
loop_
_pdbx_audit_revision_category.ordinal 
_pdbx_audit_revision_category.revision_ordinal 
_pdbx_audit_revision_category.data_content_type 
_pdbx_audit_revision_category.category 
1 4 'Structure model' chem_comp_atom                
2 4 'Structure model' chem_comp_bond                
3 4 'Structure model' database_2                    
4 4 'Structure model' pdbx_initial_refinement_model 
5 4 'Structure model' pdbx_struct_conn_angle        
6 4 'Structure model' struct_conn                   
7 4 'Structure model' struct_site                   
# 
loop_
_pdbx_audit_revision_item.ordinal 
_pdbx_audit_revision_item.revision_ordinal 
_pdbx_audit_revision_item.data_content_type 
_pdbx_audit_revision_item.item 
1  4 'Structure model' '_database_2.pdbx_DOI'                        
2  4 'Structure model' '_database_2.pdbx_database_accession'         
3  4 'Structure model' '_pdbx_struct_conn_angle.ptnr1_auth_asym_id'  
4  4 'Structure model' '_pdbx_struct_conn_angle.ptnr1_auth_comp_id'  
5  4 'Structure model' '_pdbx_struct_conn_angle.ptnr1_auth_seq_id'   
6  4 'Structure model' '_pdbx_struct_conn_angle.ptnr1_label_asym_id' 
7  4 'Structure model' '_pdbx_struct_conn_angle.ptnr1_label_atom_id' 
8  4 'Structure model' '_pdbx_struct_conn_angle.ptnr1_label_comp_id' 
9  4 'Structure model' '_pdbx_struct_conn_angle.ptnr1_label_seq_id'  
10 4 'Structure model' '_pdbx_struct_conn_angle.ptnr1_symmetry'      
11 4 'Structure model' '_pdbx_struct_conn_angle.ptnr2_auth_comp_id'  
12 4 'Structure model' '_pdbx_struct_conn_angle.ptnr2_auth_seq_id'   
13 4 'Structure model' '_pdbx_struct_conn_angle.ptnr2_label_asym_id' 
14 4 'Structure model' '_pdbx_struct_conn_angle.ptnr2_label_atom_id' 
15 4 'Structure model' '_pdbx_struct_conn_angle.ptnr2_label_comp_id' 
16 4 'Structure model' '_pdbx_struct_conn_angle.ptnr3_auth_asym_id'  
17 4 'Structure model' '_pdbx_struct_conn_angle.ptnr3_auth_comp_id'  
18 4 'Structure model' '_pdbx_struct_conn_angle.ptnr3_auth_seq_id'   
19 4 'Structure model' '_pdbx_struct_conn_angle.ptnr3_label_asym_id' 
20 4 'Structure model' '_pdbx_struct_conn_angle.ptnr3_label_atom_id' 
21 4 'Structure model' '_pdbx_struct_conn_angle.ptnr3_label_comp_id' 
22 4 'Structure model' '_pdbx_struct_conn_angle.ptnr3_label_seq_id'  
23 4 'Structure model' '_pdbx_struct_conn_angle.ptnr3_symmetry'      
24 4 'Structure model' '_pdbx_struct_conn_angle.value'               
25 4 'Structure model' '_struct_conn.pdbx_dist_value'                
26 4 'Structure model' '_struct_conn.ptnr1_auth_asym_id'             
27 4 'Structure model' '_struct_conn.ptnr1_auth_comp_id'             
28 4 'Structure model' '_struct_conn.ptnr1_auth_seq_id'              
29 4 'Structure model' '_struct_conn.ptnr1_label_asym_id'            
30 4 'Structure model' '_struct_conn.ptnr1_label_atom_id'            
31 4 'Structure model' '_struct_conn.ptnr1_label_comp_id'            
32 4 'Structure model' '_struct_conn.ptnr1_label_seq_id'             
33 4 'Structure model' '_struct_conn.ptnr1_symmetry'                 
34 4 'Structure model' '_struct_conn.ptnr2_auth_asym_id'             
35 4 'Structure model' '_struct_conn.ptnr2_auth_comp_id'             
36 4 'Structure model' '_struct_conn.ptnr2_auth_seq_id'              
37 4 'Structure model' '_struct_conn.ptnr2_label_asym_id'            
38 4 'Structure model' '_struct_conn.ptnr2_label_atom_id'            
39 4 'Structure model' '_struct_conn.ptnr2_label_comp_id'            
40 4 'Structure model' '_struct_conn.ptnr2_label_seq_id'             
41 4 'Structure model' '_struct_conn.ptnr2_symmetry'                 
42 4 'Structure model' '_struct_site.pdbx_auth_asym_id'              
43 4 'Structure model' '_struct_site.pdbx_auth_comp_id'              
44 4 'Structure model' '_struct_site.pdbx_auth_seq_id'               
# 
loop_
_software.name 
_software.classification 
_software.version 
_software.citation_id 
_software.pdbx_ordinal 
PHASER   phasing          .   ? 1 
CNS      refinement       1.1 ? 2 
HKL-2000 'data reduction' .   ? 3 
HKL-2000 'data scaling'   .   ? 4 
# 
_pdbx_validate_torsion.id              1 
_pdbx_validate_torsion.PDB_model_num   1 
_pdbx_validate_torsion.auth_comp_id    SER 
_pdbx_validate_torsion.auth_asym_id    A 
_pdbx_validate_torsion.auth_seq_id     32 
_pdbx_validate_torsion.PDB_ins_code    ? 
_pdbx_validate_torsion.label_alt_id    ? 
_pdbx_validate_torsion.phi             -140.61 
_pdbx_validate_torsion.psi             21.83 
# 
loop_
_pdbx_unobs_or_zero_occ_atoms.id 
_pdbx_unobs_or_zero_occ_atoms.PDB_model_num 
_pdbx_unobs_or_zero_occ_atoms.polymer_flag 
_pdbx_unobs_or_zero_occ_atoms.occupancy_flag 
_pdbx_unobs_or_zero_occ_atoms.auth_asym_id 
_pdbx_unobs_or_zero_occ_atoms.auth_comp_id 
_pdbx_unobs_or_zero_occ_atoms.auth_seq_id 
_pdbx_unobs_or_zero_occ_atoms.PDB_ins_code 
_pdbx_unobs_or_zero_occ_atoms.auth_atom_id 
_pdbx_unobs_or_zero_occ_atoms.label_alt_id 
_pdbx_unobs_or_zero_occ_atoms.label_asym_id 
_pdbx_unobs_or_zero_occ_atoms.label_comp_id 
_pdbx_unobs_or_zero_occ_atoms.label_seq_id 
_pdbx_unobs_or_zero_occ_atoms.label_atom_id 
1 1 Y 1 A LYS 10 ? CD ? A LYS 10 CD 
2 1 Y 1 A LYS 10 ? CE ? A LYS 10 CE 
3 1 Y 1 A LYS 10 ? NZ ? A LYS 10 NZ 
4 1 Y 1 B LYS 10 ? CD ? B LYS 10 CD 
5 1 Y 1 B LYS 10 ? CE ? B LYS 10 CE 
6 1 Y 1 B LYS 10 ? NZ ? B LYS 10 NZ 
# 
loop_
_pdbx_unobs_or_zero_occ_residues.id 
_pdbx_unobs_or_zero_occ_residues.PDB_model_num 
_pdbx_unobs_or_zero_occ_residues.polymer_flag 
_pdbx_unobs_or_zero_occ_residues.occupancy_flag 
_pdbx_unobs_or_zero_occ_residues.auth_asym_id 
_pdbx_unobs_or_zero_occ_residues.auth_comp_id 
_pdbx_unobs_or_zero_occ_residues.auth_seq_id 
_pdbx_unobs_or_zero_occ_residues.PDB_ins_code 
_pdbx_unobs_or_zero_occ_residues.label_asym_id 
_pdbx_unobs_or_zero_occ_residues.label_comp_id 
_pdbx_unobs_or_zero_occ_residues.label_seq_id 
1  1 Y 1 A THR 1 ? A THR 1 
2  1 Y 1 A ASP 2 ? A ASP 2 
3  1 Y 1 A LYS 3 ? A LYS 3 
4  1 Y 1 A ARG 4 ? A ARG 4 
5  1 Y 1 A LYS 5 ? A LYS 5 
6  1 Y 1 A ASP 6 ? A ASP 6 
7  1 Y 1 A GLY 7 ? A GLY 7 
8  1 Y 1 A SER 8 ? A SER 8 
9  1 Y 1 B THR 1 ? B THR 1 
10 1 Y 1 B ASP 2 ? B ASP 2 
11 1 Y 1 B LYS 3 ? B LYS 3 
12 1 Y 1 B ARG 4 ? B ARG 4 
13 1 Y 1 B LYS 5 ? B LYS 5 
14 1 Y 1 B ASP 6 ? B ASP 6 
15 1 Y 1 B GLY 7 ? B GLY 7 
# 
loop_
_chem_comp_atom.comp_id 
_chem_comp_atom.atom_id 
_chem_comp_atom.type_symbol 
_chem_comp_atom.pdbx_aromatic_flag 
_chem_comp_atom.pdbx_stereo_config 
_chem_comp_atom.pdbx_ordinal 
ALA N    N  N N 1   
ALA CA   C  N S 2   
ALA C    C  N N 3   
ALA O    O  N N 4   
ALA CB   C  N N 5   
ALA OXT  O  N N 6   
ALA H    H  N N 7   
ALA H2   H  N N 8   
ALA HA   H  N N 9   
ALA HB1  H  N N 10  
ALA HB2  H  N N 11  
ALA HB3  H  N N 12  
ALA HXT  H  N N 13  
ARG N    N  N N 14  
ARG CA   C  N S 15  
ARG C    C  N N 16  
ARG O    O  N N 17  
ARG CB   C  N N 18  
ARG CG   C  N N 19  
ARG CD   C  N N 20  
ARG NE   N  N N 21  
ARG CZ   C  N N 22  
ARG NH1  N  N N 23  
ARG NH2  N  N N 24  
ARG OXT  O  N N 25  
ARG H    H  N N 26  
ARG H2   H  N N 27  
ARG HA   H  N N 28  
ARG HB2  H  N N 29  
ARG HB3  H  N N 30  
ARG HG2  H  N N 31  
ARG HG3  H  N N 32  
ARG HD2  H  N N 33  
ARG HD3  H  N N 34  
ARG HE   H  N N 35  
ARG HH11 H  N N 36  
ARG HH12 H  N N 37  
ARG HH21 H  N N 38  
ARG HH22 H  N N 39  
ARG HXT  H  N N 40  
ASN N    N  N N 41  
ASN CA   C  N S 42  
ASN C    C  N N 43  
ASN O    O  N N 44  
ASN CB   C  N N 45  
ASN CG   C  N N 46  
ASN OD1  O  N N 47  
ASN ND2  N  N N 48  
ASN OXT  O  N N 49  
ASN H    H  N N 50  
ASN H2   H  N N 51  
ASN HA   H  N N 52  
ASN HB2  H  N N 53  
ASN HB3  H  N N 54  
ASN HD21 H  N N 55  
ASN HD22 H  N N 56  
ASN HXT  H  N N 57  
ASP N    N  N N 58  
ASP CA   C  N S 59  
ASP C    C  N N 60  
ASP O    O  N N 61  
ASP CB   C  N N 62  
ASP CG   C  N N 63  
ASP OD1  O  N N 64  
ASP OD2  O  N N 65  
ASP OXT  O  N N 66  
ASP H    H  N N 67  
ASP H2   H  N N 68  
ASP HA   H  N N 69  
ASP HB2  H  N N 70  
ASP HB3  H  N N 71  
ASP HD2  H  N N 72  
ASP HXT  H  N N 73  
CA  CA   CA N N 74  
CYS N    N  N N 75  
CYS CA   C  N R 76  
CYS C    C  N N 77  
CYS O    O  N N 78  
CYS CB   C  N N 79  
CYS SG   S  N N 80  
CYS OXT  O  N N 81  
CYS H    H  N N 82  
CYS H2   H  N N 83  
CYS HA   H  N N 84  
CYS HB2  H  N N 85  
CYS HB3  H  N N 86  
CYS HG   H  N N 87  
CYS HXT  H  N N 88  
GLN N    N  N N 89  
GLN CA   C  N S 90  
GLN C    C  N N 91  
GLN O    O  N N 92  
GLN CB   C  N N 93  
GLN CG   C  N N 94  
GLN CD   C  N N 95  
GLN OE1  O  N N 96  
GLN NE2  N  N N 97  
GLN OXT  O  N N 98  
GLN H    H  N N 99  
GLN H2   H  N N 100 
GLN HA   H  N N 101 
GLN HB2  H  N N 102 
GLN HB3  H  N N 103 
GLN HG2  H  N N 104 
GLN HG3  H  N N 105 
GLN HE21 H  N N 106 
GLN HE22 H  N N 107 
GLN HXT  H  N N 108 
GLU N    N  N N 109 
GLU CA   C  N S 110 
GLU C    C  N N 111 
GLU O    O  N N 112 
GLU CB   C  N N 113 
GLU CG   C  N N 114 
GLU CD   C  N N 115 
GLU OE1  O  N N 116 
GLU OE2  O  N N 117 
GLU OXT  O  N N 118 
GLU H    H  N N 119 
GLU H2   H  N N 120 
GLU HA   H  N N 121 
GLU HB2  H  N N 122 
GLU HB3  H  N N 123 
GLU HG2  H  N N 124 
GLU HG3  H  N N 125 
GLU HE2  H  N N 126 
GLU HXT  H  N N 127 
GLY N    N  N N 128 
GLY CA   C  N N 129 
GLY C    C  N N 130 
GLY O    O  N N 131 
GLY OXT  O  N N 132 
GLY H    H  N N 133 
GLY H2   H  N N 134 
GLY HA2  H  N N 135 
GLY HA3  H  N N 136 
GLY HXT  H  N N 137 
HIS N    N  N N 138 
HIS CA   C  N S 139 
HIS C    C  N N 140 
HIS O    O  N N 141 
HIS CB   C  N N 142 
HIS CG   C  Y N 143 
HIS ND1  N  Y N 144 
HIS CD2  C  Y N 145 
HIS CE1  C  Y N 146 
HIS NE2  N  Y N 147 
HIS OXT  O  N N 148 
HIS H    H  N N 149 
HIS H2   H  N N 150 
HIS HA   H  N N 151 
HIS HB2  H  N N 152 
HIS HB3  H  N N 153 
HIS HD1  H  N N 154 
HIS HD2  H  N N 155 
HIS HE1  H  N N 156 
HIS HE2  H  N N 157 
HIS HXT  H  N N 158 
HOH O    O  N N 159 
HOH H1   H  N N 160 
HOH H2   H  N N 161 
ILE N    N  N N 162 
ILE CA   C  N S 163 
ILE C    C  N N 164 
ILE O    O  N N 165 
ILE CB   C  N S 166 
ILE CG1  C  N N 167 
ILE CG2  C  N N 168 
ILE CD1  C  N N 169 
ILE OXT  O  N N 170 
ILE H    H  N N 171 
ILE H2   H  N N 172 
ILE HA   H  N N 173 
ILE HB   H  N N 174 
ILE HG12 H  N N 175 
ILE HG13 H  N N 176 
ILE HG21 H  N N 177 
ILE HG22 H  N N 178 
ILE HG23 H  N N 179 
ILE HD11 H  N N 180 
ILE HD12 H  N N 181 
ILE HD13 H  N N 182 
ILE HXT  H  N N 183 
LEU N    N  N N 184 
LEU CA   C  N S 185 
LEU C    C  N N 186 
LEU O    O  N N 187 
LEU CB   C  N N 188 
LEU CG   C  N N 189 
LEU CD1  C  N N 190 
LEU CD2  C  N N 191 
LEU OXT  O  N N 192 
LEU H    H  N N 193 
LEU H2   H  N N 194 
LEU HA   H  N N 195 
LEU HB2  H  N N 196 
LEU HB3  H  N N 197 
LEU HG   H  N N 198 
LEU HD11 H  N N 199 
LEU HD12 H  N N 200 
LEU HD13 H  N N 201 
LEU HD21 H  N N 202 
LEU HD22 H  N N 203 
LEU HD23 H  N N 204 
LEU HXT  H  N N 205 
LYS N    N  N N 206 
LYS CA   C  N S 207 
LYS C    C  N N 208 
LYS O    O  N N 209 
LYS CB   C  N N 210 
LYS CG   C  N N 211 
LYS CD   C  N N 212 
LYS CE   C  N N 213 
LYS NZ   N  N N 214 
LYS OXT  O  N N 215 
LYS H    H  N N 216 
LYS H2   H  N N 217 
LYS HA   H  N N 218 
LYS HB2  H  N N 219 
LYS HB3  H  N N 220 
LYS HG2  H  N N 221 
LYS HG3  H  N N 222 
LYS HD2  H  N N 223 
LYS HD3  H  N N 224 
LYS HE2  H  N N 225 
LYS HE3  H  N N 226 
LYS HZ1  H  N N 227 
LYS HZ2  H  N N 228 
LYS HZ3  H  N N 229 
LYS HXT  H  N N 230 
PG4 O1   O  N N 231 
PG4 C1   C  N N 232 
PG4 C2   C  N N 233 
PG4 O2   O  N N 234 
PG4 C3   C  N N 235 
PG4 C4   C  N N 236 
PG4 O3   O  N N 237 
PG4 C5   C  N N 238 
PG4 C6   C  N N 239 
PG4 O4   O  N N 240 
PG4 C7   C  N N 241 
PG4 C8   C  N N 242 
PG4 O5   O  N N 243 
PG4 HO1  H  N N 244 
PG4 H11  H  N N 245 
PG4 H12  H  N N 246 
PG4 H21  H  N N 247 
PG4 H22  H  N N 248 
PG4 H31  H  N N 249 
PG4 H32  H  N N 250 
PG4 H41  H  N N 251 
PG4 H42  H  N N 252 
PG4 H51  H  N N 253 
PG4 H52  H  N N 254 
PG4 H61  H  N N 255 
PG4 H62  H  N N 256 
PG4 H71  H  N N 257 
PG4 H72  H  N N 258 
PG4 H81  H  N N 259 
PG4 H82  H  N N 260 
PG4 HO5  H  N N 261 
PHE N    N  N N 262 
PHE CA   C  N S 263 
PHE C    C  N N 264 
PHE O    O  N N 265 
PHE CB   C  N N 266 
PHE CG   C  Y N 267 
PHE CD1  C  Y N 268 
PHE CD2  C  Y N 269 
PHE CE1  C  Y N 270 
PHE CE2  C  Y N 271 
PHE CZ   C  Y N 272 
PHE OXT  O  N N 273 
PHE H    H  N N 274 
PHE H2   H  N N 275 
PHE HA   H  N N 276 
PHE HB2  H  N N 277 
PHE HB3  H  N N 278 
PHE HD1  H  N N 279 
PHE HD2  H  N N 280 
PHE HE1  H  N N 281 
PHE HE2  H  N N 282 
PHE HZ   H  N N 283 
PHE HXT  H  N N 284 
PRO N    N  N N 285 
PRO CA   C  N S 286 
PRO C    C  N N 287 
PRO O    O  N N 288 
PRO CB   C  N N 289 
PRO CG   C  N N 290 
PRO CD   C  N N 291 
PRO OXT  O  N N 292 
PRO H    H  N N 293 
PRO HA   H  N N 294 
PRO HB2  H  N N 295 
PRO HB3  H  N N 296 
PRO HG2  H  N N 297 
PRO HG3  H  N N 298 
PRO HD2  H  N N 299 
PRO HD3  H  N N 300 
PRO HXT  H  N N 301 
SER N    N  N N 302 
SER CA   C  N S 303 
SER C    C  N N 304 
SER O    O  N N 305 
SER CB   C  N N 306 
SER OG   O  N N 307 
SER OXT  O  N N 308 
SER H    H  N N 309 
SER H2   H  N N 310 
SER HA   H  N N 311 
SER HB2  H  N N 312 
SER HB3  H  N N 313 
SER HG   H  N N 314 
SER HXT  H  N N 315 
THR N    N  N N 316 
THR CA   C  N S 317 
THR C    C  N N 318 
THR O    O  N N 319 
THR CB   C  N R 320 
THR OG1  O  N N 321 
THR CG2  C  N N 322 
THR OXT  O  N N 323 
THR H    H  N N 324 
THR H2   H  N N 325 
THR HA   H  N N 326 
THR HB   H  N N 327 
THR HG1  H  N N 328 
THR HG21 H  N N 329 
THR HG22 H  N N 330 
THR HG23 H  N N 331 
THR HXT  H  N N 332 
TYR N    N  N N 333 
TYR CA   C  N S 334 
TYR C    C  N N 335 
TYR O    O  N N 336 
TYR CB   C  N N 337 
TYR CG   C  Y N 338 
TYR CD1  C  Y N 339 
TYR CD2  C  Y N 340 
TYR CE1  C  Y N 341 
TYR CE2  C  Y N 342 
TYR CZ   C  Y N 343 
TYR OH   O  N N 344 
TYR OXT  O  N N 345 
TYR H    H  N N 346 
TYR H2   H  N N 347 
TYR HA   H  N N 348 
TYR HB2  H  N N 349 
TYR HB3  H  N N 350 
TYR HD1  H  N N 351 
TYR HD2  H  N N 352 
TYR HE1  H  N N 353 
TYR HE2  H  N N 354 
TYR HH   H  N N 355 
TYR HXT  H  N N 356 
VAL N    N  N N 357 
VAL CA   C  N S 358 
VAL C    C  N N 359 
VAL O    O  N N 360 
VAL CB   C  N N 361 
VAL CG1  C  N N 362 
VAL CG2  C  N N 363 
VAL OXT  O  N N 364 
VAL H    H  N N 365 
VAL H2   H  N N 366 
VAL HA   H  N N 367 
VAL HB   H  N N 368 
VAL HG11 H  N N 369 
VAL HG12 H  N N 370 
VAL HG13 H  N N 371 
VAL HG21 H  N N 372 
VAL HG22 H  N N 373 
VAL HG23 H  N N 374 
VAL HXT  H  N N 375 
ZN  ZN   ZN N N 376 
# 
loop_
_chem_comp_bond.comp_id 
_chem_comp_bond.atom_id_1 
_chem_comp_bond.atom_id_2 
_chem_comp_bond.value_order 
_chem_comp_bond.pdbx_aromatic_flag 
_chem_comp_bond.pdbx_stereo_config 
_chem_comp_bond.pdbx_ordinal 
ALA N   CA   sing N N 1   
ALA N   H    sing N N 2   
ALA N   H2   sing N N 3   
ALA CA  C    sing N N 4   
ALA CA  CB   sing N N 5   
ALA CA  HA   sing N N 6   
ALA C   O    doub N N 7   
ALA C   OXT  sing N N 8   
ALA CB  HB1  sing N N 9   
ALA CB  HB2  sing N N 10  
ALA CB  HB3  sing N N 11  
ALA OXT HXT  sing N N 12  
ARG N   CA   sing N N 13  
ARG N   H    sing N N 14  
ARG N   H2   sing N N 15  
ARG CA  C    sing N N 16  
ARG CA  CB   sing N N 17  
ARG CA  HA   sing N N 18  
ARG C   O    doub N N 19  
ARG C   OXT  sing N N 20  
ARG CB  CG   sing N N 21  
ARG CB  HB2  sing N N 22  
ARG CB  HB3  sing N N 23  
ARG CG  CD   sing N N 24  
ARG CG  HG2  sing N N 25  
ARG CG  HG3  sing N N 26  
ARG CD  NE   sing N N 27  
ARG CD  HD2  sing N N 28  
ARG CD  HD3  sing N N 29  
ARG NE  CZ   sing N N 30  
ARG NE  HE   sing N N 31  
ARG CZ  NH1  sing N N 32  
ARG CZ  NH2  doub N N 33  
ARG NH1 HH11 sing N N 34  
ARG NH1 HH12 sing N N 35  
ARG NH2 HH21 sing N N 36  
ARG NH2 HH22 sing N N 37  
ARG OXT HXT  sing N N 38  
ASN N   CA   sing N N 39  
ASN N   H    sing N N 40  
ASN N   H2   sing N N 41  
ASN CA  C    sing N N 42  
ASN CA  CB   sing N N 43  
ASN CA  HA   sing N N 44  
ASN C   O    doub N N 45  
ASN C   OXT  sing N N 46  
ASN CB  CG   sing N N 47  
ASN CB  HB2  sing N N 48  
ASN CB  HB3  sing N N 49  
ASN CG  OD1  doub N N 50  
ASN CG  ND2  sing N N 51  
ASN ND2 HD21 sing N N 52  
ASN ND2 HD22 sing N N 53  
ASN OXT HXT  sing N N 54  
ASP N   CA   sing N N 55  
ASP N   H    sing N N 56  
ASP N   H2   sing N N 57  
ASP CA  C    sing N N 58  
ASP CA  CB   sing N N 59  
ASP CA  HA   sing N N 60  
ASP C   O    doub N N 61  
ASP C   OXT  sing N N 62  
ASP CB  CG   sing N N 63  
ASP CB  HB2  sing N N 64  
ASP CB  HB3  sing N N 65  
ASP CG  OD1  doub N N 66  
ASP CG  OD2  sing N N 67  
ASP OD2 HD2  sing N N 68  
ASP OXT HXT  sing N N 69  
CYS N   CA   sing N N 70  
CYS N   H    sing N N 71  
CYS N   H2   sing N N 72  
CYS CA  C    sing N N 73  
CYS CA  CB   sing N N 74  
CYS CA  HA   sing N N 75  
CYS C   O    doub N N 76  
CYS C   OXT  sing N N 77  
CYS CB  SG   sing N N 78  
CYS CB  HB2  sing N N 79  
CYS CB  HB3  sing N N 80  
CYS SG  HG   sing N N 81  
CYS OXT HXT  sing N N 82  
GLN N   CA   sing N N 83  
GLN N   H    sing N N 84  
GLN N   H2   sing N N 85  
GLN CA  C    sing N N 86  
GLN CA  CB   sing N N 87  
GLN CA  HA   sing N N 88  
GLN C   O    doub N N 89  
GLN C   OXT  sing N N 90  
GLN CB  CG   sing N N 91  
GLN CB  HB2  sing N N 92  
GLN CB  HB3  sing N N 93  
GLN CG  CD   sing N N 94  
GLN CG  HG2  sing N N 95  
GLN CG  HG3  sing N N 96  
GLN CD  OE1  doub N N 97  
GLN CD  NE2  sing N N 98  
GLN NE2 HE21 sing N N 99  
GLN NE2 HE22 sing N N 100 
GLN OXT HXT  sing N N 101 
GLU N   CA   sing N N 102 
GLU N   H    sing N N 103 
GLU N   H2   sing N N 104 
GLU CA  C    sing N N 105 
GLU CA  CB   sing N N 106 
GLU CA  HA   sing N N 107 
GLU C   O    doub N N 108 
GLU C   OXT  sing N N 109 
GLU CB  CG   sing N N 110 
GLU CB  HB2  sing N N 111 
GLU CB  HB3  sing N N 112 
GLU CG  CD   sing N N 113 
GLU CG  HG2  sing N N 114 
GLU CG  HG3  sing N N 115 
GLU CD  OE1  doub N N 116 
GLU CD  OE2  sing N N 117 
GLU OE2 HE2  sing N N 118 
GLU OXT HXT  sing N N 119 
GLY N   CA   sing N N 120 
GLY N   H    sing N N 121 
GLY N   H2   sing N N 122 
GLY CA  C    sing N N 123 
GLY CA  HA2  sing N N 124 
GLY CA  HA3  sing N N 125 
GLY C   O    doub N N 126 
GLY C   OXT  sing N N 127 
GLY OXT HXT  sing N N 128 
HIS N   CA   sing N N 129 
HIS N   H    sing N N 130 
HIS N   H2   sing N N 131 
HIS CA  C    sing N N 132 
HIS CA  CB   sing N N 133 
HIS CA  HA   sing N N 134 
HIS C   O    doub N N 135 
HIS C   OXT  sing N N 136 
HIS CB  CG   sing N N 137 
HIS CB  HB2  sing N N 138 
HIS CB  HB3  sing N N 139 
HIS CG  ND1  sing Y N 140 
HIS CG  CD2  doub Y N 141 
HIS ND1 CE1  doub Y N 142 
HIS ND1 HD1  sing N N 143 
HIS CD2 NE2  sing Y N 144 
HIS CD2 HD2  sing N N 145 
HIS CE1 NE2  sing Y N 146 
HIS CE1 HE1  sing N N 147 
HIS NE2 HE2  sing N N 148 
HIS OXT HXT  sing N N 149 
HOH O   H1   sing N N 150 
HOH O   H2   sing N N 151 
ILE N   CA   sing N N 152 
ILE N   H    sing N N 153 
ILE N   H2   sing N N 154 
ILE CA  C    sing N N 155 
ILE CA  CB   sing N N 156 
ILE CA  HA   sing N N 157 
ILE C   O    doub N N 158 
ILE C   OXT  sing N N 159 
ILE CB  CG1  sing N N 160 
ILE CB  CG2  sing N N 161 
ILE CB  HB   sing N N 162 
ILE CG1 CD1  sing N N 163 
ILE CG1 HG12 sing N N 164 
ILE CG1 HG13 sing N N 165 
ILE CG2 HG21 sing N N 166 
ILE CG2 HG22 sing N N 167 
ILE CG2 HG23 sing N N 168 
ILE CD1 HD11 sing N N 169 
ILE CD1 HD12 sing N N 170 
ILE CD1 HD13 sing N N 171 
ILE OXT HXT  sing N N 172 
LEU N   CA   sing N N 173 
LEU N   H    sing N N 174 
LEU N   H2   sing N N 175 
LEU CA  C    sing N N 176 
LEU CA  CB   sing N N 177 
LEU CA  HA   sing N N 178 
LEU C   O    doub N N 179 
LEU C   OXT  sing N N 180 
LEU CB  CG   sing N N 181 
LEU CB  HB2  sing N N 182 
LEU CB  HB3  sing N N 183 
LEU CG  CD1  sing N N 184 
LEU CG  CD2  sing N N 185 
LEU CG  HG   sing N N 186 
LEU CD1 HD11 sing N N 187 
LEU CD1 HD12 sing N N 188 
LEU CD1 HD13 sing N N 189 
LEU CD2 HD21 sing N N 190 
LEU CD2 HD22 sing N N 191 
LEU CD2 HD23 sing N N 192 
LEU OXT HXT  sing N N 193 
LYS N   CA   sing N N 194 
LYS N   H    sing N N 195 
LYS N   H2   sing N N 196 
LYS CA  C    sing N N 197 
LYS CA  CB   sing N N 198 
LYS CA  HA   sing N N 199 
LYS C   O    doub N N 200 
LYS C   OXT  sing N N 201 
LYS CB  CG   sing N N 202 
LYS CB  HB2  sing N N 203 
LYS CB  HB3  sing N N 204 
LYS CG  CD   sing N N 205 
LYS CG  HG2  sing N N 206 
LYS CG  HG3  sing N N 207 
LYS CD  CE   sing N N 208 
LYS CD  HD2  sing N N 209 
LYS CD  HD3  sing N N 210 
LYS CE  NZ   sing N N 211 
LYS CE  HE2  sing N N 212 
LYS CE  HE3  sing N N 213 
LYS NZ  HZ1  sing N N 214 
LYS NZ  HZ2  sing N N 215 
LYS NZ  HZ3  sing N N 216 
LYS OXT HXT  sing N N 217 
PG4 O1  C1   sing N N 218 
PG4 O1  HO1  sing N N 219 
PG4 C1  C2   sing N N 220 
PG4 C1  H11  sing N N 221 
PG4 C1  H12  sing N N 222 
PG4 C2  O2   sing N N 223 
PG4 C2  H21  sing N N 224 
PG4 C2  H22  sing N N 225 
PG4 O2  C3   sing N N 226 
PG4 C3  C4   sing N N 227 
PG4 C3  H31  sing N N 228 
PG4 C3  H32  sing N N 229 
PG4 C4  O3   sing N N 230 
PG4 C4  H41  sing N N 231 
PG4 C4  H42  sing N N 232 
PG4 O3  C5   sing N N 233 
PG4 C5  C6   sing N N 234 
PG4 C5  H51  sing N N 235 
PG4 C5  H52  sing N N 236 
PG4 C6  O4   sing N N 237 
PG4 C6  H61  sing N N 238 
PG4 C6  H62  sing N N 239 
PG4 O4  C7   sing N N 240 
PG4 C7  C8   sing N N 241 
PG4 C7  H71  sing N N 242 
PG4 C7  H72  sing N N 243 
PG4 C8  O5   sing N N 244 
PG4 C8  H81  sing N N 245 
PG4 C8  H82  sing N N 246 
PG4 O5  HO5  sing N N 247 
PHE N   CA   sing N N 248 
PHE N   H    sing N N 249 
PHE N   H2   sing N N 250 
PHE CA  C    sing N N 251 
PHE CA  CB   sing N N 252 
PHE CA  HA   sing N N 253 
PHE C   O    doub N N 254 
PHE C   OXT  sing N N 255 
PHE CB  CG   sing N N 256 
PHE CB  HB2  sing N N 257 
PHE CB  HB3  sing N N 258 
PHE CG  CD1  doub Y N 259 
PHE CG  CD2  sing Y N 260 
PHE CD1 CE1  sing Y N 261 
PHE CD1 HD1  sing N N 262 
PHE CD2 CE2  doub Y N 263 
PHE CD2 HD2  sing N N 264 
PHE CE1 CZ   doub Y N 265 
PHE CE1 HE1  sing N N 266 
PHE CE2 CZ   sing Y N 267 
PHE CE2 HE2  sing N N 268 
PHE CZ  HZ   sing N N 269 
PHE OXT HXT  sing N N 270 
PRO N   CA   sing N N 271 
PRO N   CD   sing N N 272 
PRO N   H    sing N N 273 
PRO CA  C    sing N N 274 
PRO CA  CB   sing N N 275 
PRO CA  HA   sing N N 276 
PRO C   O    doub N N 277 
PRO C   OXT  sing N N 278 
PRO CB  CG   sing N N 279 
PRO CB  HB2  sing N N 280 
PRO CB  HB3  sing N N 281 
PRO CG  CD   sing N N 282 
PRO CG  HG2  sing N N 283 
PRO CG  HG3  sing N N 284 
PRO CD  HD2  sing N N 285 
PRO CD  HD3  sing N N 286 
PRO OXT HXT  sing N N 287 
SER N   CA   sing N N 288 
SER N   H    sing N N 289 
SER N   H2   sing N N 290 
SER CA  C    sing N N 291 
SER CA  CB   sing N N 292 
SER CA  HA   sing N N 293 
SER C   O    doub N N 294 
SER C   OXT  sing N N 295 
SER CB  OG   sing N N 296 
SER CB  HB2  sing N N 297 
SER CB  HB3  sing N N 298 
SER OG  HG   sing N N 299 
SER OXT HXT  sing N N 300 
THR N   CA   sing N N 301 
THR N   H    sing N N 302 
THR N   H2   sing N N 303 
THR CA  C    sing N N 304 
THR CA  CB   sing N N 305 
THR CA  HA   sing N N 306 
THR C   O    doub N N 307 
THR C   OXT  sing N N 308 
THR CB  OG1  sing N N 309 
THR CB  CG2  sing N N 310 
THR CB  HB   sing N N 311 
THR OG1 HG1  sing N N 312 
THR CG2 HG21 sing N N 313 
THR CG2 HG22 sing N N 314 
THR CG2 HG23 sing N N 315 
THR OXT HXT  sing N N 316 
TYR N   CA   sing N N 317 
TYR N   H    sing N N 318 
TYR N   H2   sing N N 319 
TYR CA  C    sing N N 320 
TYR CA  CB   sing N N 321 
TYR CA  HA   sing N N 322 
TYR C   O    doub N N 323 
TYR C   OXT  sing N N 324 
TYR CB  CG   sing N N 325 
TYR CB  HB2  sing N N 326 
TYR CB  HB3  sing N N 327 
TYR CG  CD1  doub Y N 328 
TYR CG  CD2  sing Y N 329 
TYR CD1 CE1  sing Y N 330 
TYR CD1 HD1  sing N N 331 
TYR CD2 CE2  doub Y N 332 
TYR CD2 HD2  sing N N 333 
TYR CE1 CZ   doub Y N 334 
TYR CE1 HE1  sing N N 335 
TYR CE2 CZ   sing Y N 336 
TYR CE2 HE2  sing N N 337 
TYR CZ  OH   sing N N 338 
TYR OH  HH   sing N N 339 
TYR OXT HXT  sing N N 340 
VAL N   CA   sing N N 341 
VAL N   H    sing N N 342 
VAL N   H2   sing N N 343 
VAL CA  C    sing N N 344 
VAL CA  CB   sing N N 345 
VAL CA  HA   sing N N 346 
VAL C   O    doub N N 347 
VAL C   OXT  sing N N 348 
VAL CB  CG1  sing N N 349 
VAL CB  CG2  sing N N 350 
VAL CB  HB   sing N N 351 
VAL CG1 HG11 sing N N 352 
VAL CG1 HG12 sing N N 353 
VAL CG1 HG13 sing N N 354 
VAL CG2 HG21 sing N N 355 
VAL CG2 HG22 sing N N 356 
VAL CG2 HG23 sing N N 357 
VAL OXT HXT  sing N N 358 
# 
loop_
_pdbx_entity_nonpoly.entity_id 
_pdbx_entity_nonpoly.name 
_pdbx_entity_nonpoly.comp_id 
2 'ZINC ION'             ZN  
3 'CALCIUM ION'          CA  
4 'TETRAETHYLENE GLYCOL' PG4 
5 water                  HOH 
# 
_pdbx_initial_refinement_model.id               1 
_pdbx_initial_refinement_model.entity_id_list   ? 
_pdbx_initial_refinement_model.type             'experimental model' 
_pdbx_initial_refinement_model.source_name      PDB 
_pdbx_initial_refinement_model.accession_code   2DS8 
_pdbx_initial_refinement_model.details          ? 
# 
